data_3T3W
#
_entry.id   3T3W
#
_cell.length_a   124.240
_cell.length_b   124.240
_cell.length_c   212.250
_cell.angle_alpha   90.00
_cell.angle_beta   90.00
_cell.angle_gamma   90.00
#
_symmetry.space_group_name_H-M   'P 43 21 2'
#
loop_
_entity.id
_entity.type
_entity.pdbx_description
1 polymer 'Enoyl-CoA hydratase'
2 non-polymer 'ZINC ION'
3 non-polymer 1,2-ETHANEDIOL
4 non-polymer 2-AMINO-2-HYDROXYMETHYL-PROPANE-1,3-DIOL
5 non-polymer 'IODIDE ION'
6 water water
#
_entity_poly.entity_id   1
_entity_poly.type   'polypeptide(L)'
_entity_poly.pdbx_seq_one_letter_code
;GSMVAPSWRRPSRPEQRTEMYIDYDVSDRIATITLNRPEAANAQNPELLDELDAAWTRAAEDNDVSVIVLRANGKHFSAG
HDLRGGGPVPDKLTLEFIYAHESRRYLEYSLRWRNVPKPSIAAVQGRCISGGLLLCWPCDLIIAAEDALFSDPVVLMDIG
GVEYHGHTWELGPRKAKEILFTGRAMTAEEVAQTGMVNRVVPRDRLDAETRALAGEIAKMPPFALRQAKRAVNQTLDVQG
FYAAIQSVFDIHQTGHGNAMSVSGWPVLVDIEEMKANIK
;
_entity_poly.pdbx_strand_id   A,B,C,D,E,F
#
# COMPACT_ATOMS: atom_id res chain seq x y z
N GLU A 19 -19.37 -35.12 -17.72
CA GLU A 19 -18.14 -34.82 -16.92
C GLU A 19 -17.23 -36.04 -16.97
N MET A 20 -15.93 -35.78 -16.95
CA MET A 20 -14.88 -36.77 -17.17
C MET A 20 -13.89 -36.86 -15.99
N TYR A 21 -13.55 -35.72 -15.41
CA TYR A 21 -12.51 -35.61 -14.40
C TYR A 21 -12.98 -35.11 -13.05
N ILE A 22 -14.11 -34.43 -13.00
CA ILE A 22 -14.57 -33.81 -11.74
C ILE A 22 -15.94 -34.36 -11.38
N ASP A 23 -16.07 -34.82 -10.13
CA ASP A 23 -17.35 -35.22 -9.54
C ASP A 23 -17.90 -34.08 -8.66
N TYR A 24 -19.23 -33.99 -8.61
CA TYR A 24 -19.91 -32.89 -7.93
C TYR A 24 -21.14 -33.44 -7.25
N ASP A 25 -21.27 -33.20 -5.94
CA ASP A 25 -22.38 -33.68 -5.12
C ASP A 25 -22.84 -32.54 -4.23
N VAL A 26 -24.14 -32.31 -4.16
CA VAL A 26 -24.66 -31.39 -3.16
C VAL A 26 -25.58 -32.14 -2.19
N SER A 27 -25.27 -32.08 -0.91
CA SER A 27 -26.15 -32.57 0.14
C SER A 27 -25.92 -31.79 1.42
N ASP A 28 -26.98 -31.60 2.21
CA ASP A 28 -26.86 -30.98 3.54
C ASP A 28 -26.17 -29.58 3.44
N ARG A 29 -26.46 -28.87 2.35
CA ARG A 29 -25.96 -27.52 2.10
C ARG A 29 -24.45 -27.47 1.87
N ILE A 30 -23.87 -28.63 1.53
CA ILE A 30 -22.44 -28.72 1.18
C ILE A 30 -22.31 -29.16 -0.27
N ALA A 31 -21.52 -28.43 -1.05
CA ALA A 31 -21.14 -28.86 -2.38
C ALA A 31 -19.78 -29.49 -2.30
N THR A 32 -19.69 -30.79 -2.59
CA THR A 32 -18.41 -31.48 -2.60
C THR A 32 -17.93 -31.62 -4.04
N ILE A 33 -16.79 -31.01 -4.32
CA ILE A 33 -16.15 -31.07 -5.61
C ILE A 33 -14.97 -32.03 -5.47
N THR A 34 -14.95 -33.10 -6.28
CA THR A 34 -13.92 -34.16 -6.19
C THR A 34 -13.05 -34.22 -7.48
N LEU A 35 -11.75 -34.11 -7.30
CA LEU A 35 -10.78 -34.35 -8.36
C LEU A 35 -10.74 -35.87 -8.58
N ASN A 36 -11.17 -36.31 -9.75
CA ASN A 36 -11.33 -37.72 -10.01
C ASN A 36 -10.50 -38.16 -11.19
N ARG A 37 -9.19 -37.87 -11.13
CA ARG A 37 -8.24 -38.43 -12.08
C ARG A 37 -7.11 -39.12 -11.34
N PRO A 38 -7.47 -40.06 -10.44
CA PRO A 38 -6.47 -40.70 -9.58
C PRO A 38 -5.37 -41.45 -10.34
N GLU A 39 -5.70 -41.97 -11.52
CA GLU A 39 -4.75 -42.74 -12.31
C GLU A 39 -3.58 -41.85 -12.78
N ALA A 40 -3.78 -40.55 -12.77
CA ALA A 40 -2.74 -39.61 -13.12
C ALA A 40 -2.33 -38.73 -11.90
N ALA A 41 -2.65 -39.21 -10.70
CA ALA A 41 -2.42 -38.43 -9.46
C ALA A 41 -3.00 -37.02 -9.55
N ASN A 42 -4.16 -36.90 -10.21
CA ASN A 42 -4.88 -35.66 -10.42
C ASN A 42 -4.04 -34.57 -11.03
N ALA A 43 -3.23 -34.97 -12.02
CA ALA A 43 -2.47 -34.04 -12.82
C ALA A 43 -3.51 -33.26 -13.62
N GLN A 44 -3.25 -31.98 -13.88
CA GLN A 44 -4.30 -31.08 -14.35
C GLN A 44 -4.10 -30.74 -15.81
N ASN A 45 -4.94 -31.27 -16.68
CA ASN A 45 -4.94 -30.80 -18.07
C ASN A 45 -5.99 -29.71 -18.24
N PRO A 46 -6.04 -29.10 -19.42
CA PRO A 46 -7.01 -28.01 -19.58
C PRO A 46 -8.46 -28.44 -19.42
N GLU A 47 -8.81 -29.64 -19.91
CA GLU A 47 -10.17 -30.13 -19.72
C GLU A 47 -10.52 -30.23 -18.23
N LEU A 48 -9.60 -30.79 -17.44
CA LEU A 48 -9.87 -30.96 -16.02
C LEU A 48 -10.10 -29.58 -15.37
N LEU A 49 -9.28 -28.61 -15.73
CA LEU A 49 -9.39 -27.27 -15.15
C LEU A 49 -10.68 -26.54 -15.55
N ASP A 50 -11.12 -26.69 -16.80
CA ASP A 50 -12.40 -26.13 -17.26
C ASP A 50 -13.56 -26.78 -16.49
N GLU A 51 -13.50 -28.10 -16.30
CA GLU A 51 -14.54 -28.78 -15.51
C GLU A 51 -14.53 -28.34 -14.08
N LEU A 52 -13.32 -28.16 -13.52
CA LEU A 52 -13.21 -27.67 -12.14
C LEU A 52 -13.82 -26.29 -11.97
N ASP A 53 -13.50 -25.39 -12.89
CA ASP A 53 -14.03 -24.03 -12.85
C ASP A 53 -15.55 -24.06 -12.94
N ALA A 54 -16.09 -24.94 -13.80
CA ALA A 54 -17.52 -25.05 -13.95
C ALA A 54 -18.18 -25.51 -12.64
N ALA A 55 -17.52 -26.42 -11.94
CA ALA A 55 -17.97 -26.93 -10.65
C ALA A 55 -17.99 -25.84 -9.54
N TRP A 56 -16.96 -25.02 -9.49
CA TRP A 56 -16.92 -23.90 -8.58
C TRP A 56 -18.05 -22.93 -8.87
N THR A 57 -18.26 -22.65 -10.14
CA THR A 57 -19.34 -21.73 -10.55
C THR A 57 -20.72 -22.28 -10.19
N ARG A 58 -20.92 -23.58 -10.42
CA ARG A 58 -22.19 -24.21 -10.08
CA ARG A 58 -22.17 -24.26 -10.08
C ARG A 58 -22.44 -24.09 -8.57
N ALA A 59 -21.42 -24.34 -7.76
CA ALA A 59 -21.58 -24.24 -6.32
C ALA A 59 -21.87 -22.79 -5.87
N ALA A 60 -21.19 -21.86 -6.48
CA ALA A 60 -21.27 -20.44 -6.14
C ALA A 60 -22.68 -19.95 -6.45
N GLU A 61 -23.27 -20.45 -7.54
CA GLU A 61 -24.59 -20.00 -7.99
C GLU A 61 -25.76 -20.71 -7.31
N ASP A 62 -25.51 -21.84 -6.68
CA ASP A 62 -26.58 -22.63 -6.08
C ASP A 62 -26.92 -22.08 -4.68
N ASN A 63 -28.11 -21.50 -4.55
CA ASN A 63 -28.52 -20.89 -3.29
C ASN A 63 -28.73 -21.90 -2.15
N ASP A 64 -28.88 -23.17 -2.46
CA ASP A 64 -28.93 -24.22 -1.45
C ASP A 64 -27.54 -24.77 -1.01
N VAL A 65 -26.46 -24.15 -1.47
CA VAL A 65 -25.08 -24.55 -1.05
C VAL A 65 -24.58 -23.44 -0.15
N SER A 66 -24.18 -23.78 1.08
CA SER A 66 -23.56 -22.83 1.99
C SER A 66 -22.05 -22.93 2.03
N VAL A 67 -21.54 -24.14 1.86
CA VAL A 67 -20.11 -24.41 2.01
C VAL A 67 -19.65 -25.33 0.86
N ILE A 68 -18.44 -25.05 0.37
CA ILE A 68 -17.78 -25.81 -0.69
C ILE A 68 -16.65 -26.63 -0.07
N VAL A 69 -16.61 -27.94 -0.40
CA VAL A 69 -15.51 -28.78 -0.04
C VAL A 69 -14.81 -29.24 -1.33
N LEU A 70 -13.49 -29.06 -1.40
CA LEU A 70 -12.70 -29.55 -2.52
C LEU A 70 -11.87 -30.71 -2.01
N ARG A 71 -12.00 -31.88 -2.64
CA ARG A 71 -11.29 -33.08 -2.22
C ARG A 71 -10.81 -33.81 -3.47
N ALA A 72 -10.10 -34.91 -3.30
CA ALA A 72 -9.47 -35.61 -4.40
C ALA A 72 -9.50 -37.11 -4.11
N ASN A 73 -9.80 -37.90 -5.14
CA ASN A 73 -9.72 -39.34 -5.03
C ASN A 73 -8.27 -39.82 -5.22
N GLY A 74 -8.01 -40.99 -4.69
CA GLY A 74 -6.71 -41.65 -4.86
C GLY A 74 -5.69 -41.22 -3.82
N LYS A 75 -4.42 -41.50 -4.12
CA LYS A 75 -3.36 -41.29 -3.14
C LYS A 75 -2.98 -39.82 -2.94
N HIS A 76 -3.11 -39.02 -3.99
CA HIS A 76 -2.55 -37.68 -4.04
C HIS A 76 -3.58 -36.63 -4.39
N PHE A 77 -3.54 -35.52 -3.68
CA PHE A 77 -4.39 -34.37 -4.00
C PHE A 77 -4.16 -33.87 -5.43
N SER A 78 -2.93 -33.52 -5.77
CA SER A 78 -2.60 -33.19 -7.17
C SER A 78 -1.11 -33.12 -7.38
N ALA A 79 -0.65 -33.86 -8.38
CA ALA A 79 0.76 -33.79 -8.86
C ALA A 79 1.08 -32.53 -9.65
N GLY A 80 0.11 -31.66 -9.87
CA GLY A 80 0.35 -30.41 -10.59
C GLY A 80 -0.16 -30.37 -12.02
N HIS A 81 0.37 -29.44 -12.81
CA HIS A 81 -0.04 -29.29 -14.22
C HIS A 81 0.45 -30.43 -15.07
N ASP A 82 -0.40 -30.90 -15.97
CA ASP A 82 -0.11 -32.06 -16.82
C ASP A 82 0.77 -31.58 -17.98
N LEU A 83 2.04 -31.99 -17.96
CA LEU A 83 3.00 -31.62 -19.01
C LEU A 83 2.56 -32.13 -20.42
N ARG A 84 1.94 -33.32 -20.47
CA ARG A 84 1.45 -33.94 -21.73
C ARG A 84 0.24 -33.23 -22.36
N LEU A 93 5.29 -21.54 -31.42
CA LEU A 93 4.90 -21.31 -30.03
C LEU A 93 5.55 -20.00 -29.57
N THR A 94 4.75 -19.08 -29.04
CA THR A 94 5.29 -17.76 -28.65
C THR A 94 4.99 -17.53 -27.18
N LEU A 95 5.74 -16.62 -26.55
CA LEU A 95 5.43 -16.28 -25.15
C LEU A 95 4.01 -15.70 -25.02
N GLU A 96 3.58 -14.94 -26.00
CA GLU A 96 2.21 -14.42 -26.02
C GLU A 96 1.19 -15.53 -25.81
N PHE A 97 1.38 -16.66 -26.51
CA PHE A 97 0.46 -17.82 -26.42
C PHE A 97 0.45 -18.43 -25.02
N ILE A 98 1.64 -18.65 -24.47
CA ILE A 98 1.79 -19.21 -23.13
C ILE A 98 1.18 -18.24 -22.09
N TYR A 99 1.50 -16.96 -22.24
CA TYR A 99 0.99 -15.95 -21.32
C TYR A 99 -0.56 -15.94 -21.31
N ALA A 100 -1.15 -15.90 -22.50
CA ALA A 100 -2.62 -15.87 -22.66
C ALA A 100 -3.27 -17.09 -21.99
N HIS A 101 -2.74 -18.26 -22.28
CA HIS A 101 -3.31 -19.46 -21.70
C HIS A 101 -3.13 -19.62 -20.21
N GLU A 102 -1.92 -19.35 -19.71
CA GLU A 102 -1.69 -19.40 -18.27
C GLU A 102 -2.44 -18.31 -17.53
N SER A 103 -2.63 -17.13 -18.14
CA SER A 103 -3.38 -16.09 -17.43
C SER A 103 -4.85 -16.49 -17.22
N ARG A 104 -5.38 -17.30 -18.14
CA ARG A 104 -6.77 -17.75 -18.03
C ARG A 104 -6.90 -18.89 -17.02
N ARG A 105 -6.37 -20.06 -17.40
CA ARG A 105 -6.64 -21.30 -16.64
C ARG A 105 -5.92 -21.40 -15.33
N TYR A 106 -4.82 -20.68 -15.17
CA TYR A 106 -4.12 -20.79 -13.96
C TYR A 106 -4.56 -19.57 -13.12
N LEU A 107 -4.16 -18.37 -13.52
CA LEU A 107 -4.34 -17.20 -12.67
C LEU A 107 -5.77 -16.75 -12.51
N GLU A 108 -6.48 -16.50 -13.60
CA GLU A 108 -7.86 -16.00 -13.50
C GLU A 108 -8.78 -16.99 -12.80
N TYR A 109 -8.66 -18.26 -13.16
CA TYR A 109 -9.46 -19.31 -12.50
C TYR A 109 -9.21 -19.29 -10.99
N SER A 110 -7.95 -19.34 -10.57
CA SER A 110 -7.59 -19.46 -9.17
C SER A 110 -8.08 -18.24 -8.35
N LEU A 111 -7.96 -17.05 -8.93
CA LEU A 111 -8.47 -15.86 -8.27
C LEU A 111 -10.01 -15.87 -8.20
N ARG A 112 -10.68 -16.31 -9.24
CA ARG A 112 -12.12 -16.45 -9.23
C ARG A 112 -12.56 -17.36 -8.09
N TRP A 113 -11.87 -18.51 -7.94
CA TRP A 113 -12.25 -19.43 -6.88
C TRP A 113 -12.02 -18.82 -5.52
N ARG A 114 -10.89 -18.14 -5.35
CA ARG A 114 -10.53 -17.45 -4.13
C ARG A 114 -11.64 -16.51 -3.69
N ASN A 115 -12.27 -15.86 -4.66
CA ASN A 115 -13.30 -14.86 -4.39
C ASN A 115 -14.72 -15.34 -4.30
N VAL A 116 -14.98 -16.63 -4.50
CA VAL A 116 -16.39 -17.09 -4.40
C VAL A 116 -16.93 -16.72 -3.03
N PRO A 117 -18.13 -16.11 -2.96
CA PRO A 117 -18.56 -15.51 -1.67
C PRO A 117 -19.18 -16.50 -0.66
N LYS A 118 -18.59 -17.69 -0.56
CA LYS A 118 -19.03 -18.71 0.37
C LYS A 118 -17.80 -19.37 0.91
N PRO A 119 -17.89 -19.93 2.12
CA PRO A 119 -16.68 -20.62 2.63
C PRO A 119 -16.29 -21.83 1.84
N SER A 120 -14.99 -22.02 1.66
CA SER A 120 -14.50 -23.20 0.98
C SER A 120 -13.41 -23.86 1.80
N ILE A 121 -13.34 -25.18 1.69
CA ILE A 121 -12.37 -26.00 2.44
C ILE A 121 -11.72 -27.01 1.51
N ALA A 122 -10.37 -27.04 1.47
CA ALA A 122 -9.65 -28.07 0.78
C ALA A 122 -9.26 -29.19 1.70
N ALA A 123 -9.44 -30.41 1.23
CA ALA A 123 -9.01 -31.62 1.96
C ALA A 123 -7.86 -32.17 1.17
N VAL A 124 -6.66 -32.08 1.71
CA VAL A 124 -5.43 -32.41 0.98
C VAL A 124 -4.77 -33.66 1.58
N GLN A 125 -4.76 -34.73 0.79
CA GLN A 125 -4.02 -35.95 1.13
C GLN A 125 -2.80 -36.07 0.25
N GLY A 126 -1.81 -36.81 0.73
CA GLY A 126 -0.68 -37.13 -0.10
C GLY A 126 0.05 -35.96 -0.71
N ARG A 127 0.53 -36.14 -1.93
CA ARG A 127 1.32 -35.09 -2.56
C ARG A 127 0.51 -33.98 -3.26
N CYS A 128 0.88 -32.76 -2.93
CA CYS A 128 0.38 -31.55 -3.55
C CYS A 128 1.61 -30.76 -4.06
N ILE A 129 1.82 -30.82 -5.37
CA ILE A 129 3.06 -30.40 -6.01
C ILE A 129 2.74 -29.29 -7.01
N SER A 130 3.46 -28.18 -6.89
CA SER A 130 3.45 -27.11 -7.90
C SER A 130 2.04 -26.62 -8.25
N GLY A 131 1.53 -26.91 -9.45
CA GLY A 131 0.14 -26.57 -9.76
C GLY A 131 -0.93 -27.05 -8.82
N GLY A 132 -0.68 -28.11 -8.05
CA GLY A 132 -1.62 -28.52 -7.01
C GLY A 132 -1.95 -27.37 -6.01
N LEU A 133 -0.98 -26.51 -5.74
CA LEU A 133 -1.13 -25.37 -4.85
C LEU A 133 -2.13 -24.37 -5.39
N LEU A 134 -2.30 -24.34 -6.71
CA LEU A 134 -3.25 -23.43 -7.31
C LEU A 134 -4.68 -23.90 -7.06
N LEU A 135 -4.84 -25.17 -6.70
CA LEU A 135 -6.16 -25.70 -6.39
C LEU A 135 -6.54 -25.48 -4.93
N CYS A 136 -5.58 -25.68 -4.00
CA CYS A 136 -5.92 -25.57 -2.56
C CYS A 136 -5.72 -24.18 -1.96
N TRP A 137 -4.72 -23.43 -2.40
CA TRP A 137 -4.56 -22.08 -1.85
C TRP A 137 -5.77 -21.15 -2.00
N PRO A 138 -6.50 -21.22 -3.13
CA PRO A 138 -7.72 -20.41 -3.22
C PRO A 138 -8.84 -20.76 -2.25
N CYS A 139 -8.80 -21.96 -1.64
CA CYS A 139 -9.77 -22.32 -0.62
C CYS A 139 -9.51 -21.52 0.65
N ASP A 140 -10.56 -21.24 1.39
CA ASP A 140 -10.42 -20.51 2.65
C ASP A 140 -9.62 -21.24 3.71
N LEU A 141 -9.96 -22.53 3.88
CA LEU A 141 -9.42 -23.36 4.91
C LEU A 141 -8.80 -24.59 4.24
N ILE A 142 -7.68 -25.08 4.78
CA ILE A 142 -7.05 -26.34 4.30
C ILE A 142 -6.95 -27.29 5.48
N ILE A 143 -7.50 -28.47 5.28
CA ILE A 143 -7.31 -29.60 6.21
C ILE A 143 -6.41 -30.60 5.52
N ALA A 144 -5.34 -31.03 6.19
CA ALA A 144 -4.36 -31.93 5.57
C ALA A 144 -4.32 -33.25 6.30
N ALA A 145 -4.15 -34.32 5.54
CA ALA A 145 -3.81 -35.62 6.09
C ALA A 145 -2.38 -35.53 6.67
N GLU A 146 -2.08 -36.37 7.66
CA GLU A 146 -0.78 -36.42 8.30
C GLU A 146 0.31 -36.72 7.31
N ASP A 147 -0.06 -37.44 6.24
CA ASP A 147 0.83 -37.87 5.18
C ASP A 147 1.06 -36.84 4.09
N ALA A 148 0.40 -35.69 4.16
CA ALA A 148 0.48 -34.76 3.03
C ALA A 148 1.89 -34.15 2.89
N LEU A 149 2.29 -33.94 1.66
CA LEU A 149 3.58 -33.36 1.30
C LEU A 149 3.38 -32.26 0.28
N PHE A 150 3.83 -31.06 0.62
CA PHE A 150 3.66 -29.89 -0.23
C PHE A 150 5.01 -29.42 -0.75
N SER A 151 5.09 -29.15 -2.06
CA SER A 151 6.34 -28.67 -2.67
C SER A 151 6.05 -27.84 -3.90
N ASP A 152 7.06 -27.07 -4.32
CA ASP A 152 7.06 -26.38 -5.62
C ASP A 152 8.43 -26.43 -6.20
N PRO A 153 8.76 -27.51 -6.92
CA PRO A 153 10.12 -27.68 -7.48
C PRO A 153 10.34 -27.12 -8.89
N VAL A 154 9.60 -26.10 -9.28
CA VAL A 154 9.71 -25.61 -10.65
C VAL A 154 10.99 -24.86 -10.97
N VAL A 155 11.79 -24.54 -9.94
CA VAL A 155 13.07 -23.90 -10.19
C VAL A 155 13.93 -24.79 -11.12
N LEU A 156 13.87 -26.10 -10.89
CA LEU A 156 14.50 -27.10 -11.79
C LEU A 156 14.15 -26.96 -13.30
N MET A 157 12.95 -26.49 -13.59
CA MET A 157 12.46 -26.24 -14.95
C MET A 157 12.66 -24.78 -15.43
N ASP A 158 13.43 -24.02 -14.66
CA ASP A 158 13.85 -22.64 -14.99
CA ASP A 158 13.83 -22.65 -14.97
C ASP A 158 12.80 -21.57 -14.72
N ILE A 159 11.88 -21.84 -13.77
CA ILE A 159 10.76 -20.94 -13.48
C ILE A 159 10.77 -20.57 -12.00
N GLY A 160 10.53 -19.29 -11.68
CA GLY A 160 10.57 -18.78 -10.29
C GLY A 160 9.36 -19.03 -9.43
N GLY A 161 8.98 -20.29 -9.31
CA GLY A 161 7.76 -20.70 -8.60
C GLY A 161 6.57 -20.66 -9.51
N VAL A 162 5.46 -21.28 -9.06
CA VAL A 162 4.22 -21.37 -9.90
C VAL A 162 3.52 -19.99 -10.14
N GLU A 163 2.48 -20.01 -10.97
CA GLU A 163 1.85 -18.79 -11.55
C GLU A 163 1.15 -17.88 -10.55
N TYR A 164 0.68 -18.46 -9.45
CA TYR A 164 -0.10 -17.85 -8.40
C TYR A 164 0.77 -17.93 -7.16
N HIS A 165 1.41 -16.81 -6.84
CA HIS A 165 2.42 -16.78 -5.82
C HIS A 165 1.84 -16.60 -4.46
N GLY A 166 1.26 -17.67 -3.94
CA GLY A 166 0.85 -17.69 -2.54
C GLY A 166 2.00 -17.92 -1.56
N HIS A 167 3.15 -18.32 -2.06
CA HIS A 167 4.22 -18.88 -1.21
C HIS A 167 4.60 -17.94 -0.08
N THR A 168 4.86 -16.70 -0.42
CA THR A 168 5.35 -15.73 0.58
C THR A 168 4.27 -15.47 1.67
N TRP A 169 3.03 -15.43 1.25
CA TRP A 169 1.89 -15.16 2.10
C TRP A 169 1.58 -16.33 3.00
N GLU A 170 1.72 -17.52 2.47
CA GLU A 170 1.34 -18.77 3.18
C GLU A 170 2.46 -19.33 4.07
N LEU A 171 3.70 -19.12 3.66
CA LEU A 171 4.87 -19.72 4.30
C LEU A 171 5.79 -18.73 4.99
N GLY A 172 5.66 -17.44 4.68
CA GLY A 172 6.66 -16.45 5.02
C GLY A 172 7.79 -16.46 3.98
N PRO A 173 8.50 -15.34 3.89
CA PRO A 173 9.49 -15.23 2.81
C PRO A 173 10.66 -16.14 2.94
N ARG A 174 11.19 -16.33 4.16
CA ARG A 174 12.38 -17.21 4.23
C ARG A 174 12.10 -18.66 3.90
N LYS A 175 10.96 -19.16 4.36
CA LYS A 175 10.58 -20.55 4.04
C LYS A 175 10.23 -20.65 2.54
N ALA A 176 9.56 -19.64 2.02
CA ALA A 176 9.25 -19.63 0.58
C ALA A 176 10.54 -19.71 -0.26
N LYS A 177 11.52 -18.87 0.04
CA LYS A 177 12.78 -18.93 -0.64
C LYS A 177 13.48 -20.28 -0.48
N GLU A 178 13.48 -20.83 0.72
CA GLU A 178 14.17 -22.09 0.96
C GLU A 178 13.58 -23.20 0.09
N ILE A 179 12.27 -23.29 0.05
CA ILE A 179 11.61 -24.41 -0.66
C ILE A 179 11.66 -24.17 -2.17
N LEU A 180 11.64 -22.91 -2.61
CA LEU A 180 11.81 -22.66 -4.05
C LEU A 180 13.25 -22.92 -4.50
N PHE A 181 14.23 -22.48 -3.71
CA PHE A 181 15.65 -22.62 -4.09
C PHE A 181 16.09 -24.09 -4.07
N THR A 182 15.48 -24.89 -3.19
CA THR A 182 15.87 -26.31 -3.04
C THR A 182 14.93 -27.29 -3.75
N GLY A 183 13.67 -26.91 -3.94
CA GLY A 183 12.67 -27.83 -4.43
C GLY A 183 12.23 -28.88 -3.40
N ARG A 184 12.56 -28.69 -2.12
CA ARG A 184 12.19 -29.69 -1.12
C ARG A 184 10.74 -29.70 -0.74
N ALA A 185 10.31 -30.83 -0.21
CA ALA A 185 8.95 -30.94 0.26
C ALA A 185 8.85 -30.51 1.73
N MET A 186 7.65 -30.10 2.09
CA MET A 186 7.26 -29.76 3.44
C MET A 186 6.18 -30.73 3.92
N THR A 187 6.33 -31.25 5.13
CA THR A 187 5.29 -32.09 5.76
C THR A 187 4.08 -31.26 6.18
N ALA A 188 2.97 -31.96 6.41
CA ALA A 188 1.74 -31.32 6.91
C ALA A 188 2.02 -30.52 8.18
N GLU A 189 2.82 -31.09 9.10
CA GLU A 189 3.14 -30.39 10.37
C GLU A 189 3.91 -29.08 10.11
N GLU A 190 4.85 -29.11 9.18
CA GLU A 190 5.60 -27.90 8.85
C GLU A 190 4.72 -26.80 8.30
N VAL A 191 3.80 -27.12 7.39
CA VAL A 191 2.96 -26.05 6.82
C VAL A 191 1.87 -25.68 7.83
N ALA A 192 1.52 -26.56 8.77
CA ALA A 192 0.58 -26.18 9.83
C ALA A 192 1.23 -25.08 10.73
N GLN A 193 2.53 -25.20 10.98
CA GLN A 193 3.26 -24.22 11.80
CA GLN A 193 3.27 -24.22 11.80
C GLN A 193 3.27 -22.82 11.17
N THR A 194 3.26 -22.75 9.82
CA THR A 194 3.21 -21.44 9.17
C THR A 194 1.81 -20.83 9.04
N GLY A 195 0.80 -21.63 9.34
CA GLY A 195 -0.58 -21.18 9.19
C GLY A 195 -1.20 -21.59 7.86
N MET A 196 -0.42 -22.16 6.92
CA MET A 196 -0.97 -22.54 5.62
C MET A 196 -2.01 -23.67 5.73
N VAL A 197 -1.83 -24.58 6.67
CA VAL A 197 -2.81 -25.66 6.95
C VAL A 197 -3.46 -25.35 8.29
N ASN A 198 -4.78 -25.41 8.31
CA ASN A 198 -5.57 -25.16 9.50
C ASN A 198 -5.51 -26.30 10.52
N ARG A 199 -5.58 -27.53 10.01
CA ARG A 199 -5.60 -28.68 10.88
C ARG A 199 -5.00 -29.86 10.15
N VAL A 200 -4.33 -30.73 10.91
CA VAL A 200 -3.75 -31.95 10.39
C VAL A 200 -4.44 -33.11 11.08
N VAL A 201 -4.91 -34.08 10.30
CA VAL A 201 -5.64 -35.22 10.85
C VAL A 201 -5.13 -36.51 10.21
N PRO A 202 -5.40 -37.66 10.84
CA PRO A 202 -5.06 -38.90 10.12
C PRO A 202 -5.73 -39.03 8.75
N ARG A 203 -5.05 -39.70 7.83
CA ARG A 203 -5.56 -39.86 6.48
C ARG A 203 -6.96 -40.49 6.47
N ASP A 204 -7.20 -41.46 7.35
CA ASP A 204 -8.48 -42.14 7.34
C ASP A 204 -9.62 -41.34 7.97
N ARG A 205 -9.31 -40.20 8.57
CA ARG A 205 -10.30 -39.27 9.11
C ARG A 205 -10.43 -37.99 8.30
N LEU A 206 -9.66 -37.84 7.23
CA LEU A 206 -9.68 -36.58 6.48
C LEU A 206 -11.06 -36.23 5.93
N ASP A 207 -11.73 -37.18 5.30
CA ASP A 207 -13.03 -36.85 4.73
C ASP A 207 -14.06 -36.56 5.81
N ALA A 208 -14.02 -37.32 6.89
CA ALA A 208 -14.99 -37.16 7.98
C ALA A 208 -14.79 -35.84 8.71
N GLU A 209 -13.53 -35.51 8.99
CA GLU A 209 -13.23 -34.27 9.69
CA GLU A 209 -13.18 -34.25 9.68
C GLU A 209 -13.60 -33.05 8.83
N THR A 210 -13.31 -33.13 7.53
CA THR A 210 -13.64 -32.03 6.62
C THR A 210 -15.16 -31.85 6.54
N ARG A 211 -15.88 -32.94 6.39
CA ARG A 211 -17.33 -32.83 6.27
C ARG A 211 -17.96 -32.34 7.56
N ALA A 212 -17.40 -32.74 8.70
CA ALA A 212 -17.96 -32.27 9.98
C ALA A 212 -17.74 -30.75 10.16
N LEU A 213 -16.58 -30.29 9.76
CA LEU A 213 -16.25 -28.85 9.79
C LEU A 213 -17.16 -28.08 8.86
N ALA A 214 -17.33 -28.58 7.63
CA ALA A 214 -18.27 -27.95 6.69
C ALA A 214 -19.69 -27.85 7.24
N GLY A 215 -20.11 -28.91 7.91
CA GLY A 215 -21.43 -28.98 8.50
C GLY A 215 -21.63 -27.97 9.60
N GLU A 216 -20.64 -27.77 10.44
CA GLU A 216 -20.67 -26.74 11.48
C GLU A 216 -20.83 -25.38 10.83
N ILE A 217 -20.02 -25.12 9.81
CA ILE A 217 -20.01 -23.79 9.18
C ILE A 217 -21.34 -23.52 8.45
N ALA A 218 -21.90 -24.59 7.88
CA ALA A 218 -23.14 -24.49 7.12
C ALA A 218 -24.32 -24.14 8.00
N LYS A 219 -24.18 -24.25 9.32
CA LYS A 219 -25.23 -23.74 10.23
C LYS A 219 -25.33 -22.22 10.33
N MET A 220 -24.28 -21.51 9.88
CA MET A 220 -24.18 -20.08 10.08
C MET A 220 -24.93 -19.27 9.03
N PRO A 221 -25.27 -18.04 9.35
CA PRO A 221 -25.97 -17.18 8.35
C PRO A 221 -25.11 -16.90 7.11
N PRO A 222 -25.63 -17.11 5.90
CA PRO A 222 -24.79 -17.02 4.74
C PRO A 222 -24.19 -15.63 4.50
N PHE A 223 -24.92 -14.56 4.82
CA PHE A 223 -24.33 -13.23 4.59
C PHE A 223 -23.22 -12.92 5.59
N ALA A 224 -23.36 -13.39 6.82
CA ALA A 224 -22.26 -13.26 7.77
C ALA A 224 -21.02 -14.09 7.40
N LEU A 225 -21.21 -15.31 6.89
CA LEU A 225 -20.09 -16.06 6.33
C LEU A 225 -19.43 -15.30 5.17
N ARG A 226 -20.25 -14.77 4.27
CA ARG A 226 -19.73 -14.02 3.14
C ARG A 226 -18.86 -12.85 3.62
N GLN A 227 -19.36 -12.09 4.59
CA GLN A 227 -18.68 -10.89 5.01
C GLN A 227 -17.49 -11.16 5.93
N ALA A 228 -17.55 -12.25 6.69
CA ALA A 228 -16.36 -12.74 7.40
C ALA A 228 -15.22 -13.07 6.45
N LYS A 229 -15.53 -13.79 5.38
CA LYS A 229 -14.60 -14.06 4.34
C LYS A 229 -14.07 -12.79 3.70
N ARG A 230 -14.96 -11.86 3.41
CA ARG A 230 -14.59 -10.56 2.84
C ARG A 230 -13.67 -9.75 3.77
N ALA A 231 -13.95 -9.77 5.07
CA ALA A 231 -13.13 -9.04 6.07
C ALA A 231 -11.67 -9.48 5.98
N VAL A 232 -11.45 -10.79 5.89
CA VAL A 232 -10.09 -11.31 5.79
C VAL A 232 -9.50 -11.12 4.40
N ASN A 233 -10.22 -11.45 3.35
CA ASN A 233 -9.69 -11.30 2.01
C ASN A 233 -9.44 -9.85 1.60
N GLN A 234 -10.26 -8.91 2.05
CA GLN A 234 -10.04 -7.50 1.78
C GLN A 234 -8.84 -6.98 2.60
N THR A 235 -8.69 -7.45 3.83
CA THR A 235 -7.46 -7.12 4.55
C THR A 235 -6.21 -7.54 3.75
N LEU A 236 -6.24 -8.76 3.22
CA LEU A 236 -5.14 -9.28 2.38
C LEU A 236 -4.94 -8.39 1.14
N ASP A 237 -6.02 -7.98 0.49
CA ASP A 237 -5.88 -7.15 -0.71
C ASP A 237 -5.35 -5.72 -0.37
N VAL A 238 -5.76 -5.18 0.77
CA VAL A 238 -5.19 -3.89 1.25
C VAL A 238 -3.69 -4.04 1.55
N GLN A 239 -3.32 -5.19 2.07
CA GLN A 239 -1.91 -5.54 2.34
C GLN A 239 -1.10 -5.68 1.05
N GLY A 240 -1.78 -5.85 -0.06
CA GLY A 240 -1.13 -6.00 -1.37
C GLY A 240 -1.34 -7.30 -2.10
N PHE A 241 -2.22 -8.18 -1.61
CA PHE A 241 -2.32 -9.54 -2.17
C PHE A 241 -2.64 -9.55 -3.67
N TYR A 242 -3.74 -8.91 -4.08
CA TYR A 242 -4.03 -8.82 -5.51
C TYR A 242 -2.87 -8.27 -6.33
N ALA A 243 -2.35 -7.14 -5.92
CA ALA A 243 -1.24 -6.56 -6.69
C ALA A 243 -0.01 -7.43 -6.76
N ALA A 244 0.34 -8.10 -5.64
CA ALA A 244 1.53 -8.94 -5.59
C ALA A 244 1.36 -10.16 -6.50
N ILE A 245 0.18 -10.76 -6.46
CA ILE A 245 -0.13 -11.95 -7.31
C ILE A 245 0.05 -11.56 -8.79
N GLN A 246 -0.48 -10.39 -9.18
CA GLN A 246 -0.29 -9.92 -10.52
C GLN A 246 1.20 -9.68 -10.86
N SER A 247 1.93 -9.06 -9.93
CA SER A 247 3.34 -8.78 -10.13
CA SER A 247 3.37 -8.79 -10.09
C SER A 247 4.13 -10.05 -10.38
N VAL A 248 3.91 -11.06 -9.54
CA VAL A 248 4.68 -12.30 -9.66
C VAL A 248 4.30 -13.09 -10.90
N PHE A 249 3.05 -12.96 -11.35
CA PHE A 249 2.66 -13.61 -12.62
C PHE A 249 3.64 -13.20 -13.74
N ASP A 250 3.94 -11.91 -13.84
CA ASP A 250 4.91 -11.42 -14.81
C ASP A 250 6.32 -11.92 -14.62
N ILE A 251 6.76 -12.04 -13.37
CA ILE A 251 8.05 -12.65 -13.06
C ILE A 251 8.08 -14.11 -13.56
N HIS A 252 7.01 -14.84 -13.29
CA HIS A 252 6.87 -16.23 -13.74
C HIS A 252 7.01 -16.31 -15.26
N GLN A 253 6.35 -15.39 -15.96
CA GLN A 253 6.42 -15.38 -17.40
C GLN A 253 7.79 -15.05 -17.97
N THR A 254 8.58 -14.26 -17.26
CA THR A 254 9.98 -14.07 -17.68
C THR A 254 10.76 -15.42 -17.63
N GLY A 255 10.34 -16.36 -16.79
CA GLY A 255 10.95 -17.69 -16.79
C GLY A 255 10.64 -18.48 -18.05
N HIS A 256 9.36 -18.45 -18.45
CA HIS A 256 8.98 -19.03 -19.73
C HIS A 256 9.71 -18.33 -20.86
N GLY A 257 9.81 -17.00 -20.77
CA GLY A 257 10.54 -16.21 -21.79
C GLY A 257 11.99 -16.67 -21.94
N ASN A 258 12.64 -16.90 -20.80
CA ASN A 258 14.05 -17.28 -20.87
C ASN A 258 14.23 -18.74 -21.36
N ALA A 259 13.39 -19.62 -20.88
CA ALA A 259 13.44 -21.05 -21.28
C ALA A 259 13.30 -21.18 -22.80
N MET A 260 12.39 -20.39 -23.37
CA MET A 260 12.17 -20.41 -24.84
C MET A 260 13.37 -19.85 -25.60
N SER A 261 14.00 -18.82 -25.04
CA SER A 261 15.17 -18.22 -25.65
C SER A 261 16.38 -19.16 -25.63
N VAL A 262 16.41 -20.10 -24.69
CA VAL A 262 17.52 -21.08 -24.61
C VAL A 262 17.25 -22.24 -25.58
N SER A 263 16.08 -22.86 -25.45
CA SER A 263 15.77 -24.12 -26.17
C SER A 263 14.67 -24.02 -27.23
N GLY A 264 13.64 -23.21 -26.96
CA GLY A 264 12.47 -23.08 -27.84
C GLY A 264 11.19 -23.58 -27.18
N TRP A 265 11.33 -24.20 -26.00
CA TRP A 265 10.21 -24.69 -25.20
C TRP A 265 10.07 -23.83 -23.96
N PRO A 266 8.90 -23.87 -23.30
CA PRO A 266 8.63 -22.96 -22.16
C PRO A 266 9.28 -23.31 -20.81
N VAL A 267 9.93 -24.47 -20.71
CA VAL A 267 10.51 -24.94 -19.42
C VAL A 267 11.91 -25.60 -19.56
N GLU B 19 36.08 11.35 -21.13
CA GLU B 19 34.90 12.26 -21.09
C GLU B 19 34.40 12.58 -22.49
N MET B 20 34.22 11.56 -23.31
CA MET B 20 33.75 11.75 -24.68
C MET B 20 32.34 12.33 -24.66
N TYR B 21 31.43 11.57 -24.10
CA TYR B 21 30.02 11.78 -24.35
C TYR B 21 29.34 12.76 -23.37
N ILE B 22 29.97 12.97 -22.21
CA ILE B 22 29.33 13.73 -21.11
C ILE B 22 30.27 14.83 -20.64
N ASP B 23 29.81 16.09 -20.66
CA ASP B 23 30.60 17.18 -20.09
CA ASP B 23 30.59 17.22 -20.09
C ASP B 23 30.10 17.47 -18.66
N TYR B 24 31.02 17.92 -17.81
CA TYR B 24 30.76 18.15 -16.40
C TYR B 24 31.42 19.46 -15.98
N ASP B 25 30.64 20.37 -15.41
CA ASP B 25 31.14 21.69 -14.96
C ASP B 25 30.55 21.96 -13.59
N VAL B 26 31.35 22.43 -12.65
CA VAL B 26 30.84 22.92 -11.38
C VAL B 26 31.16 24.41 -11.23
N SER B 27 30.15 25.22 -10.97
CA SER B 27 30.33 26.63 -10.57
C SER B 27 29.12 27.14 -9.82
N ASP B 28 29.37 28.05 -8.86
CA ASP B 28 28.32 28.62 -8.04
C ASP B 28 27.40 27.55 -7.38
N ARG B 29 28.00 26.43 -6.98
CA ARG B 29 27.31 25.34 -6.27
C ARG B 29 26.35 24.55 -7.16
N ILE B 30 26.45 24.75 -8.47
CA ILE B 30 25.66 23.97 -9.42
C ILE B 30 26.58 23.06 -10.22
N ALA B 31 26.26 21.76 -10.26
CA ALA B 31 26.92 20.83 -11.16
C ALA B 31 26.07 20.69 -12.41
N THR B 32 26.63 21.03 -13.57
CA THR B 32 25.93 20.92 -14.84
C THR B 32 26.49 19.76 -15.62
N ILE B 33 25.64 18.78 -15.87
CA ILE B 33 25.95 17.57 -16.62
C ILE B 33 25.34 17.69 -18.01
N THR B 34 26.17 17.64 -19.03
CA THR B 34 25.70 17.87 -20.39
C THR B 34 25.86 16.60 -21.25
N LEU B 35 24.75 16.17 -21.85
CA LEU B 35 24.80 15.16 -22.88
C LEU B 35 25.43 15.77 -24.12
N ASN B 36 26.57 15.22 -24.52
CA ASN B 36 27.32 15.81 -25.63
C ASN B 36 27.55 14.82 -26.77
N ARG B 37 26.47 14.23 -27.28
CA ARG B 37 26.54 13.35 -28.46
C ARG B 37 25.54 13.84 -29.50
N PRO B 38 25.58 15.16 -29.82
CA PRO B 38 24.57 15.72 -30.71
C PRO B 38 24.58 15.10 -32.11
N GLU B 39 25.74 14.63 -32.57
CA GLU B 39 25.83 13.95 -33.87
C GLU B 39 24.92 12.70 -34.01
N ALA B 40 24.54 12.10 -32.87
CA ALA B 40 23.61 10.98 -32.82
C ALA B 40 22.31 11.38 -32.04
N ALA B 41 22.04 12.67 -31.91
CA ALA B 41 20.83 13.17 -31.21
C ALA B 41 20.78 12.62 -29.79
N ASN B 42 21.98 12.52 -29.21
CA ASN B 42 22.16 12.01 -27.85
C ASN B 42 21.53 10.65 -27.61
N ALA B 43 21.60 9.80 -28.63
CA ALA B 43 21.28 8.40 -28.47
C ALA B 43 22.24 7.82 -27.45
N GLN B 44 21.72 6.93 -26.61
CA GLN B 44 22.47 6.40 -25.49
C GLN B 44 23.06 5.03 -25.70
N ASN B 45 24.37 4.94 -25.77
CA ASN B 45 25.04 3.63 -25.74
C ASN B 45 25.52 3.30 -24.31
N PRO B 46 26.01 2.08 -24.08
CA PRO B 46 26.44 1.76 -22.73
C PRO B 46 27.53 2.67 -22.19
N GLU B 47 28.46 3.10 -23.05
CA GLU B 47 29.52 3.97 -22.64
C GLU B 47 28.97 5.33 -22.19
N LEU B 48 28.03 5.89 -22.95
CA LEU B 48 27.44 7.17 -22.56
C LEU B 48 26.76 7.05 -21.19
N LEU B 49 26.00 5.98 -21.02
CA LEU B 49 25.30 5.74 -19.75
C LEU B 49 26.25 5.56 -18.55
N ASP B 50 27.37 4.88 -18.76
CA ASP B 50 28.36 4.72 -17.71
C ASP B 50 28.99 6.06 -17.38
N GLU B 51 29.31 6.88 -18.39
CA GLU B 51 29.84 8.24 -18.13
C GLU B 51 28.84 9.09 -17.37
N LEU B 52 27.58 8.95 -17.74
CA LEU B 52 26.52 9.76 -17.13
C LEU B 52 26.33 9.35 -15.69
N ASP B 53 26.33 8.04 -15.43
CA ASP B 53 26.23 7.60 -14.05
C ASP B 53 27.41 8.06 -13.18
N ALA B 54 28.62 8.06 -13.75
CA ALA B 54 29.76 8.60 -13.04
C ALA B 54 29.60 10.09 -12.74
N ALA B 55 29.03 10.86 -13.66
CA ALA B 55 28.84 12.30 -13.44
C ALA B 55 27.84 12.55 -12.34
N TRP B 56 26.75 11.79 -12.31
CA TRP B 56 25.80 11.91 -11.20
C TRP B 56 26.45 11.61 -9.88
N THR B 57 27.25 10.55 -9.84
CA THR B 57 27.96 10.21 -8.60
C THR B 57 28.92 11.30 -8.17
N ARG B 58 29.69 11.82 -9.11
CA ARG B 58 30.63 12.90 -8.80
CA ARG B 58 30.64 12.91 -8.85
C ARG B 58 29.90 14.09 -8.18
N ALA B 59 28.77 14.50 -8.78
CA ALA B 59 27.96 15.60 -8.26
C ALA B 59 27.40 15.30 -6.86
N ALA B 60 26.89 14.08 -6.67
CA ALA B 60 26.34 13.63 -5.39
C ALA B 60 27.39 13.71 -4.29
N GLU B 61 28.63 13.35 -4.62
CA GLU B 61 29.70 13.25 -3.64
C GLU B 61 30.43 14.57 -3.36
N ASP B 62 30.21 15.58 -4.19
CA ASP B 62 30.91 16.84 -4.01
C ASP B 62 30.14 17.76 -3.04
N ASN B 63 30.72 18.00 -1.85
CA ASN B 63 30.09 18.90 -0.86
C ASN B 63 29.95 20.35 -1.32
N ASP B 64 30.72 20.75 -2.32
CA ASP B 64 30.59 22.06 -2.95
C ASP B 64 29.45 22.16 -4.00
N VAL B 65 28.74 21.06 -4.24
CA VAL B 65 27.57 21.06 -5.16
C VAL B 65 26.28 21.00 -4.33
N SER B 66 25.40 21.97 -4.55
CA SER B 66 24.06 21.96 -3.95
C SER B 66 22.97 21.47 -4.91
N VAL B 67 23.11 21.76 -6.21
CA VAL B 67 22.04 21.49 -7.20
C VAL B 67 22.67 20.88 -8.45
N ILE B 68 21.97 19.94 -9.05
CA ILE B 68 22.42 19.28 -10.28
C ILE B 68 21.53 19.75 -11.43
N VAL B 69 22.14 20.14 -12.56
CA VAL B 69 21.43 20.47 -13.78
C VAL B 69 21.84 19.43 -14.84
N LEU B 70 20.85 18.79 -15.46
CA LEU B 70 21.07 17.86 -16.56
C LEU B 70 20.55 18.53 -17.85
N ARG B 71 21.42 18.70 -18.83
CA ARG B 71 21.05 19.38 -20.09
C ARG B 71 21.69 18.62 -21.26
N ALA B 72 21.40 19.09 -22.48
CA ALA B 72 21.88 18.39 -23.67
C ALA B 72 22.27 19.39 -24.72
N ASN B 73 23.34 19.08 -25.45
CA ASN B 73 23.74 19.90 -26.58
C ASN B 73 23.01 19.49 -27.84
N GLY B 74 22.68 20.47 -28.67
CA GLY B 74 22.13 20.22 -30.00
C GLY B 74 20.64 20.46 -30.08
N LYS B 75 20.04 19.93 -31.14
CA LYS B 75 18.61 20.13 -31.41
C LYS B 75 17.71 19.32 -30.49
N HIS B 76 18.19 18.18 -29.98
CA HIS B 76 17.34 17.19 -29.32
C HIS B 76 17.94 16.71 -28.04
N PHE B 77 17.12 16.64 -27.00
CA PHE B 77 17.53 16.14 -25.69
C PHE B 77 18.05 14.71 -25.78
N SER B 78 17.21 13.79 -26.26
CA SER B 78 17.71 12.43 -26.52
C SER B 78 16.77 11.62 -27.38
N ALA B 79 17.29 11.02 -28.46
CA ALA B 79 16.52 10.08 -29.33
C ALA B 79 16.29 8.70 -28.66
N GLY B 80 16.88 8.49 -27.48
CA GLY B 80 16.66 7.24 -26.74
C GLY B 80 17.84 6.29 -26.76
N HIS B 81 17.58 5.02 -26.53
CA HIS B 81 18.67 4.03 -26.49
C HIS B 81 19.23 3.71 -27.86
N ASP B 82 20.55 3.53 -27.92
CA ASP B 82 21.21 3.37 -29.19
C ASP B 82 21.15 1.86 -29.47
N LEU B 83 20.32 1.49 -30.44
CA LEU B 83 20.10 0.07 -30.81
C LEU B 83 21.36 -0.61 -31.37
N ARG B 84 22.23 0.19 -31.98
CA ARG B 84 23.45 -0.30 -32.63
C ARG B 84 24.69 0.12 -31.82
N LEU B 93 21.77 -15.43 -27.68
CA LEU B 93 21.18 -14.36 -26.86
C LEU B 93 20.00 -14.94 -26.06
N THR B 94 19.98 -14.66 -24.76
CA THR B 94 18.94 -15.20 -23.85
C THR B 94 18.23 -14.05 -23.16
N LEU B 95 16.99 -14.27 -22.71
CA LEU B 95 16.31 -13.25 -21.95
C LEU B 95 17.08 -12.94 -20.66
N GLU B 96 17.70 -13.95 -20.05
CA GLU B 96 18.47 -13.71 -18.81
C GLU B 96 19.52 -12.59 -19.04
N PHE B 97 20.14 -12.61 -20.23
CA PHE B 97 21.20 -11.65 -20.58
C PHE B 97 20.65 -10.24 -20.73
N ILE B 98 19.54 -10.13 -21.45
CA ILE B 98 18.88 -8.82 -21.63
C ILE B 98 18.39 -8.27 -20.30
N TYR B 99 17.78 -9.15 -19.50
CA TYR B 99 17.23 -8.77 -18.20
C TYR B 99 18.32 -8.21 -17.31
N ALA B 100 19.42 -8.95 -17.23
CA ALA B 100 20.56 -8.54 -16.39
C ALA B 100 21.13 -7.18 -16.86
N HIS B 101 21.40 -7.00 -18.16
CA HIS B 101 21.91 -5.73 -18.66
C HIS B 101 20.98 -4.54 -18.48
N GLU B 102 19.72 -4.71 -18.83
CA GLU B 102 18.73 -3.64 -18.69
C GLU B 102 18.46 -3.36 -17.24
N SER B 103 18.53 -4.36 -16.38
CA SER B 103 18.25 -4.07 -14.95
C SER B 103 19.33 -3.13 -14.38
N ARG B 104 20.53 -3.16 -14.94
CA ARG B 104 21.62 -2.34 -14.39
C ARG B 104 21.56 -0.94 -15.00
N ARG B 105 21.80 -0.88 -16.31
CA ARG B 105 22.04 0.42 -16.97
C ARG B 105 20.78 1.23 -17.16
N TYR B 106 19.63 0.56 -17.20
CA TYR B 106 18.40 1.28 -17.41
C TYR B 106 17.81 1.46 -15.99
N LEU B 107 17.37 0.38 -15.37
CA LEU B 107 16.58 0.53 -14.14
C LEU B 107 17.40 1.00 -12.92
N GLU B 108 18.46 0.26 -12.55
CA GLU B 108 19.25 0.61 -11.36
C GLU B 108 19.86 2.03 -11.49
N TYR B 109 20.41 2.36 -12.64
CA TYR B 109 20.99 3.72 -12.84
C TYR B 109 19.93 4.80 -12.59
N SER B 110 18.79 4.66 -13.26
CA SER B 110 17.75 5.70 -13.22
C SER B 110 17.21 5.86 -11.78
N LEU B 111 17.02 4.75 -11.08
CA LEU B 111 16.60 4.82 -9.66
C LEU B 111 17.65 5.46 -8.75
N ARG B 112 18.92 5.16 -9.00
CA ARG B 112 19.99 5.77 -8.22
C ARG B 112 20.02 7.32 -8.42
N TRP B 113 19.90 7.75 -9.66
CA TRP B 113 19.79 9.20 -9.97
C TRP B 113 18.60 9.85 -9.27
N ARG B 114 17.46 9.20 -9.34
CA ARG B 114 16.26 9.64 -8.68
C ARG B 114 16.49 9.91 -7.19
N ASN B 115 17.26 9.06 -6.55
CA ASN B 115 17.49 9.11 -5.10
C ASN B 115 18.65 9.95 -4.62
N VAL B 116 19.42 10.55 -5.55
CA VAL B 116 20.52 11.36 -5.11
C VAL B 116 20.00 12.46 -4.21
N PRO B 117 20.63 12.67 -3.04
CA PRO B 117 20.01 13.53 -2.03
C PRO B 117 20.29 15.03 -2.18
N LYS B 118 20.20 15.54 -3.41
CA LYS B 118 20.36 16.95 -3.74
C LYS B 118 19.30 17.25 -4.82
N PRO B 119 18.82 18.49 -4.91
CA PRO B 119 17.89 18.78 -6.02
C PRO B 119 18.53 18.66 -7.42
N SER B 120 17.73 18.17 -8.36
CA SER B 120 18.13 18.03 -9.74
C SER B 120 17.08 18.56 -10.68
N ILE B 121 17.55 19.14 -11.79
CA ILE B 121 16.69 19.79 -12.76
C ILE B 121 17.12 19.36 -14.14
N ALA B 122 16.19 18.83 -14.95
CA ALA B 122 16.45 18.59 -16.38
C ALA B 122 15.96 19.73 -17.24
N ALA B 123 16.74 20.07 -18.27
CA ALA B 123 16.39 21.04 -19.27
C ALA B 123 16.23 20.25 -20.59
N VAL B 124 15.00 20.21 -21.10
CA VAL B 124 14.67 19.40 -22.26
C VAL B 124 14.27 20.26 -23.48
N GLN B 125 15.07 20.15 -24.54
CA GLN B 125 14.72 20.74 -25.86
C GLN B 125 14.44 19.66 -26.89
N GLY B 126 13.69 20.02 -27.92
CA GLY B 126 13.40 19.14 -29.03
C GLY B 126 12.87 17.77 -28.62
N ARG B 127 13.37 16.74 -29.28
CA ARG B 127 12.87 15.38 -29.07
C ARG B 127 13.44 14.72 -27.84
N CYS B 128 12.52 14.15 -27.05
CA CYS B 128 12.89 13.29 -25.93
C CYS B 128 12.08 12.01 -26.13
N ILE B 129 12.72 10.97 -26.64
CA ILE B 129 12.02 9.79 -27.12
C ILE B 129 12.46 8.55 -26.30
N SER B 130 11.47 7.81 -25.79
CA SER B 130 11.66 6.50 -25.13
C SER B 130 12.75 6.55 -24.08
N GLY B 131 13.91 5.93 -24.32
CA GLY B 131 15.00 5.99 -23.34
C GLY B 131 15.41 7.39 -22.87
N GLY B 132 15.14 8.43 -23.67
CA GLY B 132 15.33 9.79 -23.20
C GLY B 132 14.61 10.08 -21.89
N LEU B 133 13.46 9.45 -21.70
CA LEU B 133 12.63 9.67 -20.52
C LEU B 133 13.31 9.10 -19.28
N LEU B 134 14.18 8.11 -19.47
CA LEU B 134 14.90 7.54 -18.35
C LEU B 134 15.99 8.49 -17.86
N LEU B 135 16.34 9.53 -18.63
CA LEU B 135 17.30 10.54 -18.20
C LEU B 135 16.67 11.71 -17.49
N CYS B 136 15.50 12.19 -17.96
CA CYS B 136 14.85 13.35 -17.33
C CYS B 136 13.89 12.98 -16.17
N TRP B 137 13.18 11.85 -16.25
CA TRP B 137 12.23 11.52 -15.19
C TRP B 137 12.89 11.41 -13.83
N PRO B 138 14.12 10.85 -13.76
CA PRO B 138 14.76 10.81 -12.43
C PRO B 138 15.10 12.17 -11.82
N CYS B 139 15.11 13.24 -12.62
CA CYS B 139 15.38 14.55 -12.07
C CYS B 139 14.14 15.02 -11.29
N ASP B 140 14.34 15.89 -10.31
CA ASP B 140 13.21 16.35 -9.49
C ASP B 140 12.29 17.27 -10.24
N LEU B 141 12.90 18.18 -11.02
CA LEU B 141 12.16 19.19 -11.79
C LEU B 141 12.52 19.05 -13.26
N ILE B 142 11.57 19.35 -14.13
CA ILE B 142 11.84 19.42 -15.55
C ILE B 142 11.39 20.78 -16.12
N ILE B 143 12.30 21.41 -16.88
CA ILE B 143 11.98 22.61 -17.64
C ILE B 143 12.07 22.21 -19.11
N ALA B 144 11.11 22.61 -19.93
CA ALA B 144 11.06 22.21 -21.30
C ALA B 144 10.97 23.40 -22.22
N ALA B 145 11.63 23.31 -23.35
CA ALA B 145 11.43 24.31 -24.41
C ALA B 145 10.02 24.16 -25.00
N GLU B 146 9.45 25.27 -25.49
CA GLU B 146 8.12 25.23 -26.13
C GLU B 146 8.03 24.21 -27.24
N ASP B 147 9.09 23.99 -27.98
N ASP B 147 9.17 24.02 -27.91
CA ASP B 147 9.01 23.07 -29.09
CA ASP B 147 9.35 23.12 -29.06
C ASP B 147 9.55 21.66 -28.76
C ASP B 147 9.57 21.67 -28.75
N ALA B 148 9.72 21.34 -27.47
CA ALA B 148 10.03 19.97 -27.04
C ALA B 148 8.87 19.02 -27.34
N LEU B 149 9.21 17.79 -27.70
CA LEU B 149 8.24 16.74 -28.05
C LEU B 149 8.64 15.46 -27.31
N PHE B 150 7.73 14.97 -26.47
CA PHE B 150 7.96 13.78 -25.68
C PHE B 150 7.15 12.62 -26.22
N SER B 151 7.79 11.46 -26.34
CA SER B 151 7.12 10.27 -26.84
C SER B 151 7.75 9.00 -26.31
N ASP B 152 7.01 7.91 -26.41
CA ASP B 152 7.54 6.57 -26.17
C ASP B 152 6.87 5.59 -27.13
N PRO B 153 7.42 5.49 -28.35
CA PRO B 153 6.76 4.64 -29.37
C PRO B 153 7.25 3.17 -29.40
N VAL B 154 7.71 2.64 -28.27
CA VAL B 154 8.30 1.30 -28.31
C VAL B 154 7.28 0.16 -28.52
N VAL B 155 5.97 0.43 -28.41
CA VAL B 155 4.97 -0.60 -28.73
C VAL B 155 5.17 -1.13 -30.14
N LEU B 156 5.56 -0.23 -31.04
CA LEU B 156 5.93 -0.65 -32.41
C LEU B 156 6.99 -1.78 -32.47
N MET B 157 7.89 -1.81 -31.48
CA MET B 157 8.98 -2.81 -31.39
C MET B 157 8.59 -3.99 -30.52
N ASP B 158 7.30 -4.07 -30.15
CA ASP B 158 6.74 -5.15 -29.35
C ASP B 158 6.94 -5.10 -27.84
N ILE B 159 7.20 -3.91 -27.31
CA ILE B 159 7.47 -3.76 -25.88
C ILE B 159 6.44 -2.80 -25.26
N GLY B 160 5.98 -3.11 -24.05
CA GLY B 160 4.91 -2.31 -23.37
C GLY B 160 5.44 -1.06 -22.65
N GLY B 161 6.11 -0.19 -23.39
CA GLY B 161 6.71 1.04 -22.81
C GLY B 161 8.12 0.77 -22.31
N VAL B 162 8.90 1.82 -22.11
CA VAL B 162 10.31 1.66 -21.65
C VAL B 162 10.43 1.07 -20.22
N GLU B 163 11.68 0.80 -19.82
CA GLU B 163 12.00 -0.08 -18.72
C GLU B 163 11.63 0.51 -17.33
N TYR B 164 11.63 1.85 -17.25
CA TYR B 164 11.35 2.62 -16.04
C TYR B 164 10.02 3.29 -16.28
N HIS B 165 8.97 2.74 -15.67
CA HIS B 165 7.60 3.16 -15.97
C HIS B 165 7.18 4.34 -15.16
N GLY B 166 7.69 5.50 -15.56
CA GLY B 166 7.24 6.77 -15.02
C GLY B 166 5.91 7.22 -15.61
N HIS B 167 5.46 6.58 -16.69
CA HIS B 167 4.40 7.14 -17.53
C HIS B 167 3.15 7.42 -16.73
N THR B 168 2.70 6.42 -15.96
CA THR B 168 1.44 6.51 -15.26
C THR B 168 1.52 7.60 -14.17
N TRP B 169 2.68 7.67 -13.51
CA TRP B 169 2.95 8.67 -12.46
C TRP B 169 3.02 10.10 -12.97
N GLU B 170 3.60 10.28 -14.15
CA GLU B 170 3.88 11.58 -14.74
C GLU B 170 2.73 12.14 -15.54
N LEU B 171 1.99 11.26 -16.24
CA LEU B 171 1.00 11.63 -17.27
C LEU B 171 -0.43 11.33 -16.80
N GLY B 172 -0.57 10.47 -15.81
CA GLY B 172 -1.86 9.86 -15.47
C GLY B 172 -2.13 8.66 -16.39
N PRO B 173 -2.99 7.76 -15.95
CA PRO B 173 -3.10 6.50 -16.69
C PRO B 173 -3.67 6.62 -18.09
N ARG B 174 -4.64 7.50 -18.29
CA ARG B 174 -5.31 7.59 -19.59
C ARG B 174 -4.38 8.17 -20.66
N LYS B 175 -3.63 9.19 -20.29
CA LYS B 175 -2.67 9.75 -21.22
C LYS B 175 -1.52 8.78 -21.44
N ALA B 176 -1.06 8.10 -20.38
CA ALA B 176 -0.02 7.10 -20.55
C ALA B 176 -0.43 6.01 -21.55
N LYS B 177 -1.63 5.46 -21.38
CA LYS B 177 -2.14 4.48 -22.34
C LYS B 177 -2.28 5.04 -23.74
N GLU B 178 -2.83 6.25 -23.84
CA GLU B 178 -2.98 6.85 -25.17
C GLU B 178 -1.66 6.95 -25.91
N ILE B 179 -0.62 7.42 -25.25
CA ILE B 179 0.63 7.65 -25.95
C ILE B 179 1.41 6.38 -26.17
N LEU B 180 1.26 5.38 -25.30
CA LEU B 180 1.84 4.07 -25.53
C LEU B 180 1.14 3.31 -26.65
N PHE B 181 -0.19 3.40 -26.69
CA PHE B 181 -1.00 2.66 -27.68
C PHE B 181 -0.76 3.25 -29.09
N THR B 182 -0.52 4.56 -29.19
CA THR B 182 -0.43 5.23 -30.49
C THR B 182 0.99 5.51 -30.94
N GLY B 183 1.90 5.60 -29.98
CA GLY B 183 3.24 6.09 -30.21
C GLY B 183 3.33 7.58 -30.57
N ARG B 184 2.28 8.35 -30.31
CA ARG B 184 2.28 9.78 -30.67
C ARG B 184 3.17 10.62 -29.74
N ALA B 185 3.56 11.78 -30.23
CA ALA B 185 4.30 12.73 -29.38
C ALA B 185 3.37 13.65 -28.65
N MET B 186 3.85 14.15 -27.53
CA MET B 186 3.17 15.18 -26.75
C MET B 186 4.00 16.46 -26.77
N THR B 187 3.33 17.59 -26.95
CA THR B 187 4.01 18.88 -26.86
C THR B 187 4.40 19.19 -25.40
N ALA B 188 5.28 20.17 -25.24
CA ALA B 188 5.67 20.66 -23.93
C ALA B 188 4.45 21.12 -23.14
N GLU B 189 3.55 21.85 -23.79
CA GLU B 189 2.34 22.37 -23.09
C GLU B 189 1.48 21.23 -22.56
N GLU B 190 1.32 20.21 -23.38
CA GLU B 190 0.57 19.01 -22.96
C GLU B 190 1.14 18.33 -21.72
N VAL B 191 2.45 18.05 -21.67
CA VAL B 191 3.04 17.46 -20.49
C VAL B 191 3.09 18.42 -19.30
N ALA B 192 3.11 19.73 -19.55
CA ALA B 192 3.04 20.67 -18.44
C ALA B 192 1.68 20.58 -17.76
N GLN B 193 0.64 20.36 -18.55
CA GLN B 193 -0.72 20.24 -18.03
C GLN B 193 -0.87 19.03 -17.08
N THR B 194 -0.10 17.95 -17.31
CA THR B 194 -0.18 16.79 -16.45
C THR B 194 0.71 16.91 -15.22
N GLY B 195 1.58 17.91 -15.21
CA GLY B 195 2.54 18.14 -14.13
C GLY B 195 3.90 17.50 -14.37
N MET B 196 4.07 16.75 -15.46
CA MET B 196 5.40 16.19 -15.76
C MET B 196 6.47 17.25 -16.01
N VAL B 197 6.10 18.35 -16.66
CA VAL B 197 7.00 19.48 -16.87
C VAL B 197 6.58 20.61 -15.91
N ASN B 198 7.53 21.15 -15.15
CA ASN B 198 7.29 22.23 -14.21
C ASN B 198 7.00 23.54 -14.91
N ARG B 199 7.81 23.85 -15.94
CA ARG B 199 7.72 25.13 -16.64
C ARG B 199 8.09 24.96 -18.09
N VAL B 200 7.36 25.66 -18.96
CA VAL B 200 7.62 25.72 -20.38
C VAL B 200 8.10 27.11 -20.73
N VAL B 201 9.23 27.19 -21.43
CA VAL B 201 9.83 28.48 -21.82
C VAL B 201 10.25 28.42 -23.29
N PRO B 202 10.44 29.58 -23.94
CA PRO B 202 10.98 29.52 -25.28
C PRO B 202 12.33 28.81 -25.29
N ARG B 203 12.65 28.15 -26.40
CA ARG B 203 13.91 27.46 -26.54
CA ARG B 203 13.92 27.45 -26.52
C ARG B 203 15.09 28.37 -26.19
N ASP B 204 15.03 29.63 -26.63
CA ASP B 204 16.14 30.56 -26.39
C ASP B 204 16.31 30.97 -24.90
N ARG B 205 15.36 30.57 -24.04
CA ARG B 205 15.42 30.85 -22.63
C ARG B 205 15.62 29.57 -21.79
N LEU B 206 15.77 28.40 -22.42
CA LEU B 206 15.76 27.13 -21.64
C LEU B 206 16.93 27.06 -20.66
N ASP B 207 18.13 27.32 -21.13
CA ASP B 207 19.28 27.29 -20.25
C ASP B 207 19.23 28.43 -19.21
N ALA B 208 18.76 29.60 -19.58
CA ALA B 208 18.59 30.76 -18.68
C ALA B 208 17.69 30.40 -17.52
N GLU B 209 16.52 29.86 -17.86
CA GLU B 209 15.51 29.58 -16.86
C GLU B 209 15.99 28.46 -15.95
N THR B 210 16.59 27.43 -16.54
CA THR B 210 17.11 26.33 -15.74
C THR B 210 18.21 26.76 -14.75
N ARG B 211 19.18 27.54 -15.26
CA ARG B 211 20.23 27.99 -14.38
C ARG B 211 19.77 28.96 -13.31
N ALA B 212 18.81 29.82 -13.63
CA ALA B 212 18.28 30.79 -12.68
C ALA B 212 17.58 30.06 -11.54
N LEU B 213 16.77 29.08 -11.89
CA LEU B 213 16.07 28.25 -10.89
C LEU B 213 17.08 27.47 -10.05
N ALA B 214 18.07 26.84 -10.69
CA ALA B 214 19.16 26.14 -9.93
C ALA B 214 19.84 27.10 -8.92
N GLY B 215 20.07 28.34 -9.34
CA GLY B 215 20.70 29.32 -8.48
C GLY B 215 19.83 29.71 -7.29
N GLU B 216 18.52 29.84 -7.48
CA GLU B 216 17.65 30.15 -6.38
C GLU B 216 17.67 29.03 -5.35
N ILE B 217 17.62 27.80 -5.86
CA ILE B 217 17.60 26.65 -5.00
C ILE B 217 18.93 26.46 -4.29
N ALA B 218 20.04 26.79 -4.95
CA ALA B 218 21.37 26.63 -4.38
C ALA B 218 21.66 27.53 -3.15
N LYS B 219 20.82 28.53 -2.91
CA LYS B 219 20.92 29.35 -1.69
C LYS B 219 20.39 28.68 -0.42
N MET B 220 19.66 27.60 -0.59
CA MET B 220 18.95 26.96 0.52
C MET B 220 19.84 25.99 1.33
N PRO B 221 19.48 25.75 2.58
CA PRO B 221 20.25 24.77 3.37
C PRO B 221 20.23 23.36 2.79
N PRO B 222 21.42 22.74 2.61
CA PRO B 222 21.40 21.42 1.97
C PRO B 222 20.60 20.33 2.71
N PHE B 223 20.60 20.26 4.04
CA PHE B 223 19.82 19.22 4.70
C PHE B 223 18.31 19.45 4.53
N ALA B 224 17.88 20.70 4.50
CA ALA B 224 16.48 21.01 4.24
C ALA B 224 16.08 20.65 2.83
N LEU B 225 16.94 20.95 1.82
CA LEU B 225 16.70 20.47 0.45
C LEU B 225 16.58 18.93 0.40
N ARG B 226 17.51 18.26 1.06
CA ARG B 226 17.54 16.83 1.06
C ARG B 226 16.22 16.28 1.61
N GLN B 227 15.76 16.86 2.71
CA GLN B 227 14.58 16.31 3.39
C GLN B 227 13.25 16.77 2.76
N ALA B 228 13.26 17.89 2.05
CA ALA B 228 12.11 18.27 1.20
C ALA B 228 11.95 17.26 0.05
N LYS B 229 13.09 16.91 -0.55
CA LYS B 229 13.10 15.93 -1.60
C LYS B 229 12.60 14.60 -1.06
N ARG B 230 13.10 14.24 0.13
CA ARG B 230 12.72 12.96 0.73
C ARG B 230 11.23 12.94 1.08
N ALA B 231 10.72 14.06 1.58
CA ALA B 231 9.28 14.14 1.89
C ALA B 231 8.43 13.73 0.70
N VAL B 232 8.73 14.28 -0.47
CA VAL B 232 7.97 14.02 -1.67
C VAL B 232 8.26 12.59 -2.18
N ASN B 233 9.55 12.24 -2.31
CA ASN B 233 9.89 10.88 -2.83
C ASN B 233 9.42 9.72 -1.93
N GLN B 234 9.42 9.93 -0.61
CA GLN B 234 8.93 8.92 0.30
C GLN B 234 7.41 8.81 0.24
N THR B 235 6.72 9.93 0.08
CA THR B 235 5.29 9.90 -0.16
C THR B 235 5.05 9.05 -1.42
N LEU B 236 5.82 9.28 -2.49
CA LEU B 236 5.62 8.47 -3.73
C LEU B 236 5.89 7.00 -3.47
N ASP B 237 6.94 6.68 -2.70
CA ASP B 237 7.23 5.29 -2.39
C ASP B 237 6.17 4.62 -1.50
N VAL B 238 5.61 5.35 -0.53
CA VAL B 238 4.46 4.86 0.24
C VAL B 238 3.25 4.61 -0.70
N GLN B 239 3.07 5.50 -1.66
CA GLN B 239 2.03 5.36 -2.71
C GLN B 239 2.26 4.14 -3.61
N GLY B 240 3.46 3.61 -3.65
CA GLY B 240 3.79 2.41 -4.38
C GLY B 240 4.82 2.58 -5.48
N PHE B 241 5.50 3.73 -5.55
CA PHE B 241 6.37 4.01 -6.68
C PHE B 241 7.48 2.95 -6.90
N TYR B 242 8.29 2.71 -5.89
CA TYR B 242 9.35 1.70 -6.00
C TYR B 242 8.80 0.35 -6.42
N ALA B 243 7.75 -0.10 -5.74
CA ALA B 243 7.18 -1.41 -6.06
C ALA B 243 6.61 -1.47 -7.48
N ALA B 244 5.96 -0.39 -7.92
CA ALA B 244 5.34 -0.32 -9.25
C ALA B 244 6.42 -0.33 -10.32
N ILE B 245 7.49 0.46 -10.12
CA ILE B 245 8.61 0.47 -11.05
C ILE B 245 9.21 -0.95 -11.21
N GLN B 246 9.40 -1.66 -10.11
CA GLN B 246 9.86 -3.03 -10.18
C GLN B 246 8.89 -3.97 -10.92
N SER B 247 7.58 -3.83 -10.64
CA SER B 247 6.59 -4.64 -11.28
CA SER B 247 6.55 -4.62 -11.30
C SER B 247 6.62 -4.46 -12.80
N VAL B 248 6.68 -3.21 -13.23
CA VAL B 248 6.63 -2.92 -14.68
C VAL B 248 7.91 -3.35 -15.38
N PHE B 249 9.02 -3.35 -14.67
CA PHE B 249 10.25 -3.84 -15.28
C PHE B 249 10.02 -5.28 -15.76
N ASP B 250 9.34 -6.10 -14.96
CA ASP B 250 9.07 -7.46 -15.38
C ASP B 250 8.09 -7.57 -16.54
N ILE B 251 7.11 -6.68 -16.58
CA ILE B 251 6.20 -6.59 -17.73
C ILE B 251 6.94 -6.26 -19.04
N HIS B 252 7.84 -5.30 -18.95
CA HIS B 252 8.69 -4.91 -20.07
C HIS B 252 9.48 -6.10 -20.55
N GLN B 253 10.04 -6.84 -19.62
CA GLN B 253 10.84 -7.97 -20.01
C GLN B 253 10.03 -9.09 -20.71
N THR B 254 8.74 -9.26 -20.35
CA THR B 254 7.92 -10.23 -21.11
C THR B 254 7.85 -9.84 -22.60
N GLY B 255 7.96 -8.52 -22.89
CA GLY B 255 7.94 -8.01 -24.28
C GLY B 255 9.17 -8.50 -25.01
N HIS B 256 10.34 -8.30 -24.42
CA HIS B 256 11.57 -8.92 -24.95
C HIS B 256 11.44 -10.42 -25.12
N GLY B 257 10.88 -11.10 -24.12
CA GLY B 257 10.74 -12.55 -24.21
C GLY B 257 9.86 -12.98 -25.39
N ASN B 258 8.76 -12.25 -25.59
CA ASN B 258 7.91 -12.56 -26.74
C ASN B 258 8.61 -12.26 -28.07
N ALA B 259 9.24 -11.08 -28.16
CA ALA B 259 9.96 -10.66 -29.39
C ALA B 259 10.98 -11.72 -29.79
N MET B 260 11.72 -12.23 -28.81
CA MET B 260 12.71 -13.31 -29.06
C MET B 260 12.03 -14.62 -29.52
N SER B 261 10.90 -14.96 -28.89
CA SER B 261 10.16 -16.18 -29.28
C SER B 261 9.63 -16.10 -30.73
N VAL B 262 9.35 -14.90 -31.21
CA VAL B 262 8.81 -14.71 -32.57
C VAL B 262 9.95 -14.69 -33.59
N SER B 263 11.03 -13.97 -33.25
CA SER B 263 12.18 -13.80 -34.15
C SER B 263 13.47 -13.99 -33.38
N GLU C 19 -13.35 33.14 24.37
CA GLU C 19 -13.37 32.65 22.97
C GLU C 19 -12.74 33.73 22.09
N MET C 20 -11.52 34.16 22.45
CA MET C 20 -10.93 35.34 21.83
C MET C 20 -10.65 35.14 20.33
N TYR C 21 -9.97 34.05 19.97
CA TYR C 21 -9.37 33.99 18.65
C TYR C 21 -10.25 33.40 17.56
N ILE C 22 -11.26 32.61 17.92
CA ILE C 22 -12.10 31.88 16.99
C ILE C 22 -13.56 32.24 17.24
N ASP C 23 -14.27 32.73 16.21
CA ASP C 23 -15.70 32.97 16.31
CA ASP C 23 -15.71 32.97 16.27
C ASP C 23 -16.45 31.76 15.71
N TYR C 24 -17.64 31.50 16.21
CA TYR C 24 -18.42 30.34 15.85
C TYR C 24 -19.89 30.73 15.70
N ASP C 25 -20.48 30.40 14.55
CA ASP C 25 -21.88 30.71 14.25
C ASP C 25 -22.55 29.48 13.69
N VAL C 26 -23.75 29.13 14.13
CA VAL C 26 -24.57 28.13 13.47
C VAL C 26 -25.86 28.78 12.98
N SER C 27 -26.10 28.70 11.69
CA SER C 27 -27.40 29.08 11.12
C SER C 27 -27.62 28.32 9.82
N ASP C 28 -28.88 28.01 9.53
CA ASP C 28 -29.25 27.34 8.28
C ASP C 28 -28.44 26.03 8.08
N ARG C 29 -28.18 25.30 9.16
CA ARG C 29 -27.47 23.99 9.13
C ARG C 29 -25.98 24.11 8.77
N ILE C 30 -25.47 25.33 8.80
CA ILE C 30 -24.06 25.60 8.51
C ILE C 30 -23.37 26.13 9.78
N ALA C 31 -22.26 25.49 10.18
CA ALA C 31 -21.40 25.99 11.26
C ALA C 31 -20.28 26.74 10.61
N THR C 32 -20.20 28.03 10.91
CA THR C 32 -19.15 28.90 10.36
C THR C 32 -18.12 29.19 11.46
N ILE C 33 -16.90 28.76 11.20
CA ILE C 33 -15.76 28.89 12.09
C ILE C 33 -14.87 29.94 11.46
N THR C 34 -14.66 31.03 12.19
CA THR C 34 -13.88 32.17 11.68
C THR C 34 -12.59 32.38 12.47
N LEU C 35 -11.47 32.40 11.78
CA LEU C 35 -10.20 32.79 12.38
C LEU C 35 -10.26 34.32 12.64
N ASN C 36 -10.12 34.72 13.90
CA ASN C 36 -10.28 36.11 14.28
C ASN C 36 -9.09 36.66 14.98
N ARG C 37 -7.91 36.51 14.36
CA ARG C 37 -6.71 37.18 14.83
C ARG C 37 -6.07 38.02 13.72
N PRO C 38 -6.88 38.90 13.08
CA PRO C 38 -6.36 39.65 11.93
C PRO C 38 -5.16 40.53 12.26
N GLU C 39 -5.05 40.96 13.52
CA GLU C 39 -3.95 41.86 13.90
C GLU C 39 -2.58 41.16 13.75
N ALA C 40 -2.59 39.82 13.76
CA ALA C 40 -1.40 39.02 13.54
C ALA C 40 -1.49 38.20 12.23
N ALA C 41 -2.33 38.62 11.29
CA ALA C 41 -2.57 37.86 10.04
C ALA C 41 -2.91 36.39 10.36
N ASN C 42 -3.68 36.20 11.43
CA ASN C 42 -4.15 34.86 11.84
C ASN C 42 -2.98 33.87 12.04
N ALA C 43 -1.88 34.41 12.54
CA ALA C 43 -0.75 33.56 13.01
C ALA C 43 -1.31 32.69 14.14
N GLN C 44 -0.91 31.42 14.15
CA GLN C 44 -1.51 30.43 15.02
C GLN C 44 -0.68 30.15 16.27
N ASN C 45 -1.17 30.60 17.39
CA ASN C 45 -0.54 30.22 18.67
C ASN C 45 -1.26 29.03 19.28
N PRO C 46 -0.70 28.43 20.37
CA PRO C 46 -1.38 27.25 20.91
C PRO C 46 -2.84 27.51 21.30
N GLU C 47 -3.10 28.69 21.84
CA GLU C 47 -4.44 29.03 22.31
C GLU C 47 -5.45 29.12 21.15
N LEU C 48 -5.04 29.72 20.04
CA LEU C 48 -5.89 29.74 18.83
C LEU C 48 -6.18 28.35 18.33
N LEU C 49 -5.15 27.50 18.31
CA LEU C 49 -5.31 26.13 17.78
C LEU C 49 -6.22 25.31 18.69
N ASP C 50 -6.11 25.50 20.01
CA ASP C 50 -7.02 24.79 20.94
C ASP C 50 -8.46 25.26 20.77
N GLU C 51 -8.67 26.56 20.55
CA GLU C 51 -10.04 27.06 20.34
C GLU C 51 -10.62 26.57 19.01
N LEU C 52 -9.74 26.49 18.01
CA LEU C 52 -10.10 26.00 16.70
C LEU C 52 -10.52 24.53 16.75
N ASP C 53 -9.73 23.72 17.46
CA ASP C 53 -10.08 22.32 17.59
C ASP C 53 -11.41 22.16 18.33
N ALA C 54 -11.65 22.98 19.35
CA ALA C 54 -12.92 22.91 20.07
C ALA C 54 -14.10 23.29 19.20
N ALA C 55 -13.88 24.25 18.30
CA ALA C 55 -14.91 24.65 17.34
C ALA C 55 -15.26 23.54 16.37
N TRP C 56 -14.24 22.87 15.83
CA TRP C 56 -14.47 21.73 14.96
C TRP C 56 -15.23 20.64 15.66
N THR C 57 -14.85 20.35 16.91
CA THR C 57 -15.58 19.33 17.70
C THR C 57 -17.03 19.71 17.95
N ARG C 58 -17.26 20.98 18.32
CA ARG C 58 -18.61 21.47 18.54
CA ARG C 58 -18.61 21.50 18.53
C ARG C 58 -19.48 21.26 17.29
N ALA C 59 -18.94 21.63 16.13
CA ALA C 59 -19.64 21.48 14.87
C ALA C 59 -19.91 20.00 14.54
N ALA C 60 -18.88 19.17 14.73
CA ALA C 60 -18.99 17.73 14.51
C ALA C 60 -20.10 17.10 15.35
N GLU C 61 -20.21 17.53 16.61
CA GLU C 61 -21.16 16.91 17.56
C GLU C 61 -22.57 17.49 17.47
N ASP C 62 -22.76 18.64 16.81
CA ASP C 62 -24.07 19.26 16.70
C ASP C 62 -24.89 18.66 15.56
N ASN C 63 -25.93 17.92 15.93
CA ASN C 63 -26.83 17.35 14.92
C ASN C 63 -27.61 18.39 14.08
N ASP C 64 -27.66 19.63 14.50
CA ASP C 64 -28.24 20.68 13.65
C ASP C 64 -27.25 21.27 12.63
N VAL C 65 -26.02 20.76 12.58
CA VAL C 65 -25.02 21.22 11.61
C VAL C 65 -24.84 20.13 10.58
N SER C 66 -25.06 20.48 9.32
CA SER C 66 -24.79 19.60 8.18
C SER C 66 -23.45 19.88 7.50
N VAL C 67 -23.00 21.14 7.51
CA VAL C 67 -21.79 21.54 6.73
C VAL C 67 -20.99 22.55 7.55
N ILE C 68 -19.65 22.42 7.49
CA ILE C 68 -18.72 23.27 8.21
C ILE C 68 -18.05 24.21 7.18
N VAL C 69 -18.04 25.50 7.48
CA VAL C 69 -17.30 26.47 6.69
C VAL C 69 -16.20 27.02 7.61
N LEU C 70 -14.98 27.01 7.10
CA LEU C 70 -13.85 27.63 7.77
C LEU C 70 -13.43 28.86 6.96
N ARG C 71 -13.37 30.02 7.61
CA ARG C 71 -13.05 31.30 6.95
C ARG C 71 -12.19 32.12 7.92
N ALA C 72 -11.75 33.27 7.47
CA ALA C 72 -10.79 34.08 8.22
C ALA C 72 -11.09 35.54 8.00
N ASN C 73 -10.98 36.32 9.06
CA ASN C 73 -11.12 37.78 9.00
C ASN C 73 -9.79 38.40 8.59
N GLY C 74 -9.87 39.50 7.88
CA GLY C 74 -8.71 40.31 7.55
C GLY C 74 -8.29 40.10 6.11
N LYS C 75 -7.13 40.64 5.78
CA LYS C 75 -6.60 40.56 4.41
C LYS C 75 -6.09 39.16 4.04
N HIS C 76 -5.66 38.41 5.06
CA HIS C 76 -4.99 37.13 4.88
C HIS C 76 -5.56 36.00 5.67
N PHE C 77 -5.72 34.86 5.00
CA PHE C 77 -6.21 33.65 5.62
C PHE C 77 -5.37 33.23 6.83
N SER C 78 -4.06 33.02 6.63
CA SER C 78 -3.16 32.72 7.76
C SER C 78 -1.71 32.80 7.39
N ALA C 79 -0.95 33.57 8.18
CA ALA C 79 0.51 33.68 8.01
C ALA C 79 1.26 32.43 8.52
N GLY C 80 0.55 31.50 9.13
CA GLY C 80 1.19 30.27 9.63
C GLY C 80 1.33 30.22 11.14
N HIS C 81 2.22 29.35 11.61
CA HIS C 81 2.45 29.19 13.02
C HIS C 81 3.15 30.38 13.64
N ASP C 82 2.72 30.72 14.85
CA ASP C 82 3.20 31.91 15.54
C ASP C 82 4.44 31.47 16.27
N LEU C 83 5.62 31.88 15.83
CA LEU C 83 6.81 31.36 16.48
C LEU C 83 7.24 32.15 17.72
N ARG C 84 6.43 33.15 18.12
CA ARG C 84 6.61 33.82 19.42
C ARG C 84 5.59 33.32 20.47
N GLY C 85 4.71 32.39 20.09
CA GLY C 85 3.74 31.77 21.01
C GLY C 85 4.32 30.48 21.58
N PRO C 90 11.24 24.83 27.27
CA PRO C 90 11.53 25.06 28.68
C PRO C 90 13.05 25.05 28.98
N ASP C 91 13.45 24.56 30.16
CA ASP C 91 14.82 24.70 30.68
C ASP C 91 15.90 24.17 29.73
N LYS C 92 15.82 22.88 29.42
CA LYS C 92 16.67 22.26 28.40
C LYS C 92 15.70 21.78 27.33
N LEU C 93 15.71 22.43 26.18
CA LEU C 93 14.84 22.08 25.06
C LEU C 93 15.34 20.81 24.37
N THR C 94 14.44 19.85 24.14
CA THR C 94 14.84 18.58 23.52
C THR C 94 13.92 18.31 22.34
N LEU C 95 14.39 17.47 21.41
CA LEU C 95 13.56 17.12 20.29
C LEU C 95 12.31 16.39 20.76
N GLU C 96 12.41 15.57 21.81
CA GLU C 96 11.25 14.86 22.35
C GLU C 96 10.09 15.83 22.64
N PHE C 97 10.44 16.98 23.24
CA PHE C 97 9.47 18.02 23.55
C PHE C 97 8.79 18.62 22.31
N ILE C 98 9.59 18.98 21.30
CA ILE C 98 9.08 19.51 20.03
C ILE C 98 8.21 18.47 19.35
N TYR C 99 8.73 17.26 19.29
CA TYR C 99 8.05 16.13 18.67
C TYR C 99 6.67 15.92 19.31
N ALA C 100 6.62 15.86 20.63
CA ALA C 100 5.35 15.68 21.34
C ALA C 100 4.34 16.79 21.05
N HIS C 101 4.77 18.03 21.17
CA HIS C 101 3.87 19.15 21.00
C HIS C 101 3.39 19.29 19.63
N GLU C 102 4.30 19.13 18.66
CA GLU C 102 3.87 19.24 17.24
C GLU C 102 3.01 18.05 16.82
N SER C 103 3.26 16.88 17.39
CA SER C 103 2.43 15.72 17.04
C SER C 103 0.97 15.93 17.47
N ARG C 104 0.77 16.72 18.51
CA ARG C 104 -0.57 16.96 19.04
C ARG C 104 -1.23 18.11 18.27
N ARG C 105 -0.65 19.31 18.33
CA ARG C 105 -1.41 20.49 17.82
C ARG C 105 -1.35 20.71 16.36
N TYR C 106 -0.34 20.13 15.71
CA TYR C 106 -0.20 20.22 14.26
C TYR C 106 -0.76 18.95 13.66
N LEU C 107 -0.09 17.82 13.82
CA LEU C 107 -0.48 16.59 13.11
C LEU C 107 -1.83 16.01 13.52
N GLU C 108 -1.99 15.72 14.80
CA GLU C 108 -3.21 15.07 15.32
C GLU C 108 -4.45 15.95 15.08
N TYR C 109 -4.35 17.22 15.39
CA TYR C 109 -5.46 18.18 15.18
C TYR C 109 -5.87 18.20 13.70
N SER C 110 -4.93 18.37 12.79
CA SER C 110 -5.24 18.49 11.36
C SER C 110 -5.88 17.18 10.83
N LEU C 111 -5.35 16.04 11.25
CA LEU C 111 -5.93 14.75 10.85
C LEU C 111 -7.35 14.58 11.43
N ARG C 112 -7.56 15.00 12.68
CA ARG C 112 -8.87 14.92 13.30
C ARG C 112 -9.93 15.77 12.50
N TRP C 113 -9.54 16.99 12.10
CA TRP C 113 -10.40 17.84 11.28
C TRP C 113 -10.72 17.21 9.94
N ARG C 114 -9.69 16.63 9.30
CA ARG C 114 -9.80 15.92 8.03
C ARG C 114 -10.86 14.83 8.08
N ASN C 115 -10.98 14.15 9.21
CA ASN C 115 -11.87 13.04 9.37
C ASN C 115 -13.26 13.34 9.94
N VAL C 116 -13.57 14.57 10.31
CA VAL C 116 -14.89 14.89 10.82
C VAL C 116 -15.91 14.47 9.76
N PRO C 117 -16.93 13.72 10.16
CA PRO C 117 -17.83 13.03 9.20
C PRO C 117 -18.96 13.90 8.65
N LYS C 118 -18.62 15.16 8.33
CA LYS C 118 -19.52 16.08 7.65
C LYS C 118 -18.69 16.87 6.64
N PRO C 119 -19.32 17.35 5.56
CA PRO C 119 -18.58 18.19 4.61
C PRO C 119 -18.05 19.46 5.21
N SER C 120 -16.84 19.82 4.80
CA SER C 120 -16.22 21.09 5.22
C SER C 120 -15.62 21.83 4.01
N ILE C 121 -15.66 23.16 4.07
CA ILE C 121 -15.24 24.04 2.99
C ILE C 121 -14.39 25.14 3.63
N ALA C 122 -13.18 25.32 3.14
CA ALA C 122 -12.36 26.45 3.48
C ALA C 122 -12.49 27.57 2.46
N ALA C 123 -12.61 28.78 2.97
CA ALA C 123 -12.63 29.99 2.15
C ALA C 123 -11.31 30.71 2.38
N VAL C 124 -10.45 30.78 1.36
CA VAL C 124 -9.07 31.31 1.51
C VAL C 124 -8.84 32.58 0.69
N GLN C 125 -8.56 33.70 1.40
CA GLN C 125 -8.23 34.99 0.80
C GLN C 125 -6.76 35.33 1.13
N GLY C 126 -6.09 36.09 0.27
CA GLY C 126 -4.77 36.60 0.57
C GLY C 126 -3.75 35.50 0.85
N ARG C 127 -2.88 35.74 1.80
CA ARG C 127 -1.76 34.83 2.06
CA ARG C 127 -1.76 34.81 2.02
C ARG C 127 -2.17 33.62 2.91
N CYS C 128 -1.77 32.42 2.47
CA CYS C 128 -1.87 31.19 3.24
C CYS C 128 -0.48 30.58 3.17
N ILE C 129 0.26 30.69 4.28
CA ILE C 129 1.69 30.40 4.35
C ILE C 129 1.95 29.26 5.32
N SER C 130 2.61 28.20 4.85
CA SER C 130 3.16 27.13 5.70
C SER C 130 2.07 26.55 6.63
N GLY C 131 2.12 26.84 7.92
CA GLY C 131 1.07 26.33 8.81
C GLY C 131 -0.36 26.72 8.44
N GLY C 132 -0.57 27.79 7.66
CA GLY C 132 -1.92 28.02 7.15
C GLY C 132 -2.50 26.86 6.34
N LEU C 133 -1.62 26.12 5.66
CA LEU C 133 -2.02 24.93 4.93
C LEU C 133 -2.60 23.82 5.82
N LEU C 134 -2.15 23.75 7.06
CA LEU C 134 -2.68 22.78 8.02
C LEU C 134 -4.10 23.11 8.44
N LEU C 135 -4.57 24.33 8.15
CA LEU C 135 -5.95 24.69 8.40
C LEU C 135 -6.89 24.42 7.24
N CYS C 136 -6.49 24.73 6.02
CA CYS C 136 -7.35 24.49 4.85
C CYS C 136 -7.24 23.10 4.23
N TRP C 137 -6.06 22.47 4.23
CA TRP C 137 -5.98 21.14 3.59
C TRP C 137 -6.90 20.12 4.20
N PRO C 138 -7.09 20.11 5.54
CA PRO C 138 -8.05 19.18 6.14
C PRO C 138 -9.50 19.41 5.74
N CYS C 139 -9.86 20.57 5.21
CA CYS C 139 -11.22 20.74 4.70
C CYS C 139 -11.43 19.92 3.40
N ASP C 140 -12.67 19.51 3.15
CA ASP C 140 -12.95 18.77 1.93
C ASP C 140 -12.78 19.54 0.65
N LEU C 141 -13.27 20.79 0.64
CA LEU C 141 -13.31 21.66 -0.52
C LEU C 141 -12.61 22.97 -0.13
N ILE C 142 -11.95 23.60 -1.11
CA ILE C 142 -11.35 24.91 -0.89
C ILE C 142 -11.82 25.87 -1.99
N ILE C 143 -12.35 27.01 -1.56
CA ILE C 143 -12.73 28.11 -2.46
C ILE C 143 -11.74 29.21 -2.19
N ALA C 144 -11.07 29.71 -3.23
CA ALA C 144 -10.04 30.74 -3.04
C ALA C 144 -10.44 32.02 -3.75
N ALA C 145 -10.13 33.15 -3.13
CA ALA C 145 -10.17 34.45 -3.80
C ALA C 145 -9.06 34.51 -4.88
N GLU C 146 -9.31 35.25 -5.97
CA GLU C 146 -8.34 35.47 -7.04
C GLU C 146 -7.00 35.95 -6.51
N ASP C 147 -7.03 36.67 -5.38
CA ASP C 147 -5.83 37.24 -4.74
C ASP C 147 -5.05 36.31 -3.83
N ALA C 148 -5.51 35.08 -3.70
CA ALA C 148 -4.90 34.18 -2.72
C ALA C 148 -3.54 33.77 -3.20
N LEU C 149 -2.62 33.61 -2.24
CA LEU C 149 -1.23 33.21 -2.52
C LEU C 149 -0.84 32.13 -1.49
N PHE C 150 -0.55 30.95 -2.00
CA PHE C 150 -0.20 29.81 -1.21
C PHE C 150 1.30 29.53 -1.28
N SER C 151 1.91 29.28 -0.12
CA SER C 151 3.35 29.00 -0.10
C SER C 151 3.71 28.17 1.12
N ASP C 152 4.85 27.51 1.04
CA ASP C 152 5.49 26.90 2.20
C ASP C 152 7.01 27.07 2.17
N PRO C 153 7.51 28.22 2.66
CA PRO C 153 8.91 28.51 2.59
C PRO C 153 9.75 28.01 3.79
N VAL C 154 9.32 26.96 4.48
CA VAL C 154 10.09 26.54 5.66
C VAL C 154 11.47 25.93 5.38
N VAL C 155 11.79 25.58 4.12
CA VAL C 155 13.16 25.11 3.82
C VAL C 155 14.19 26.17 4.26
N LEU C 156 13.80 27.45 4.18
CA LEU C 156 14.68 28.53 4.69
C LEU C 156 15.05 28.39 6.16
N MET C 157 14.17 27.79 6.94
CA MET C 157 14.38 27.51 8.37
C MET C 157 14.92 26.13 8.64
N ASP C 158 15.43 25.45 7.61
CA ASP C 158 16.01 24.11 7.67
C ASP C 158 15.10 22.94 7.82
N ILE C 159 13.84 23.12 7.44
CA ILE C 159 12.83 22.08 7.59
C ILE C 159 12.26 21.67 6.23
N GLY C 160 12.06 20.37 6.00
CA GLY C 160 11.55 19.83 4.72
C GLY C 160 10.03 19.91 4.55
N GLY C 161 9.49 21.12 4.60
CA GLY C 161 8.05 21.36 4.51
C GLY C 161 7.39 21.23 5.86
N VAL C 162 6.13 21.66 5.92
CA VAL C 162 5.37 21.67 7.18
C VAL C 162 5.01 20.24 7.60
N GLU C 163 4.45 20.16 8.80
CA GLU C 163 4.34 18.92 9.56
C GLU C 163 3.38 17.91 8.94
N TYR C 164 2.38 18.43 8.22
CA TYR C 164 1.32 17.63 7.60
C TYR C 164 1.55 17.75 6.10
N HIS C 165 2.12 16.70 5.53
CA HIS C 165 2.53 16.75 4.11
C HIS C 165 1.44 16.47 3.12
N GLY C 166 0.58 17.47 2.93
CA GLY C 166 -0.38 17.42 1.85
C GLY C 166 0.21 17.77 0.50
N HIS C 167 1.43 18.31 0.48
CA HIS C 167 1.98 18.92 -0.75
C HIS C 167 1.93 18.01 -1.98
N THR C 168 2.44 16.79 -1.83
CA THR C 168 2.53 15.85 -2.94
C THR C 168 1.15 15.44 -3.45
N TRP C 169 0.22 15.28 -2.52
CA TRP C 169 -1.18 14.88 -2.81
C TRP C 169 -1.95 15.99 -3.48
N GLU C 170 -1.70 17.23 -3.05
CA GLU C 170 -2.49 18.40 -3.46
C GLU C 170 -1.96 19.01 -4.74
N LEU C 171 -0.65 18.95 -4.91
CA LEU C 171 0.04 19.69 -6.02
C LEU C 171 0.67 18.77 -7.07
N GLY C 172 0.83 17.47 -6.75
CA GLY C 172 1.68 16.58 -7.55
C GLY C 172 3.15 16.73 -7.07
N PRO C 173 3.97 15.68 -7.26
CA PRO C 173 5.31 15.72 -6.66
C PRO C 173 6.22 16.78 -7.24
N ARG C 174 6.13 17.05 -8.54
CA ARG C 174 7.09 18.01 -9.14
C ARG C 174 6.84 19.44 -8.71
N LYS C 175 5.57 19.84 -8.67
CA LYS C 175 5.23 21.15 -8.14
C LYS C 175 5.55 21.26 -6.65
N ALA C 176 5.26 20.20 -5.90
CA ALA C 176 5.60 20.17 -4.48
C ALA C 176 7.07 20.42 -4.26
N LYS C 177 7.92 19.68 -4.94
CA LYS C 177 9.36 19.90 -4.84
C LYS C 177 9.76 21.31 -5.27
N GLU C 178 9.21 21.79 -6.38
CA GLU C 178 9.54 23.13 -6.85
C GLU C 178 9.26 24.18 -5.77
N ILE C 179 8.08 24.18 -5.20
CA ILE C 179 7.71 25.20 -4.23
C ILE C 179 8.40 25.03 -2.88
N LEU C 180 8.74 23.81 -2.49
CA LEU C 180 9.55 23.61 -1.28
C LEU C 180 11.01 24.01 -1.47
N PHE C 181 11.58 23.68 -2.64
CA PHE C 181 12.98 24.00 -2.92
C PHE C 181 13.19 25.53 -3.04
N THR C 182 12.18 26.25 -3.53
CA THR C 182 12.33 27.68 -3.81
C THR C 182 11.67 28.57 -2.78
N GLY C 183 10.68 28.04 -2.08
CA GLY C 183 9.81 28.84 -1.20
C GLY C 183 8.91 29.83 -1.90
N ARG C 184 8.68 29.65 -3.19
CA ARG C 184 7.88 30.60 -3.93
C ARG C 184 6.40 30.42 -3.64
N ALA C 185 5.65 31.49 -3.90
CA ALA C 185 4.20 31.43 -3.82
C ALA C 185 3.56 30.95 -5.11
N MET C 186 2.39 30.37 -4.96
CA MET C 186 1.50 30.01 -6.05
C MET C 186 0.22 30.83 -5.99
N THR C 187 -0.24 31.33 -7.14
CA THR C 187 -1.53 31.99 -7.23
C THR C 187 -2.71 30.98 -7.13
N ALA C 188 -3.86 31.55 -6.86
CA ALA C 188 -5.10 30.79 -6.78
C ALA C 188 -5.30 30.04 -8.10
N GLU C 189 -5.04 30.69 -9.23
CA GLU C 189 -5.23 30.03 -10.53
C GLU C 189 -4.30 28.80 -10.65
N GLU C 190 -3.05 28.95 -10.22
CA GLU C 190 -2.08 27.84 -10.30
C GLU C 190 -2.50 26.63 -9.44
N VAL C 191 -2.95 26.85 -8.20
CA VAL C 191 -3.37 25.72 -7.37
C VAL C 191 -4.71 25.17 -7.83
N ALA C 192 -5.55 25.99 -8.48
CA ALA C 192 -6.78 25.46 -9.04
C ALA C 192 -6.46 24.46 -10.14
N GLN C 193 -5.39 24.73 -10.90
CA GLN C 193 -4.99 23.83 -11.98
C GLN C 193 -4.57 22.46 -11.46
N THR C 194 -4.01 22.36 -10.25
CA THR C 194 -3.59 21.08 -9.72
C THR C 194 -4.74 20.30 -9.07
N GLY C 195 -5.86 20.97 -8.88
CA GLY C 195 -6.98 20.42 -8.14
C GLY C 195 -7.01 20.74 -6.66
N MET C 196 -6.00 21.43 -6.13
CA MET C 196 -5.98 21.78 -4.73
C MET C 196 -7.09 22.76 -4.32
N VAL C 197 -7.43 23.68 -5.22
CA VAL C 197 -8.54 24.58 -5.06
C VAL C 197 -9.66 24.20 -6.03
N ASN C 198 -10.86 24.11 -5.51
CA ASN C 198 -12.05 23.73 -6.26
C ASN C 198 -12.52 24.83 -7.19
N ARG C 199 -12.56 26.06 -6.67
CA ARG C 199 -13.07 27.21 -7.41
C ARG C 199 -12.31 28.46 -7.02
N VAL C 200 -12.11 29.33 -8.00
CA VAL C 200 -11.51 30.64 -7.77
C VAL C 200 -12.57 31.69 -8.06
N VAL C 201 -12.73 32.63 -7.13
CA VAL C 201 -13.74 33.69 -7.27
C VAL C 201 -13.16 35.05 -6.91
N PRO C 202 -13.76 36.16 -7.42
CA PRO C 202 -13.23 37.44 -6.99
C PRO C 202 -13.32 37.60 -5.48
N ARG C 203 -12.41 38.38 -4.90
CA ARG C 203 -12.41 38.48 -3.44
C ARG C 203 -13.70 39.02 -2.82
N ASP C 204 -14.40 39.88 -3.55
CA ASP C 204 -15.68 40.41 -3.04
C ASP C 204 -16.81 39.39 -3.06
N ARG C 205 -16.62 38.25 -3.75
CA ARG C 205 -17.62 37.18 -3.77
C ARG C 205 -17.26 35.94 -2.92
N LEU C 206 -16.11 35.93 -2.27
CA LEU C 206 -15.62 34.70 -1.59
C LEU C 206 -16.63 34.22 -0.56
N ASP C 207 -17.07 35.13 0.32
CA ASP C 207 -17.99 34.70 1.37
C ASP C 207 -19.33 34.22 0.80
N ALA C 208 -19.90 34.96 -0.15
CA ALA C 208 -21.19 34.62 -0.70
C ALA C 208 -21.16 33.30 -1.50
N GLU C 209 -20.10 33.09 -2.27
CA GLU C 209 -19.98 31.87 -3.07
CA GLU C 209 -19.95 31.85 -3.07
C GLU C 209 -19.82 30.66 -2.15
N THR C 210 -18.98 30.81 -1.12
CA THR C 210 -18.79 29.75 -0.11
C THR C 210 -20.09 29.40 0.61
N ARG C 211 -20.83 30.42 1.06
CA ARG C 211 -22.06 30.12 1.77
C ARG C 211 -23.12 29.51 0.88
N ALA C 212 -23.16 29.95 -0.38
CA ALA C 212 -24.12 29.41 -1.35
C ALA C 212 -23.84 27.91 -1.57
N LEU C 213 -22.56 27.58 -1.73
CA LEU C 213 -22.13 26.18 -1.94
C LEU C 213 -22.44 25.35 -0.69
N ALA C 214 -22.14 25.89 0.49
CA ALA C 214 -22.51 25.21 1.74
C ALA C 214 -24.00 24.97 1.85
N GLY C 215 -24.79 25.97 1.50
CA GLY C 215 -26.24 25.83 1.49
C GLY C 215 -26.74 24.74 0.54
N GLU C 216 -26.15 24.63 -0.64
CA GLU C 216 -26.56 23.56 -1.59
C GLU C 216 -26.29 22.20 -0.97
N ILE C 217 -25.11 22.07 -0.37
CA ILE C 217 -24.70 20.78 0.18
C ILE C 217 -25.54 20.40 1.39
N ALA C 218 -25.91 21.41 2.17
CA ALA C 218 -26.72 21.21 3.37
C ALA C 218 -28.11 20.66 3.10
N LYS C 219 -28.58 20.73 1.85
CA LYS C 219 -29.86 20.07 1.52
C LYS C 219 -29.80 18.53 1.41
N MET C 220 -28.60 17.98 1.35
CA MET C 220 -28.42 16.56 1.11
C MET C 220 -28.53 15.70 2.38
N PRO C 221 -28.84 14.42 2.20
CA PRO C 221 -28.95 13.51 3.31
C PRO C 221 -27.61 13.33 4.06
N PRO C 222 -27.61 13.55 5.38
CA PRO C 222 -26.35 13.57 6.14
C PRO C 222 -25.54 12.28 6.06
N PHE C 223 -26.19 11.12 6.07
CA PHE C 223 -25.43 9.87 6.01
C PHE C 223 -24.80 9.69 4.63
N ALA C 224 -25.47 10.13 3.58
CA ALA C 224 -24.89 10.09 2.21
C ALA C 224 -23.71 11.01 2.08
N LEU C 225 -23.81 12.20 2.67
CA LEU C 225 -22.68 13.11 2.69
C LEU C 225 -21.48 12.50 3.46
N ARG C 226 -21.79 11.89 4.59
CA ARG C 226 -20.76 11.22 5.37
C ARG C 226 -20.06 10.17 4.57
N GLN C 227 -20.83 9.32 3.89
CA GLN C 227 -20.23 8.20 3.18
C GLN C 227 -19.60 8.57 1.86
N ALA C 228 -20.11 9.61 1.20
CA ALA C 228 -19.41 10.17 0.02
C ALA C 228 -18.03 10.66 0.40
N LYS C 229 -17.95 11.35 1.55
CA LYS C 229 -16.72 11.85 2.07
C LYS C 229 -15.80 10.68 2.40
N ARG C 230 -16.34 9.67 3.08
CA ARG C 230 -15.59 8.45 3.39
C ARG C 230 -15.10 7.72 2.13
N ALA C 231 -15.90 7.65 1.06
CA ALA C 231 -15.50 6.97 -0.19
C ALA C 231 -14.18 7.58 -0.73
N VAL C 232 -14.11 8.91 -0.73
CA VAL C 232 -12.94 9.59 -1.23
C VAL C 232 -11.77 9.49 -0.25
N ASN C 233 -12.02 9.77 1.02
CA ASN C 233 -10.95 9.74 2.03
C ASN C 233 -10.37 8.34 2.25
N GLN C 234 -11.21 7.31 2.19
CA GLN C 234 -10.73 5.94 2.32
C GLN C 234 -9.96 5.49 1.07
N THR C 235 -10.38 5.96 -0.10
CA THR C 235 -9.57 5.75 -1.30
C THR C 235 -8.18 6.32 -1.08
N LEU C 236 -8.09 7.55 -0.57
CA LEU C 236 -6.80 8.18 -0.32
C LEU C 236 -5.99 7.36 0.71
N ASP C 237 -6.64 6.88 1.76
CA ASP C 237 -5.94 6.05 2.75
C ASP C 237 -5.42 4.71 2.24
N VAL C 238 -6.20 4.07 1.35
CA VAL C 238 -5.75 2.87 0.68
C VAL C 238 -4.57 3.19 -0.23
N GLN C 239 -4.61 4.34 -0.86
CA GLN C 239 -3.46 4.86 -1.71
C GLN C 239 -2.20 5.15 -0.88
N GLY C 240 -2.36 5.28 0.43
CA GLY C 240 -1.28 5.49 1.40
C GLY C 240 -1.26 6.80 2.15
N PHE C 241 -2.36 7.57 2.12
CA PHE C 241 -2.37 8.92 2.69
C PHE C 241 -1.98 8.93 4.17
N TYR C 242 -2.70 8.15 4.98
CA TYR C 242 -2.39 8.12 6.42
C TYR C 242 -0.92 7.76 6.66
N ALA C 243 -0.47 6.67 6.05
CA ALA C 243 0.88 6.18 6.27
C ALA C 243 1.92 7.19 5.78
N ALA C 244 1.66 7.86 4.64
CA ALA C 244 2.60 8.83 4.12
C ALA C 244 2.71 10.06 5.04
N ILE C 245 1.58 10.54 5.54
CA ILE C 245 1.55 11.68 6.44
C ILE C 245 2.36 11.38 7.68
N GLN C 246 2.22 10.18 8.20
CA GLN C 246 3.00 9.77 9.37
C GLN C 246 4.51 9.70 9.04
N SER C 247 4.84 9.16 7.85
CA SER C 247 6.23 9.06 7.44
CA SER C 247 6.24 9.08 7.37
C SER C 247 6.87 10.45 7.33
N VAL C 248 6.17 11.40 6.71
CA VAL C 248 6.76 12.71 6.51
C VAL C 248 6.85 13.50 7.80
N PHE C 249 5.96 13.22 8.75
CA PHE C 249 6.12 13.86 10.05
C PHE C 249 7.52 13.59 10.65
N ASP C 250 8.00 12.35 10.58
CA ASP C 250 9.33 12.04 11.07
C ASP C 250 10.42 12.71 10.25
N ILE C 251 10.21 12.79 8.95
CA ILE C 251 11.13 13.57 8.09
C ILE C 251 11.24 15.04 8.53
N HIS C 252 10.08 15.67 8.75
CA HIS C 252 10.00 17.00 9.28
C HIS C 252 10.77 17.11 10.57
N GLN C 253 10.58 16.15 11.47
CA GLN C 253 11.23 16.20 12.77
C GLN C 253 12.75 16.02 12.68
N THR C 254 13.26 15.29 11.69
CA THR C 254 14.73 15.31 11.48
C THR C 254 15.26 16.73 11.17
N GLY C 255 14.44 17.57 10.59
CA GLY C 255 14.86 18.95 10.37
C GLY C 255 14.99 19.71 11.66
N HIS C 256 14.02 19.58 12.56
CA HIS C 256 14.16 20.12 13.92
C HIS C 256 15.39 19.58 14.62
N GLY C 257 15.61 18.26 14.49
CA GLY C 257 16.77 17.64 15.12
C GLY C 257 18.07 18.25 14.62
N ASN C 258 18.14 18.46 13.31
CA ASN C 258 19.36 19.03 12.73
C ASN C 258 19.55 20.48 13.17
N ALA C 259 18.49 21.27 13.10
CA ALA C 259 18.55 22.68 13.49
C ALA C 259 19.07 22.82 14.93
N MET C 260 18.58 21.96 15.82
CA MET C 260 19.01 21.95 17.21
C MET C 260 20.47 21.57 17.34
N SER C 261 20.93 20.59 16.55
CA SER C 261 22.33 20.18 16.57
C SER C 261 23.26 21.32 16.08
N VAL C 262 22.78 22.17 15.18
CA VAL C 262 23.53 23.31 14.66
C VAL C 262 23.54 24.51 15.62
N SER C 263 22.37 24.87 16.15
CA SER C 263 22.16 26.14 16.87
C SER C 263 21.56 26.03 18.28
N GLY C 264 21.05 24.86 18.66
CA GLY C 264 20.29 24.69 19.91
C GLY C 264 18.79 25.04 19.81
N TRP C 265 18.38 25.59 18.67
CA TRP C 265 16.99 25.98 18.43
C TRP C 265 16.40 25.08 17.35
N PRO C 266 15.07 24.85 17.38
CA PRO C 266 14.37 23.95 16.45
C PRO C 266 14.29 24.44 15.01
N VAL C 267 14.60 25.70 14.75
CA VAL C 267 14.64 26.22 13.38
C VAL C 267 15.84 27.14 13.23
N LEU C 268 16.43 27.18 12.04
CA LEU C 268 17.58 28.04 11.78
C LEU C 268 17.12 29.49 11.65
N GLU D 19 -29.25 -10.86 -28.37
CA GLU D 19 -28.54 -9.59 -28.13
C GLU D 19 -29.55 -8.48 -28.36
N MET D 20 -30.48 -8.32 -27.44
CA MET D 20 -31.58 -7.34 -27.60
C MET D 20 -31.16 -5.87 -27.52
N TYR D 21 -30.28 -5.57 -26.56
CA TYR D 21 -29.96 -4.19 -26.24
C TYR D 21 -28.57 -3.71 -26.68
N ILE D 22 -27.73 -4.67 -27.05
CA ILE D 22 -26.31 -4.43 -27.36
C ILE D 22 -26.07 -4.94 -28.79
N ASP D 23 -25.53 -4.08 -29.65
CA ASP D 23 -25.15 -4.48 -31.01
C ASP D 23 -23.64 -4.67 -31.06
N TYR D 24 -23.18 -5.69 -31.80
CA TYR D 24 -21.77 -6.05 -31.83
C TYR D 24 -21.38 -6.16 -33.28
N ASP D 25 -20.35 -5.42 -33.66
CA ASP D 25 -19.82 -5.45 -35.05
C ASP D 25 -18.33 -5.54 -35.01
N VAL D 26 -17.76 -6.38 -35.87
CA VAL D 26 -16.32 -6.47 -36.02
C VAL D 26 -15.93 -6.19 -37.45
N SER D 27 -15.05 -5.22 -37.64
CA SER D 27 -14.41 -4.99 -38.92
C SER D 27 -13.20 -4.13 -38.67
N ASP D 28 -12.22 -4.21 -39.57
CA ASP D 28 -11.01 -3.36 -39.49
C ASP D 28 -10.27 -3.53 -38.14
N ARG D 29 -10.34 -4.72 -37.59
CA ARG D 29 -9.66 -5.07 -36.35
C ARG D 29 -10.30 -4.41 -35.11
N ILE D 30 -11.51 -3.88 -35.27
CA ILE D 30 -12.22 -3.18 -34.21
C ILE D 30 -13.53 -3.89 -33.87
N ALA D 31 -13.74 -4.22 -32.59
CA ALA D 31 -15.05 -4.65 -32.10
C ALA D 31 -15.80 -3.42 -31.63
N THR D 32 -16.89 -3.06 -32.32
CA THR D 32 -17.71 -1.95 -31.89
C THR D 32 -18.91 -2.50 -31.10
N ILE D 33 -19.00 -2.12 -29.83
CA ILE D 33 -20.08 -2.53 -28.95
C ILE D 33 -20.96 -1.32 -28.73
N THR D 34 -22.23 -1.42 -29.15
CA THR D 34 -23.14 -0.29 -29.15
C THR D 34 -24.27 -0.52 -28.17
N LEU D 35 -24.43 0.42 -27.25
CA LEU D 35 -25.62 0.51 -26.40
C LEU D 35 -26.77 0.98 -27.29
N ASN D 36 -27.76 0.11 -27.45
CA ASN D 36 -28.89 0.42 -28.33
C ASN D 36 -30.23 0.46 -27.62
N ARG D 37 -30.32 1.30 -26.60
CA ARG D 37 -31.59 1.63 -25.89
C ARG D 37 -31.88 3.14 -25.81
N PRO D 38 -31.88 3.82 -26.96
CA PRO D 38 -31.95 5.27 -26.97
C PRO D 38 -33.29 5.81 -26.45
N GLU D 39 -34.30 5.00 -26.59
CA GLU D 39 -35.65 5.37 -26.16
C GLU D 39 -35.78 5.47 -24.63
N ALA D 40 -34.83 4.86 -23.90
CA ALA D 40 -34.71 5.03 -22.45
C ALA D 40 -33.40 5.71 -22.10
N ALA D 41 -32.85 6.47 -23.05
CA ALA D 41 -31.55 7.14 -22.84
C ALA D 41 -30.45 6.15 -22.34
N ASN D 42 -30.51 4.94 -22.83
CA ASN D 42 -29.53 3.90 -22.52
C ASN D 42 -29.40 3.66 -21.01
N ALA D 43 -30.53 3.79 -20.32
CA ALA D 43 -30.68 3.29 -18.96
C ALA D 43 -30.36 1.77 -18.98
N GLN D 44 -29.70 1.29 -17.95
CA GLN D 44 -29.18 -0.07 -17.93
C GLN D 44 -29.99 -0.97 -17.02
N ASN D 45 -30.69 -1.92 -17.61
CA ASN D 45 -31.37 -2.92 -16.82
C ASN D 45 -30.46 -4.16 -16.72
N PRO D 46 -30.82 -5.14 -15.89
CA PRO D 46 -29.92 -6.28 -15.78
C PRO D 46 -29.69 -7.04 -17.05
N GLU D 47 -30.69 -7.09 -17.93
CA GLU D 47 -30.55 -7.79 -19.18
C GLU D 47 -29.52 -7.10 -20.09
N LEU D 48 -29.60 -5.80 -20.17
CA LEU D 48 -28.63 -5.02 -20.95
C LEU D 48 -27.22 -5.29 -20.46
N LEU D 49 -27.03 -5.28 -19.13
CA LEU D 49 -25.71 -5.47 -18.54
C LEU D 49 -25.16 -6.85 -18.79
N ASP D 50 -26.01 -7.87 -18.68
CA ASP D 50 -25.60 -9.26 -19.00
C ASP D 50 -25.14 -9.36 -20.45
N GLU D 51 -25.88 -8.72 -21.37
CA GLU D 51 -25.51 -8.72 -22.80
C GLU D 51 -24.22 -7.97 -23.04
N LEU D 52 -24.04 -6.86 -22.32
CA LEU D 52 -22.85 -6.04 -22.44
C LEU D 52 -21.64 -6.82 -21.99
N ASP D 53 -21.76 -7.51 -20.84
CA ASP D 53 -20.67 -8.39 -20.38
C ASP D 53 -20.33 -9.49 -21.39
N ALA D 54 -21.34 -10.09 -22.01
CA ALA D 54 -21.12 -11.11 -23.02
C ALA D 54 -20.36 -10.55 -24.24
N ALA D 55 -20.71 -9.31 -24.65
CA ALA D 55 -20.07 -8.64 -25.79
C ALA D 55 -18.58 -8.35 -25.47
N TRP D 56 -18.29 -7.85 -24.26
CA TRP D 56 -16.87 -7.62 -23.88
C TRP D 56 -16.08 -8.92 -23.91
N THR D 57 -16.65 -9.97 -23.34
CA THR D 57 -16.04 -11.31 -23.41
C THR D 57 -15.82 -11.81 -24.84
N ARG D 58 -16.83 -11.63 -25.69
CA ARG D 58 -16.70 -12.02 -27.10
C ARG D 58 -15.53 -11.29 -27.77
N ALA D 59 -15.43 -9.97 -27.52
CA ALA D 59 -14.37 -9.16 -28.13
C ALA D 59 -13.00 -9.61 -27.63
N ALA D 60 -12.94 -9.94 -26.34
CA ALA D 60 -11.66 -10.35 -25.75
C ALA D 60 -11.16 -11.63 -26.39
N GLU D 61 -12.07 -12.54 -26.73
CA GLU D 61 -11.76 -13.85 -27.33
C GLU D 61 -11.67 -13.85 -28.88
N ASP D 62 -12.09 -12.78 -29.54
CA ASP D 62 -12.19 -12.73 -30.99
C ASP D 62 -10.82 -12.39 -31.58
N ASN D 63 -10.28 -13.35 -32.35
CA ASN D 63 -8.97 -13.15 -32.99
C ASN D 63 -9.00 -12.17 -34.15
N ASP D 64 -10.17 -11.75 -34.59
CA ASP D 64 -10.25 -10.71 -35.59
C ASP D 64 -10.23 -9.29 -34.95
N VAL D 65 -10.09 -9.22 -33.62
CA VAL D 65 -10.27 -7.95 -32.86
C VAL D 65 -8.96 -7.54 -32.16
N SER D 66 -8.46 -6.35 -32.48
CA SER D 66 -7.35 -5.71 -31.74
C SER D 66 -7.78 -4.65 -30.75
N VAL D 67 -8.86 -3.93 -31.05
CA VAL D 67 -9.30 -2.74 -30.25
C VAL D 67 -10.80 -2.83 -30.09
N ILE D 68 -11.27 -2.42 -28.93
CA ILE D 68 -12.69 -2.37 -28.59
C ILE D 68 -13.14 -0.90 -28.56
N VAL D 69 -14.26 -0.62 -29.23
CA VAL D 69 -14.93 0.68 -29.11
C VAL D 69 -16.33 0.49 -28.49
N LEU D 70 -16.59 1.22 -27.41
CA LEU D 70 -17.88 1.26 -26.74
C LEU D 70 -18.53 2.57 -27.09
N ARG D 71 -19.73 2.50 -27.66
CA ARG D 71 -20.45 3.67 -28.05
C ARG D 71 -21.93 3.44 -27.77
N ALA D 72 -22.72 4.45 -28.07
CA ALA D 72 -24.14 4.49 -27.71
C ALA D 72 -24.94 5.20 -28.78
N ASN D 73 -26.10 4.65 -29.11
CA ASN D 73 -27.05 5.33 -29.98
C ASN D 73 -27.87 6.43 -29.30
N GLY D 74 -28.27 7.44 -30.07
CA GLY D 74 -29.15 8.47 -29.52
C GLY D 74 -28.40 9.68 -28.98
N LYS D 75 -29.14 10.50 -28.25
CA LYS D 75 -28.61 11.78 -27.75
C LYS D 75 -27.68 11.59 -26.55
N HIS D 76 -27.84 10.49 -25.81
CA HIS D 76 -27.22 10.31 -24.47
C HIS D 76 -26.51 9.00 -24.37
N PHE D 77 -25.30 9.07 -23.83
CA PHE D 77 -24.48 7.88 -23.64
C PHE D 77 -25.19 6.91 -22.68
N SER D 78 -25.52 7.37 -21.47
CA SER D 78 -26.33 6.58 -20.53
C SER D 78 -26.85 7.39 -19.35
N ALA D 79 -28.17 7.32 -19.14
CA ALA D 79 -28.83 7.92 -17.99
C ALA D 79 -28.57 7.17 -16.65
N GLY D 80 -27.88 6.05 -16.71
CA GLY D 80 -27.51 5.26 -15.55
C GLY D 80 -28.31 4.00 -15.39
N HIS D 81 -28.44 3.52 -14.16
CA HIS D 81 -29.08 2.25 -13.88
C HIS D 81 -30.58 2.40 -13.93
N ASP D 82 -31.24 1.48 -14.63
CA ASP D 82 -32.70 1.44 -14.72
C ASP D 82 -33.26 0.82 -13.47
N LEU D 83 -33.93 1.58 -12.62
CA LEU D 83 -34.46 0.99 -11.35
C LEU D 83 -35.90 0.57 -11.48
N ARG D 84 -36.61 1.13 -12.45
CA ARG D 84 -37.82 0.46 -12.95
C ARG D 84 -37.47 -1.01 -13.35
N GLY D 85 -36.18 -1.29 -13.60
CA GLY D 85 -35.73 -2.56 -14.18
C GLY D 85 -35.92 -3.78 -13.30
N PRO D 90 -38.45 -11.10 -4.60
CA PRO D 90 -38.03 -11.61 -3.28
C PRO D 90 -38.94 -11.03 -2.17
N ASP D 91 -39.76 -11.87 -1.54
CA ASP D 91 -40.84 -11.40 -0.68
C ASP D 91 -40.34 -10.62 0.52
N LYS D 92 -39.17 -10.97 1.04
CA LYS D 92 -38.54 -10.20 2.12
C LYS D 92 -37.24 -9.70 1.52
N LEU D 93 -37.15 -8.40 1.25
CA LEU D 93 -36.01 -7.83 0.55
C LEU D 93 -34.95 -7.53 1.61
N THR D 94 -33.70 -7.89 1.32
CA THR D 94 -32.65 -7.79 2.32
C THR D 94 -31.42 -7.19 1.69
N LEU D 95 -30.55 -6.61 2.53
CA LEU D 95 -29.31 -6.08 2.03
C LEU D 95 -28.49 -7.19 1.37
N GLU D 96 -28.53 -8.40 1.93
CA GLU D 96 -27.82 -9.53 1.31
C GLU D 96 -28.15 -9.66 -0.18
N PHE D 97 -29.42 -9.54 -0.53
CA PHE D 97 -29.88 -9.65 -1.94
C PHE D 97 -29.36 -8.51 -2.82
N ILE D 98 -29.45 -7.27 -2.33
CA ILE D 98 -28.94 -6.11 -3.04
C ILE D 98 -27.43 -6.23 -3.27
N TYR D 99 -26.74 -6.57 -2.19
CA TYR D 99 -25.29 -6.75 -2.21
C TYR D 99 -24.86 -7.77 -3.25
N ALA D 100 -25.49 -8.92 -3.27
CA ALA D 100 -25.11 -10.00 -4.17
C ALA D 100 -25.29 -9.57 -5.62
N HIS D 101 -26.43 -9.00 -5.97
CA HIS D 101 -26.66 -8.61 -7.33
C HIS D 101 -25.82 -7.46 -7.80
N GLU D 102 -25.65 -6.43 -6.96
CA GLU D 102 -24.79 -5.31 -7.30
C GLU D 102 -23.32 -5.76 -7.39
N SER D 103 -22.91 -6.71 -6.56
CA SER D 103 -21.52 -7.15 -6.61
C SER D 103 -21.22 -7.82 -7.95
N ARG D 104 -22.22 -8.46 -8.55
CA ARG D 104 -22.00 -9.11 -9.82
C ARG D 104 -22.09 -8.11 -10.96
N ARG D 105 -23.25 -7.48 -11.14
CA ARG D 105 -23.47 -6.72 -12.38
C ARG D 105 -22.88 -5.35 -12.41
N TYR D 106 -22.58 -4.81 -11.24
CA TYR D 106 -21.96 -3.52 -11.18
C TYR D 106 -20.45 -3.67 -11.00
N LEU D 107 -20.03 -4.18 -9.87
CA LEU D 107 -18.62 -4.27 -9.53
C LEU D 107 -17.83 -5.30 -10.34
N GLU D 108 -18.25 -6.58 -10.34
CA GLU D 108 -17.46 -7.63 -11.00
C GLU D 108 -17.41 -7.40 -12.53
N TYR D 109 -18.55 -7.03 -13.11
CA TYR D 109 -18.59 -6.76 -14.55
C TYR D 109 -17.63 -5.62 -14.92
N SER D 110 -17.75 -4.49 -14.22
CA SER D 110 -16.95 -3.32 -14.56
C SER D 110 -15.46 -3.62 -14.42
N LEU D 111 -15.07 -4.35 -13.36
CA LEU D 111 -13.67 -4.73 -13.20
C LEU D 111 -13.21 -5.69 -14.30
N ARG D 112 -14.07 -6.60 -14.72
CA ARG D 112 -13.71 -7.54 -15.79
C ARG D 112 -13.44 -6.79 -17.11
N TRP D 113 -14.29 -5.82 -17.42
CA TRP D 113 -14.09 -4.97 -18.62
C TRP D 113 -12.80 -4.19 -18.55
N ARG D 114 -12.55 -3.61 -17.38
CA ARG D 114 -11.33 -2.92 -17.10
C ARG D 114 -10.09 -3.74 -17.46
N ASN D 115 -10.11 -5.03 -17.14
CA ASN D 115 -8.99 -5.92 -17.31
C ASN D 115 -8.91 -6.68 -18.63
N VAL D 116 -9.88 -6.49 -19.51
CA VAL D 116 -9.82 -7.17 -20.81
C VAL D 116 -8.49 -6.78 -21.48
N PRO D 117 -7.70 -7.76 -21.99
CA PRO D 117 -6.30 -7.45 -22.39
C PRO D 117 -6.13 -6.91 -23.80
N LYS D 118 -7.02 -6.00 -24.19
CA LYS D 118 -6.98 -5.33 -25.46
C LYS D 118 -7.36 -3.88 -25.20
N PRO D 119 -6.81 -2.94 -25.98
CA PRO D 119 -7.19 -1.50 -25.81
C PRO D 119 -8.70 -1.29 -26.04
N SER D 120 -9.28 -0.44 -25.20
CA SER D 120 -10.66 -0.09 -25.33
C SER D 120 -10.86 1.42 -25.26
N ILE D 121 -11.85 1.92 -26.00
CA ILE D 121 -12.12 3.34 -26.12
C ILE D 121 -13.63 3.56 -25.97
N ALA D 122 -14.03 4.42 -25.03
CA ALA D 122 -15.44 4.84 -24.92
C ALA D 122 -15.67 6.13 -25.67
N ALA D 123 -16.74 6.16 -26.46
CA ALA D 123 -17.20 7.42 -27.11
C ALA D 123 -18.46 7.89 -26.39
N VAL D 124 -18.40 9.05 -25.74
CA VAL D 124 -19.45 9.51 -24.84
C VAL D 124 -20.04 10.83 -25.33
N GLN D 125 -21.33 10.79 -25.69
CA GLN D 125 -22.09 11.97 -26.09
C GLN D 125 -23.15 12.26 -25.00
N GLY D 126 -23.60 13.51 -24.90
CA GLY D 126 -24.75 13.88 -24.05
C GLY D 126 -24.54 13.50 -22.60
N ARG D 127 -25.60 13.02 -21.95
CA ARG D 127 -25.58 12.69 -20.55
C ARG D 127 -24.95 11.33 -20.27
N CYS D 128 -24.06 11.34 -19.27
CA CYS D 128 -23.47 10.15 -18.70
C CYS D 128 -23.62 10.36 -17.20
N ILE D 129 -24.61 9.70 -16.64
CA ILE D 129 -25.07 9.94 -15.26
C ILE D 129 -24.90 8.67 -14.43
N SER D 130 -24.26 8.84 -13.27
CA SER D 130 -24.14 7.79 -12.25
C SER D 130 -23.71 6.44 -12.85
N GLY D 131 -24.60 5.47 -12.96
CA GLY D 131 -24.28 4.20 -13.58
C GLY D 131 -23.63 4.26 -14.94
N GLY D 132 -23.87 5.34 -15.69
CA GLY D 132 -23.17 5.54 -16.94
C GLY D 132 -21.67 5.45 -16.82
N LEU D 133 -21.15 5.98 -15.70
CA LEU D 133 -19.71 5.97 -15.43
C LEU D 133 -19.11 4.56 -15.30
N LEU D 134 -19.94 3.59 -14.91
CA LEU D 134 -19.51 2.20 -14.81
C LEU D 134 -19.27 1.57 -16.18
N LEU D 135 -19.73 2.22 -17.24
CA LEU D 135 -19.54 1.74 -18.59
C LEU D 135 -18.33 2.35 -19.24
N CYS D 136 -18.10 3.65 -19.02
CA CYS D 136 -16.98 4.31 -19.66
C CYS D 136 -15.67 4.27 -18.84
N TRP D 137 -15.73 4.38 -17.50
CA TRP D 137 -14.50 4.31 -16.72
C TRP D 137 -13.68 3.04 -16.93
N PRO D 138 -14.30 1.86 -17.10
CA PRO D 138 -13.47 0.68 -17.38
C PRO D 138 -12.70 0.70 -18.73
N CYS D 139 -13.11 1.56 -19.67
CA CYS D 139 -12.42 1.70 -20.93
C CYS D 139 -11.08 2.37 -20.69
N ASP D 140 -10.08 2.04 -21.50
CA ASP D 140 -8.77 2.63 -21.37
C ASP D 140 -8.76 4.13 -21.65
N LEU D 141 -9.39 4.52 -22.77
CA LEU D 141 -9.43 5.90 -23.25
C LEU D 141 -10.90 6.33 -23.35
N ILE D 142 -11.18 7.61 -23.14
CA ILE D 142 -12.51 8.18 -23.33
C ILE D 142 -12.40 9.41 -24.24
N ILE D 143 -13.22 9.38 -25.30
CA ILE D 143 -13.38 10.52 -26.22
C ILE D 143 -14.79 11.03 -25.96
N ALA D 144 -14.93 12.34 -25.70
CA ALA D 144 -16.23 12.91 -25.39
C ALA D 144 -16.62 13.97 -26.42
N ALA D 145 -17.91 14.01 -26.73
CA ALA D 145 -18.47 15.15 -27.47
C ALA D 145 -18.42 16.42 -26.64
N GLU D 146 -18.34 17.56 -27.32
CA GLU D 146 -18.33 18.87 -26.67
C GLU D 146 -19.53 19.06 -25.76
N ASP D 147 -20.65 18.43 -26.13
CA ASP D 147 -21.94 18.49 -25.44
C ASP D 147 -22.11 17.52 -24.25
N ALA D 148 -21.09 16.70 -23.99
CA ALA D 148 -21.21 15.66 -22.97
C ALA D 148 -21.25 16.27 -21.56
N LEU D 149 -22.08 15.70 -20.71
CA LEU D 149 -22.25 16.15 -19.33
C LEU D 149 -22.15 14.94 -18.40
N PHE D 150 -21.21 14.99 -17.47
CA PHE D 150 -20.94 13.86 -16.58
C PHE D 150 -21.36 14.24 -15.17
N SER D 151 -22.02 13.33 -14.48
CA SER D 151 -22.51 13.60 -13.14
C SER D 151 -22.66 12.31 -12.36
N ASP D 152 -22.69 12.44 -11.03
CA ASP D 152 -23.13 11.33 -10.19
C ASP D 152 -23.89 11.87 -8.98
N PRO D 153 -25.20 12.13 -9.16
CA PRO D 153 -26.02 12.71 -8.12
C PRO D 153 -26.68 11.69 -7.16
N VAL D 154 -26.13 10.50 -6.99
CA VAL D 154 -26.82 9.49 -6.13
C VAL D 154 -26.85 9.83 -4.63
N VAL D 155 -26.10 10.84 -4.19
CA VAL D 155 -26.22 11.28 -2.79
C VAL D 155 -27.68 11.67 -2.49
N LEU D 156 -28.39 12.19 -3.47
CA LEU D 156 -29.82 12.52 -3.32
C LEU D 156 -30.67 11.28 -2.91
N MET D 157 -30.23 10.10 -3.34
CA MET D 157 -30.89 8.84 -3.01
C MET D 157 -30.32 8.18 -1.76
N ASP D 158 -29.49 8.89 -1.00
CA ASP D 158 -28.88 8.42 0.26
C ASP D 158 -27.67 7.47 0.11
N ILE D 159 -26.98 7.57 -1.01
CA ILE D 159 -25.91 6.66 -1.34
C ILE D 159 -24.64 7.48 -1.62
N GLY D 160 -23.49 7.03 -1.11
CA GLY D 160 -22.23 7.77 -1.30
C GLY D 160 -21.48 7.55 -2.58
N GLY D 161 -22.09 7.93 -3.70
CA GLY D 161 -21.51 7.69 -5.03
C GLY D 161 -21.81 6.28 -5.50
N VAL D 162 -21.65 6.06 -6.79
CA VAL D 162 -21.92 4.77 -7.41
C VAL D 162 -20.98 3.65 -6.93
N GLU D 163 -21.31 2.43 -7.36
CA GLU D 163 -20.71 1.21 -6.81
C GLU D 163 -19.22 1.01 -7.10
N TYR D 164 -18.73 1.57 -8.20
CA TYR D 164 -17.39 1.44 -8.66
C TYR D 164 -16.80 2.82 -8.54
N HIS D 165 -15.97 3.01 -7.53
CA HIS D 165 -15.49 4.35 -7.17
C HIS D 165 -14.27 4.76 -8.01
N GLY D 166 -14.53 5.13 -9.27
CA GLY D 166 -13.51 5.73 -10.11
C GLY D 166 -13.28 7.21 -9.80
N HIS D 167 -14.19 7.83 -9.03
CA HIS D 167 -14.23 9.31 -8.92
C HIS D 167 -12.92 9.89 -8.49
N THR D 168 -12.37 9.39 -7.40
CA THR D 168 -11.14 9.94 -6.83
C THR D 168 -9.97 9.79 -7.77
N TRP D 169 -9.91 8.65 -8.44
CA TRP D 169 -8.85 8.31 -9.40
C TRP D 169 -8.92 9.16 -10.66
N GLU D 170 -10.13 9.43 -11.09
CA GLU D 170 -10.36 10.10 -12.37
C GLU D 170 -10.41 11.61 -12.26
N LEU D 171 -10.96 12.11 -11.16
CA LEU D 171 -11.24 13.53 -10.96
C LEU D 171 -10.32 14.22 -9.97
N GLY D 172 -9.59 13.46 -9.17
CA GLY D 172 -8.96 13.97 -7.98
C GLY D 172 -9.97 14.01 -6.83
N PRO D 173 -9.47 13.95 -5.58
CA PRO D 173 -10.38 13.87 -4.42
C PRO D 173 -11.27 15.08 -4.23
N ARG D 174 -10.74 16.29 -4.39
CA ARG D 174 -11.58 17.52 -4.14
C ARG D 174 -12.71 17.67 -5.14
N LYS D 175 -12.43 17.41 -6.42
CA LYS D 175 -13.48 17.47 -7.45
C LYS D 175 -14.47 16.32 -7.22
N ALA D 176 -13.96 15.14 -6.85
CA ALA D 176 -14.85 14.00 -6.58
C ALA D 176 -15.84 14.33 -5.45
N LYS D 177 -15.32 14.87 -4.34
CA LYS D 177 -16.17 15.29 -3.23
C LYS D 177 -17.14 16.39 -3.66
N GLU D 178 -16.66 17.36 -4.38
CA GLU D 178 -17.53 18.46 -4.82
C GLU D 178 -18.73 17.95 -5.64
N ILE D 179 -18.48 17.08 -6.62
CA ILE D 179 -19.60 16.63 -7.47
C ILE D 179 -20.48 15.58 -6.78
N LEU D 180 -19.95 14.84 -5.81
CA LEU D 180 -20.82 14.00 -5.00
C LEU D 180 -21.66 14.76 -4.01
N PHE D 181 -21.09 15.78 -3.38
CA PHE D 181 -21.78 16.55 -2.35
C PHE D 181 -22.87 17.40 -2.97
N THR D 182 -22.67 17.86 -4.20
CA THR D 182 -23.63 18.76 -4.83
C THR D 182 -24.52 18.07 -5.86
N GLY D 183 -24.08 16.96 -6.41
CA GLY D 183 -24.73 16.32 -7.56
C GLY D 183 -24.66 17.10 -8.85
N ARG D 184 -23.73 18.05 -8.96
CA ARG D 184 -23.66 18.86 -10.18
C ARG D 184 -23.02 18.11 -11.35
N ALA D 185 -23.31 18.59 -12.56
CA ALA D 185 -22.71 18.05 -13.78
C ALA D 185 -21.40 18.76 -14.08
N MET D 186 -20.54 18.05 -14.81
CA MET D 186 -19.28 18.55 -15.31
C MET D 186 -19.29 18.48 -16.83
N THR D 187 -18.85 19.55 -17.50
CA THR D 187 -18.71 19.57 -18.97
C THR D 187 -17.56 18.67 -19.42
N ALA D 188 -17.58 18.34 -20.70
CA ALA D 188 -16.49 17.61 -21.34
C ALA D 188 -15.17 18.29 -21.08
N GLU D 189 -15.13 19.62 -21.22
CA GLU D 189 -13.88 20.38 -21.00
C GLU D 189 -13.39 20.24 -19.57
N GLU D 190 -14.32 20.29 -18.62
CA GLU D 190 -13.95 20.14 -17.23
C GLU D 190 -13.31 18.78 -16.93
N VAL D 191 -13.89 17.70 -17.46
CA VAL D 191 -13.34 16.40 -17.21
C VAL D 191 -12.07 16.15 -18.06
N ALA D 192 -11.97 16.77 -19.21
CA ALA D 192 -10.69 16.68 -19.95
C ALA D 192 -9.55 17.31 -19.11
N GLN D 193 -9.83 18.38 -18.34
CA GLN D 193 -8.77 19.02 -17.54
CA GLN D 193 -8.79 19.05 -17.53
C GLN D 193 -8.25 18.10 -16.43
N THR D 194 -9.10 17.20 -15.92
CA THR D 194 -8.63 16.25 -14.88
C THR D 194 -7.89 15.02 -15.45
N GLY D 195 -7.99 14.84 -16.75
CA GLY D 195 -7.42 13.69 -17.44
C GLY D 195 -8.43 12.55 -17.61
N MET D 196 -9.64 12.69 -17.09
CA MET D 196 -10.64 11.63 -17.23
C MET D 196 -11.06 11.42 -18.67
N VAL D 197 -11.11 12.51 -19.45
CA VAL D 197 -11.38 12.43 -20.89
C VAL D 197 -10.08 12.71 -21.65
N ASN D 198 -9.74 11.85 -22.59
CA ASN D 198 -8.55 12.03 -23.41
C ASN D 198 -8.65 13.15 -24.43
N ARG D 199 -9.79 13.25 -25.08
CA ARG D 199 -9.99 14.21 -26.17
C ARG D 199 -11.45 14.63 -26.20
N VAL D 200 -11.67 15.90 -26.50
CA VAL D 200 -13.00 16.48 -26.69
C VAL D 200 -13.14 16.87 -28.17
N VAL D 201 -14.24 16.44 -28.80
CA VAL D 201 -14.49 16.70 -30.22
C VAL D 201 -15.92 17.09 -30.46
N PRO D 202 -16.19 17.77 -31.59
CA PRO D 202 -17.58 18.08 -31.85
C PRO D 202 -18.46 16.82 -31.91
N ARG D 203 -19.72 16.94 -31.51
CA ARG D 203 -20.63 15.80 -31.48
C ARG D 203 -20.72 15.11 -32.85
N ASP D 204 -20.75 15.86 -33.96
CA ASP D 204 -20.90 15.20 -35.26
C ASP D 204 -19.59 14.55 -35.76
N ARG D 205 -18.50 14.70 -35.01
CA ARG D 205 -17.25 14.00 -35.32
C ARG D 205 -16.89 12.87 -34.34
N LEU D 206 -17.75 12.62 -33.35
CA LEU D 206 -17.39 11.70 -32.25
C LEU D 206 -17.10 10.30 -32.79
N ASP D 207 -18.00 9.78 -33.60
CA ASP D 207 -17.82 8.41 -34.08
C ASP D 207 -16.59 8.32 -35.00
N ALA D 208 -16.44 9.30 -35.90
CA ALA D 208 -15.31 9.26 -36.84
C ALA D 208 -13.97 9.38 -36.15
N GLU D 209 -13.92 10.24 -35.15
CA GLU D 209 -12.66 10.47 -34.45
C GLU D 209 -12.30 9.25 -33.63
N THR D 210 -13.32 8.65 -32.99
CA THR D 210 -13.10 7.43 -32.21
C THR D 210 -12.61 6.29 -33.08
N ARG D 211 -13.21 6.12 -34.24
CA ARG D 211 -12.79 5.02 -35.12
C ARG D 211 -11.41 5.24 -35.71
N ALA D 212 -11.07 6.47 -36.04
CA ALA D 212 -9.73 6.82 -36.54
C ALA D 212 -8.64 6.49 -35.52
N LEU D 213 -8.88 6.84 -34.26
CA LEU D 213 -7.96 6.54 -33.17
C LEU D 213 -7.84 5.01 -32.94
N ALA D 214 -8.99 4.33 -32.97
CA ALA D 214 -9.00 2.88 -32.84
C ALA D 214 -8.19 2.24 -33.97
N GLY D 215 -8.34 2.76 -35.19
CA GLY D 215 -7.61 2.27 -36.34
C GLY D 215 -6.14 2.47 -36.26
N GLU D 216 -5.70 3.59 -35.70
CA GLU D 216 -4.29 3.83 -35.45
C GLU D 216 -3.70 2.79 -34.50
N ILE D 217 -4.42 2.53 -33.40
CA ILE D 217 -3.97 1.63 -32.33
C ILE D 217 -3.95 0.20 -32.90
N ALA D 218 -4.90 -0.11 -33.75
CA ALA D 218 -5.03 -1.46 -34.35
C ALA D 218 -3.91 -1.82 -35.31
N LYS D 219 -3.06 -0.87 -35.66
CA LYS D 219 -1.83 -1.20 -36.41
C LYS D 219 -0.74 -1.81 -35.54
N MET D 220 -0.89 -1.72 -34.22
CA MET D 220 0.19 -2.13 -33.30
C MET D 220 0.14 -3.63 -32.96
N PRO D 221 1.28 -4.20 -32.58
CA PRO D 221 1.27 -5.63 -32.22
C PRO D 221 0.41 -5.92 -31.01
N PRO D 222 -0.47 -6.95 -31.08
CA PRO D 222 -1.34 -7.19 -29.92
C PRO D 222 -0.66 -7.45 -28.57
N PHE D 223 0.44 -8.18 -28.56
CA PHE D 223 1.06 -8.47 -27.25
C PHE D 223 1.69 -7.21 -26.64
N ALA D 224 2.20 -6.33 -27.48
CA ALA D 224 2.73 -5.03 -26.98
C ALA D 224 1.62 -4.14 -26.44
N LEU D 225 0.49 -4.09 -27.14
CA LEU D 225 -0.67 -3.37 -26.63
C LEU D 225 -1.14 -3.94 -25.27
N ARG D 226 -1.19 -5.26 -25.16
CA ARG D 226 -1.60 -5.90 -23.95
C ARG D 226 -0.67 -5.53 -22.78
N GLN D 227 0.62 -5.55 -23.04
CA GLN D 227 1.56 -5.30 -21.95
C GLN D 227 1.73 -3.82 -21.64
N ALA D 228 1.50 -2.94 -22.61
CA ALA D 228 1.40 -1.50 -22.31
C ALA D 228 0.20 -1.26 -21.39
N LYS D 229 -0.92 -1.86 -21.72
CA LYS D 229 -2.10 -1.75 -20.89
C LYS D 229 -1.82 -2.28 -19.50
N ARG D 230 -1.17 -3.44 -19.43
CA ARG D 230 -0.86 -4.05 -18.17
C ARG D 230 0.04 -3.15 -17.33
N ALA D 231 1.05 -2.56 -17.97
CA ALA D 231 2.01 -1.67 -17.27
C ALA D 231 1.26 -0.59 -16.48
N VAL D 232 0.30 0.05 -17.14
CA VAL D 232 -0.45 1.10 -16.54
C VAL D 232 -1.41 0.57 -15.50
N ASN D 233 -2.17 -0.48 -15.85
CA ASN D 233 -3.18 -0.98 -14.92
C ASN D 233 -2.56 -1.63 -13.66
N GLN D 234 -1.40 -2.26 -13.83
CA GLN D 234 -0.67 -2.85 -12.71
C GLN D 234 -0.05 -1.76 -11.84
N THR D 235 0.43 -0.67 -12.45
CA THR D 235 0.84 0.46 -11.63
C THR D 235 -0.34 0.93 -10.76
N LEU D 236 -1.51 1.04 -11.35
CA LEU D 236 -2.69 1.49 -10.62
C LEU D 236 -3.05 0.50 -9.49
N ASP D 237 -2.99 -0.82 -9.79
CA ASP D 237 -3.26 -1.81 -8.73
C ASP D 237 -2.23 -1.78 -7.57
N VAL D 238 -0.95 -1.58 -7.88
CA VAL D 238 0.07 -1.36 -6.84
C VAL D 238 -0.23 -0.07 -6.02
N GLN D 239 -0.74 0.95 -6.68
CA GLN D 239 -1.15 2.19 -6.00
C GLN D 239 -2.37 1.96 -5.11
N GLY D 240 -3.08 0.86 -5.32
CA GLY D 240 -4.23 0.50 -4.48
C GLY D 240 -5.56 0.45 -5.17
N PHE D 241 -5.58 0.48 -6.50
CA PHE D 241 -6.84 0.59 -7.23
C PHE D 241 -7.85 -0.52 -6.90
N TYR D 242 -7.43 -1.77 -7.09
CA TYR D 242 -8.30 -2.90 -6.80
C TYR D 242 -8.81 -2.87 -5.36
N ALA D 243 -7.90 -2.70 -4.40
CA ALA D 243 -8.29 -2.67 -2.99
C ALA D 243 -9.22 -1.52 -2.65
N ALA D 244 -8.99 -0.34 -3.23
CA ALA D 244 -9.84 0.83 -2.99
C ALA D 244 -11.23 0.62 -3.55
N ILE D 245 -11.31 0.09 -4.78
CA ILE D 245 -12.60 -0.22 -5.42
C ILE D 245 -13.40 -1.17 -4.54
N GLN D 246 -12.73 -2.20 -4.01
CA GLN D 246 -13.43 -3.13 -3.10
C GLN D 246 -13.90 -2.42 -1.79
N SER D 247 -13.04 -1.55 -1.23
CA SER D 247 -13.36 -0.86 0.00
CA SER D 247 -13.37 -0.81 0.00
C SER D 247 -14.60 0.04 -0.20
N VAL D 248 -14.62 0.80 -1.28
CA VAL D 248 -15.72 1.70 -1.50
C VAL D 248 -17.02 0.99 -1.82
N PHE D 249 -16.93 -0.19 -2.40
CA PHE D 249 -18.16 -0.98 -2.62
C PHE D 249 -18.90 -1.21 -1.30
N ASP D 250 -18.17 -1.52 -0.24
CA ASP D 250 -18.82 -1.71 1.04
C ASP D 250 -19.39 -0.40 1.60
N ILE D 251 -18.67 0.70 1.40
CA ILE D 251 -19.16 2.02 1.83
C ILE D 251 -20.49 2.31 1.09
N HIS D 252 -20.53 2.06 -0.21
CA HIS D 252 -21.77 2.19 -1.02
C HIS D 252 -22.88 1.34 -0.44
N GLN D 253 -22.56 0.10 -0.07
CA GLN D 253 -23.58 -0.81 0.48
C GLN D 253 -24.11 -0.37 1.86
N THR D 254 -23.32 0.37 2.64
CA THR D 254 -23.89 0.92 3.89
C THR D 254 -24.97 1.97 3.60
N GLY D 255 -24.87 2.62 2.44
CA GLY D 255 -25.94 3.50 1.95
C GLY D 255 -27.25 2.76 1.74
N HIS D 256 -27.20 1.64 1.01
CA HIS D 256 -28.37 0.78 0.85
C HIS D 256 -28.85 0.29 2.17
N GLY D 257 -27.93 -0.07 3.06
CA GLY D 257 -28.31 -0.52 4.42
C GLY D 257 -29.10 0.55 5.18
N ASN D 258 -28.61 1.78 5.14
CA ASN D 258 -29.36 2.87 5.78
C ASN D 258 -30.71 3.18 5.13
N ALA D 259 -30.76 3.26 3.80
CA ALA D 259 -32.05 3.48 3.10
C ALA D 259 -33.07 2.41 3.46
N MET D 260 -32.64 1.16 3.51
CA MET D 260 -33.50 0.07 3.92
CA MET D 260 -33.53 0.10 3.90
C MET D 260 -33.98 0.24 5.37
N SER D 261 -33.09 0.67 6.24
CA SER D 261 -33.48 0.84 7.65
C SER D 261 -34.47 1.99 7.84
N VAL D 262 -34.48 2.95 6.95
CA VAL D 262 -35.38 4.07 7.05
C VAL D 262 -36.74 3.69 6.42
N SER D 263 -36.71 3.03 5.27
CA SER D 263 -37.93 2.85 4.42
C SER D 263 -38.23 1.44 3.91
N GLY D 264 -37.34 0.47 4.12
CA GLY D 264 -37.53 -0.85 3.53
C GLY D 264 -37.30 -0.88 2.03
N TRP D 265 -36.65 0.17 1.50
CA TRP D 265 -36.36 0.27 0.06
C TRP D 265 -34.89 0.57 -0.10
N PRO D 266 -34.26 0.14 -1.22
CA PRO D 266 -32.77 0.26 -1.32
C PRO D 266 -32.25 1.68 -1.50
N VAL D 267 -33.14 2.60 -1.93
CA VAL D 267 -32.74 4.01 -2.12
C VAL D 267 -33.82 4.89 -1.51
N LEU D 268 -33.46 6.12 -1.19
CA LEU D 268 -34.45 7.11 -0.74
C LEU D 268 -35.32 7.52 -1.94
N VAL D 269 -36.62 7.34 -1.75
CA VAL D 269 -37.66 7.84 -2.65
C VAL D 269 -38.67 8.63 -1.78
N GLU E 19 -15.36 6.61 38.92
CA GLU E 19 -14.58 5.34 38.89
C GLU E 19 -15.46 4.09 39.15
N MET E 20 -16.64 4.02 38.53
CA MET E 20 -17.55 2.94 38.81
C MET E 20 -16.98 1.62 38.30
N TYR E 21 -16.52 1.59 37.06
CA TYR E 21 -16.22 0.35 36.40
C TYR E 21 -14.73 0.09 36.20
N ILE E 22 -13.90 1.11 36.33
CA ILE E 22 -12.48 1.03 35.97
C ILE E 22 -11.68 1.55 37.15
N ASP E 23 -10.75 0.73 37.66
CA ASP E 23 -9.85 1.16 38.71
CA ASP E 23 -9.81 1.06 38.74
C ASP E 23 -8.54 1.57 38.07
N TYR E 24 -7.79 2.41 38.77
CA TYR E 24 -6.61 3.04 38.15
C TYR E 24 -5.61 3.32 39.25
N ASP E 25 -4.36 2.98 39.00
CA ASP E 25 -3.26 3.13 39.93
C ASP E 25 -2.00 3.48 39.18
N VAL E 26 -1.20 4.38 39.72
CA VAL E 26 0.10 4.74 39.11
C VAL E 26 1.19 4.56 40.18
N SER E 27 2.15 3.69 39.90
CA SER E 27 3.27 3.47 40.77
C SER E 27 4.41 2.87 39.96
N ASP E 28 5.63 3.22 40.36
CA ASP E 28 6.85 2.73 39.68
C ASP E 28 6.80 3.01 38.17
N ARG E 29 6.23 4.17 37.79
CA ARG E 29 6.05 4.62 36.42
C ARG E 29 5.16 3.71 35.55
N ILE E 30 4.34 2.88 36.23
CA ILE E 30 3.38 2.02 35.59
C ILE E 30 1.97 2.50 35.91
N ALA E 31 1.16 2.73 34.87
CA ALA E 31 -0.26 2.99 35.07
C ALA E 31 -1.01 1.70 34.88
N THR E 32 -1.71 1.23 35.91
CA THR E 32 -2.48 -0.02 35.81
C THR E 32 -3.95 0.34 35.74
N ILE E 33 -4.57 -0.06 34.64
CA ILE E 33 -5.98 0.16 34.37
C ILE E 33 -6.67 -1.18 34.57
N THR E 34 -7.63 -1.27 35.50
CA THR E 34 -8.28 -2.54 35.79
C THR E 34 -9.78 -2.50 35.44
N LEU E 35 -10.25 -3.50 34.68
CA LEU E 35 -11.66 -3.61 34.40
C LEU E 35 -12.28 -4.19 35.65
N ASN E 36 -13.26 -3.50 36.21
CA ASN E 36 -13.81 -3.91 37.50
C ASN E 36 -15.33 -4.08 37.47
N ARG E 37 -15.81 -4.93 36.57
CA ARG E 37 -17.22 -5.28 36.45
C ARG E 37 -17.39 -6.82 36.40
N PRO E 38 -16.82 -7.52 37.39
CA PRO E 38 -16.89 -9.00 37.39
C PRO E 38 -18.32 -9.51 37.50
N GLU E 39 -19.22 -8.69 38.05
CA GLU E 39 -20.62 -9.09 38.13
C GLU E 39 -21.29 -9.26 36.77
N ALA E 40 -20.67 -8.77 35.70
CA ALA E 40 -21.13 -9.02 34.35
C ALA E 40 -20.01 -9.60 33.48
N ALA E 41 -19.03 -10.23 34.12
CA ALA E 41 -17.87 -10.81 33.41
C ALA E 41 -17.17 -9.75 32.55
N ASN E 42 -17.11 -8.53 33.09
CA ASN E 42 -16.48 -7.39 32.40
C ASN E 42 -17.04 -7.10 31.00
N ALA E 43 -18.33 -7.35 30.84
CA ALA E 43 -19.09 -6.89 29.65
C ALA E 43 -19.06 -5.38 29.65
N GLN E 44 -19.01 -4.82 28.45
CA GLN E 44 -18.68 -3.43 28.24
C GLN E 44 -19.94 -2.64 27.83
N ASN E 45 -20.43 -1.84 28.75
CA ASN E 45 -21.50 -0.86 28.44
C ASN E 45 -20.86 0.48 28.06
N PRO E 46 -21.63 1.43 27.51
CA PRO E 46 -21.00 2.69 27.13
C PRO E 46 -20.27 3.41 28.28
N GLU E 47 -20.84 3.34 29.48
CA GLU E 47 -20.21 3.96 30.66
C GLU E 47 -18.83 3.39 30.97
N LEU E 48 -18.71 2.06 30.92
CA LEU E 48 -17.43 1.43 31.16
C LEU E 48 -16.43 1.86 30.13
N LEU E 49 -16.85 1.85 28.85
CA LEU E 49 -15.95 2.26 27.75
C LEU E 49 -15.47 3.72 27.88
N ASP E 50 -16.39 4.61 28.29
CA ASP E 50 -16.05 6.01 28.49
C ASP E 50 -15.02 6.15 29.64
N GLU E 51 -15.21 5.42 30.75
CA GLU E 51 -14.24 5.46 31.84
C GLU E 51 -12.91 4.87 31.40
N LEU E 52 -12.97 3.81 30.59
CA LEU E 52 -11.73 3.18 30.12
C LEU E 52 -10.96 4.11 29.20
N ASP E 53 -11.67 4.75 28.27
CA ASP E 53 -11.00 5.76 27.42
C ASP E 53 -10.36 6.88 28.24
N ALA E 54 -11.08 7.39 29.26
CA ALA E 54 -10.54 8.41 30.15
C ALA E 54 -9.25 7.96 30.84
N ALA E 55 -9.21 6.70 31.24
CA ALA E 55 -8.04 6.12 31.94
C ALA E 55 -6.83 6.04 30.99
N TRP E 56 -7.04 5.61 29.74
CA TRP E 56 -5.96 5.61 28.74
C TRP E 56 -5.47 7.02 28.51
N THR E 57 -6.36 8.00 28.37
CA THR E 57 -5.93 9.40 28.16
C THR E 57 -5.12 9.96 29.34
N ARG E 58 -5.56 9.64 30.55
CA ARG E 58 -4.87 10.04 31.75
C ARG E 58 -3.45 9.50 31.78
N ALA E 59 -3.32 8.22 31.50
CA ALA E 59 -2.01 7.58 31.46
C ALA E 59 -1.15 8.17 30.36
N ALA E 60 -1.75 8.38 29.20
CA ALA E 60 -1.01 8.97 28.06
C ALA E 60 -0.40 10.32 28.38
N GLU E 61 -1.17 11.13 29.08
CA GLU E 61 -0.81 12.51 29.41
C GLU E 61 0.05 12.68 30.64
N ASP E 62 0.21 11.64 31.44
CA ASP E 62 0.91 11.76 32.70
C ASP E 62 2.38 11.47 32.50
N ASN E 63 3.22 12.50 32.70
CA ASN E 63 4.68 12.36 32.53
C ASN E 63 5.34 11.40 33.54
N ASP E 64 4.69 11.07 34.65
CA ASP E 64 5.15 10.11 35.63
C ASP E 64 4.86 8.67 35.17
N VAL E 65 4.14 8.47 34.05
CA VAL E 65 3.84 7.12 33.53
C VAL E 65 4.71 6.80 32.32
N SER E 66 5.44 5.68 32.37
CA SER E 66 6.22 5.16 31.25
C SER E 66 5.52 3.97 30.57
N VAL E 67 4.73 3.19 31.30
CA VAL E 67 4.18 1.94 30.79
C VAL E 67 2.74 1.82 31.25
N ILE E 68 1.87 1.29 30.38
CA ILE E 68 0.46 1.05 30.72
C ILE E 68 0.22 -0.44 30.81
N VAL E 69 -0.47 -0.89 31.88
CA VAL E 69 -0.91 -2.27 32.01
C VAL E 69 -2.43 -2.28 32.06
N LEU E 70 -3.05 -3.11 31.21
CA LEU E 70 -4.48 -3.30 31.24
C LEU E 70 -4.76 -4.70 31.77
N ARG E 71 -5.58 -4.80 32.80
CA ARG E 71 -5.94 -6.08 33.41
C ARG E 71 -7.39 -6.04 33.85
N ALA E 72 -7.85 -7.13 34.42
CA ALA E 72 -9.28 -7.29 34.70
C ALA E 72 -9.50 -8.11 35.95
N ASN E 73 -10.49 -7.71 36.75
CA ASN E 73 -10.84 -8.46 37.94
C ASN E 73 -11.78 -9.62 37.63
N GLY E 74 -11.65 -10.66 38.44
CA GLY E 74 -12.56 -11.82 38.29
C GLY E 74 -12.02 -12.92 37.37
N LYS E 75 -12.93 -13.80 36.98
CA LYS E 75 -12.60 -15.00 36.23
C LYS E 75 -12.29 -14.69 34.77
N HIS E 76 -12.93 -13.66 34.20
CA HIS E 76 -12.86 -13.40 32.76
C HIS E 76 -12.39 -12.00 32.43
N PHE E 77 -11.48 -11.91 31.47
CA PHE E 77 -11.00 -10.60 30.96
C PHE E 77 -12.16 -9.73 30.45
N SER E 78 -12.95 -10.26 29.52
CA SER E 78 -14.18 -9.57 29.07
C SER E 78 -15.06 -10.46 28.19
N ALA E 79 -16.33 -10.55 28.57
CA ALA E 79 -17.31 -11.31 27.79
C ALA E 79 -17.81 -10.51 26.56
N GLY E 80 -17.31 -9.28 26.38
CA GLY E 80 -17.56 -8.49 25.18
C GLY E 80 -18.50 -7.34 25.42
N HIS E 81 -19.21 -6.93 24.36
CA HIS E 81 -20.07 -5.75 24.45
C HIS E 81 -21.36 -6.09 25.10
N ASP E 82 -21.82 -5.23 26.01
CA ASP E 82 -23.04 -5.47 26.77
C ASP E 82 -24.20 -5.05 25.89
N LEU E 83 -24.95 -5.98 25.35
CA LEU E 83 -26.07 -5.54 24.50
C LEU E 83 -27.28 -5.01 25.28
N ARG E 84 -27.38 -5.34 26.56
CA ARG E 84 -28.50 -4.83 27.39
C ARG E 84 -28.28 -3.37 27.83
N GLY E 85 -27.05 -2.86 27.70
CA GLY E 85 -26.73 -1.42 27.87
C GLY E 85 -26.78 -0.70 26.52
N PRO E 90 -34.08 4.96 20.65
CA PRO E 90 -34.39 5.76 19.45
C PRO E 90 -35.63 5.18 18.71
N ASP E 91 -36.63 6.03 18.44
CA ASP E 91 -37.95 5.56 17.96
C ASP E 91 -37.84 4.78 16.64
N LYS E 92 -37.16 5.39 15.67
CA LYS E 92 -36.80 4.69 14.43
C LYS E 92 -35.27 4.54 14.39
N LEU E 93 -34.81 3.32 14.65
CA LEU E 93 -33.38 2.99 14.62
C LEU E 93 -32.91 2.84 13.17
N THR E 94 -31.79 3.48 12.85
CA THR E 94 -31.29 3.52 11.48
C THR E 94 -29.86 3.04 11.50
N LEU E 95 -29.37 2.54 10.35
CA LEU E 95 -27.96 2.22 10.25
C LEU E 95 -27.04 3.43 10.56
N GLU E 96 -27.43 4.60 10.12
CA GLU E 96 -26.68 5.85 10.41
C GLU E 96 -26.35 5.95 11.90
N PHE E 97 -27.35 5.68 12.73
CA PHE E 97 -27.21 5.80 14.19
C PHE E 97 -26.20 4.77 14.75
N ILE E 98 -26.37 3.54 14.33
CA ILE E 98 -25.49 2.47 14.72
C ILE E 98 -24.05 2.75 14.25
N TYR E 99 -23.91 3.12 12.98
CA TYR E 99 -22.61 3.44 12.38
C TYR E 99 -21.92 4.53 13.20
N ALA E 100 -22.64 5.62 13.48
CA ALA E 100 -22.10 6.75 14.25
C ALA E 100 -21.62 6.33 15.62
N HIS E 101 -22.46 5.63 16.38
CA HIS E 101 -22.04 5.22 17.71
CA HIS E 101 -22.08 5.16 17.74
C HIS E 101 -20.90 4.21 17.76
N GLU E 102 -20.91 3.25 16.88
CA GLU E 102 -19.88 2.23 16.85
C GLU E 102 -18.55 2.80 16.34
N SER E 103 -18.65 3.76 15.44
CA SER E 103 -17.45 4.39 14.91
C SER E 103 -16.67 5.14 15.99
N ARG E 104 -17.38 5.62 17.00
CA ARG E 104 -16.78 6.34 18.12
C ARG E 104 -16.30 5.40 19.21
N ARG E 105 -17.21 4.69 19.89
CA ARG E 105 -16.80 3.95 21.09
C ARG E 105 -16.10 2.64 20.80
N TYR E 106 -16.27 2.10 19.61
CA TYR E 106 -15.58 0.89 19.24
C TYR E 106 -14.34 1.25 18.42
N LEU E 107 -14.51 1.77 17.22
CA LEU E 107 -13.38 1.95 16.29
C LEU E 107 -12.42 3.05 16.73
N GLU E 108 -12.95 4.27 16.95
CA GLU E 108 -12.09 5.41 17.29
C GLU E 108 -11.35 5.18 18.63
N TYR E 109 -12.09 4.72 19.64
CA TYR E 109 -11.51 4.43 20.96
C TYR E 109 -10.37 3.43 20.82
N SER E 110 -10.61 2.32 20.13
CA SER E 110 -9.58 1.27 20.09
C SER E 110 -8.33 1.75 19.32
N LEU E 111 -8.55 2.51 18.23
CA LEU E 111 -7.38 3.02 17.47
C LEU E 111 -6.63 4.05 18.28
N ARG E 112 -7.35 4.83 19.08
CA ARG E 112 -6.71 5.82 19.93
C ARG E 112 -5.80 5.11 20.94
N TRP E 113 -6.28 4.04 21.57
CA TRP E 113 -5.47 3.31 22.53
C TRP E 113 -4.25 2.69 21.85
N ARG E 114 -4.46 2.11 20.68
CA ARG E 114 -3.38 1.51 19.85
C ARG E 114 -2.22 2.53 19.67
N ASN E 115 -2.59 3.78 19.45
CA ASN E 115 -1.63 4.82 19.11
C ASN E 115 -1.05 5.61 20.29
N VAL E 116 -1.44 5.33 21.52
CA VAL E 116 -0.86 6.04 22.67
C VAL E 116 0.65 5.82 22.64
N PRO E 117 1.46 6.88 22.74
CA PRO E 117 2.89 6.80 22.47
C PRO E 117 3.71 6.31 23.67
N LYS E 118 3.21 5.28 24.34
CA LYS E 118 3.89 4.62 25.48
C LYS E 118 3.60 3.12 25.35
N PRO E 119 4.52 2.26 25.83
CA PRO E 119 4.25 0.84 25.77
C PRO E 119 3.07 0.44 26.64
N SER E 120 2.29 -0.50 26.12
CA SER E 120 1.13 -1.02 26.84
C SER E 120 1.11 -2.55 26.82
N ILE E 121 0.59 -3.14 27.90
CA ILE E 121 0.56 -4.58 28.05
C ILE E 121 -0.80 -4.98 28.58
N ALA E 122 -1.46 -5.92 27.89
CA ALA E 122 -2.69 -6.52 28.40
C ALA E 122 -2.39 -7.83 29.12
N ALA E 123 -3.01 -8.02 30.27
CA ALA E 123 -2.98 -9.28 31.02
C ALA E 123 -4.35 -9.93 30.90
N VAL E 124 -4.41 -11.03 30.16
CA VAL E 124 -5.71 -11.63 29.83
C VAL E 124 -5.90 -12.99 30.51
N GLN E 125 -6.91 -13.08 31.39
CA GLN E 125 -7.34 -14.35 32.03
C GLN E 125 -8.69 -14.78 31.50
N GLY E 126 -8.96 -16.08 31.57
CA GLY E 126 -10.26 -16.58 31.22
C GLY E 126 -10.73 -16.17 29.85
N ARG E 127 -12.02 -15.90 29.73
CA ARG E 127 -12.64 -15.64 28.43
C ARG E 127 -12.42 -14.19 27.97
N CYS E 128 -12.00 -14.06 26.72
CA CYS E 128 -11.93 -12.79 26.00
C CYS E 128 -12.74 -13.02 24.71
N ILE E 129 -13.97 -12.48 24.68
CA ILE E 129 -14.98 -12.81 23.65
C ILE E 129 -15.33 -11.58 22.86
N SER E 130 -15.15 -11.65 21.54
CA SER E 130 -15.65 -10.63 20.59
C SER E 130 -15.18 -9.24 20.97
N GLY E 131 -16.06 -8.40 21.51
CA GLY E 131 -15.62 -7.09 21.97
C GLY E 131 -14.48 -7.03 22.95
N GLY E 132 -14.23 -8.10 23.68
CA GLY E 132 -13.05 -8.17 24.52
C GLY E 132 -11.75 -7.94 23.75
N LEU E 133 -11.73 -8.39 22.50
CA LEU E 133 -10.56 -8.24 21.65
C LEU E 133 -10.24 -6.77 21.32
N LEU E 134 -11.28 -5.93 21.36
CA LEU E 134 -11.11 -4.49 21.13
C LEU E 134 -10.35 -3.83 22.28
N LEU E 135 -10.27 -4.53 23.41
CA LEU E 135 -9.56 -4.00 24.57
C LEU E 135 -8.08 -4.46 24.61
N CYS E 136 -7.81 -5.72 24.30
CA CYS E 136 -6.46 -6.22 24.36
C CYS E 136 -5.66 -6.02 23.05
N TRP E 137 -6.26 -6.16 21.85
CA TRP E 137 -5.50 -5.98 20.62
C TRP E 137 -4.81 -4.64 20.52
N PRO E 138 -5.43 -3.54 21.00
CA PRO E 138 -4.71 -2.26 20.95
C PRO E 138 -3.47 -2.16 21.83
N CYS E 139 -3.33 -3.06 22.80
CA CYS E 139 -2.15 -3.06 23.61
C CYS E 139 -0.98 -3.59 22.78
N ASP E 140 0.24 -3.12 23.07
CA ASP E 140 1.42 -3.59 22.39
C ASP E 140 1.80 -5.05 22.61
N LEU E 141 1.67 -5.53 23.84
CA LEU E 141 2.06 -6.85 24.25
C LEU E 141 0.88 -7.47 24.96
N ILE E 142 0.76 -8.79 24.83
CA ILE E 142 -0.29 -9.53 25.54
C ILE E 142 0.36 -10.67 26.31
N ILE E 143 0.03 -10.74 27.58
CA ILE E 143 0.38 -11.88 28.44
C ILE E 143 -0.93 -12.57 28.82
N ALA E 144 -1.01 -13.88 28.60
CA ALA E 144 -2.24 -14.63 28.83
C ALA E 144 -2.03 -15.71 29.88
N ALA E 145 -3.04 -15.89 30.74
CA ALA E 145 -3.09 -17.08 31.60
C ALA E 145 -3.22 -18.34 30.76
N GLU E 146 -2.73 -19.45 31.27
CA GLU E 146 -2.85 -20.76 30.61
C GLU E 146 -4.27 -21.13 30.25
N ASP E 147 -5.17 -20.64 31.10
N ASP E 147 -5.25 -20.76 31.05
CA ASP E 147 -6.64 -20.82 31.09
CA ASP E 147 -6.62 -21.13 30.74
C ASP E 147 -7.43 -19.95 30.13
C ASP E 147 -7.45 -19.97 30.13
N ALA E 148 -6.76 -19.00 29.50
CA ALA E 148 -7.42 -17.96 28.71
C ALA E 148 -7.98 -18.59 27.43
N LEU E 149 -9.15 -18.08 27.00
CA LEU E 149 -9.83 -18.55 25.78
C LEU E 149 -10.19 -17.30 24.99
N PHE E 150 -9.80 -17.26 23.74
CA PHE E 150 -10.08 -16.14 22.87
C PHE E 150 -11.04 -16.57 21.76
N SER E 151 -12.06 -15.75 21.49
CA SER E 151 -13.03 -16.11 20.44
C SER E 151 -13.68 -14.88 19.86
N ASP E 152 -14.27 -15.02 18.69
CA ASP E 152 -15.16 -14.01 18.14
C ASP E 152 -16.34 -14.69 17.38
N PRO E 153 -17.41 -15.05 18.11
CA PRO E 153 -18.51 -15.82 17.51
C PRO E 153 -19.63 -14.94 16.92
N VAL E 154 -19.31 -13.68 16.57
CA VAL E 154 -20.38 -12.77 16.12
C VAL E 154 -21.01 -13.09 14.79
N VAL E 155 -20.44 -14.00 13.99
CA VAL E 155 -21.13 -14.52 12.78
C VAL E 155 -22.52 -15.07 13.13
N LEU E 156 -22.67 -15.62 14.32
CA LEU E 156 -23.99 -16.10 14.80
C LEU E 156 -25.07 -15.00 14.84
N MET E 157 -24.62 -13.76 15.03
CA MET E 157 -25.46 -12.58 15.08
C MET E 157 -25.54 -11.87 13.74
N ASP E 158 -25.08 -12.51 12.66
CA ASP E 158 -25.09 -12.04 11.29
C ASP E 158 -24.04 -10.99 10.94
N ILE E 159 -22.95 -10.95 11.72
CA ILE E 159 -21.93 -9.95 11.51
C ILE E 159 -20.58 -10.62 11.21
N GLY E 160 -19.84 -10.07 10.25
CA GLY E 160 -18.54 -10.59 9.81
C GLY E 160 -17.36 -10.20 10.71
N GLY E 161 -17.41 -10.62 11.98
CA GLY E 161 -16.36 -10.32 12.94
C GLY E 161 -16.56 -8.95 13.54
N VAL E 162 -15.91 -8.68 14.65
CA VAL E 162 -16.04 -7.45 15.38
C VAL E 162 -15.52 -6.23 14.61
N GLU E 163 -15.77 -5.06 15.20
CA GLU E 163 -15.66 -3.77 14.50
C GLU E 163 -14.22 -3.42 14.11
N TYR E 164 -13.26 -3.95 14.86
CA TYR E 164 -11.84 -3.60 14.75
C TYR E 164 -11.19 -4.91 14.34
N HIS E 165 -10.92 -5.01 13.05
CA HIS E 165 -10.48 -6.29 12.49
C HIS E 165 -8.97 -6.52 12.69
N GLY E 166 -8.56 -6.91 13.89
CA GLY E 166 -7.18 -7.36 14.12
C GLY E 166 -6.99 -8.82 13.72
N HIS E 167 -8.07 -9.55 13.43
CA HIS E 167 -7.99 -10.99 13.29
C HIS E 167 -6.94 -11.45 12.31
N THR E 168 -6.98 -10.94 11.08
CA THR E 168 -6.07 -11.37 10.05
C THR E 168 -4.60 -11.05 10.43
N TRP E 169 -4.41 -9.87 11.03
CA TRP E 169 -3.07 -9.41 11.49
C TRP E 169 -2.50 -10.23 12.61
N GLU E 170 -3.37 -10.67 13.52
CA GLU E 170 -2.97 -11.31 14.78
C GLU E 170 -2.86 -12.82 14.64
N LEU E 171 -3.73 -13.39 13.83
CA LEU E 171 -3.93 -14.85 13.71
C LEU E 171 -3.45 -15.43 12.40
N GLY E 172 -3.31 -14.59 11.37
CA GLY E 172 -3.14 -15.04 9.98
C GLY E 172 -4.52 -15.28 9.36
N PRO E 173 -4.60 -15.20 8.04
CA PRO E 173 -5.91 -15.22 7.43
C PRO E 173 -6.65 -16.54 7.56
N ARG E 174 -5.94 -17.67 7.49
CA ARG E 174 -6.69 -18.96 7.56
C ARG E 174 -7.27 -19.22 8.95
N LYS E 175 -6.51 -18.94 10.02
CA LYS E 175 -7.05 -19.12 11.37
C LYS E 175 -8.18 -18.08 11.64
N ALA E 176 -7.98 -16.84 11.19
CA ALA E 176 -9.04 -15.84 11.30
C ALA E 176 -10.35 -16.33 10.67
N LYS E 177 -10.31 -16.79 9.42
CA LYS E 177 -11.50 -17.33 8.78
C LYS E 177 -12.09 -18.51 9.54
N GLU E 178 -11.24 -19.42 10.00
CA GLU E 178 -11.75 -20.59 10.69
C GLU E 178 -12.51 -20.20 11.95
N ILE E 179 -11.93 -19.31 12.75
CA ILE E 179 -12.60 -18.98 14.00
C ILE E 179 -13.83 -18.09 13.81
N LEU E 180 -13.86 -17.28 12.74
CA LEU E 180 -15.04 -16.53 12.42
C LEU E 180 -16.16 -17.43 11.90
N PHE E 181 -15.80 -18.33 11.00
CA PHE E 181 -16.76 -19.21 10.35
C PHE E 181 -17.39 -20.19 11.35
N THR E 182 -16.61 -20.64 12.34
CA THR E 182 -17.09 -21.63 13.32
C THR E 182 -17.56 -21.05 14.66
N GLY E 183 -17.04 -19.88 15.00
CA GLY E 183 -17.25 -19.34 16.32
C GLY E 183 -16.52 -20.01 17.45
N ARG E 184 -15.54 -20.85 17.13
CA ARG E 184 -14.79 -21.61 18.16
C ARG E 184 -13.83 -20.75 18.94
N ALA E 185 -13.49 -21.23 20.13
CA ALA E 185 -12.51 -20.56 20.97
C ALA E 185 -11.11 -21.11 20.69
N MET E 186 -10.11 -20.28 20.94
CA MET E 186 -8.73 -20.67 20.85
C MET E 186 -8.09 -20.60 22.23
N THR E 187 -7.26 -21.58 22.56
CA THR E 187 -6.53 -21.54 23.82
C THR E 187 -5.40 -20.51 23.79
N ALA E 188 -4.89 -20.16 24.96
CA ALA E 188 -3.71 -19.30 25.10
C ALA E 188 -2.52 -19.81 24.30
N GLU E 189 -2.29 -21.12 24.38
CA GLU E 189 -1.20 -21.79 23.62
C GLU E 189 -1.37 -21.58 22.11
N GLU E 190 -2.59 -21.76 21.64
CA GLU E 190 -2.85 -21.59 20.21
C GLU E 190 -2.58 -20.16 19.72
N VAL E 191 -2.99 -19.15 20.48
CA VAL E 191 -2.76 -17.77 20.05
C VAL E 191 -1.32 -17.36 20.32
N ALA E 192 -0.64 -18.00 21.27
CA ALA E 192 0.81 -17.76 21.39
C ALA E 192 1.57 -18.23 20.14
N GLN E 193 1.10 -19.31 19.53
CA GLN E 193 1.77 -19.87 18.35
CA GLN E 193 1.76 -19.87 18.33
C GLN E 193 1.68 -18.92 17.14
N THR E 194 0.61 -18.13 17.05
CA THR E 194 0.46 -17.18 15.96
C THR E 194 1.19 -15.88 16.20
N GLY E 195 1.65 -15.68 17.43
CA GLY E 195 2.33 -14.44 17.87
C GLY E 195 1.38 -13.42 18.49
N MET E 196 0.07 -13.66 18.47
CA MET E 196 -0.87 -12.75 19.13
C MET E 196 -0.62 -12.57 20.65
N VAL E 197 -0.24 -13.62 21.32
CA VAL E 197 0.11 -13.58 22.75
C VAL E 197 1.64 -13.73 22.85
N ASN E 198 2.25 -12.83 23.58
CA ASN E 198 3.68 -12.85 23.75
C ASN E 198 4.16 -13.98 24.67
N ARG E 199 3.43 -14.19 25.77
CA ARG E 199 3.82 -15.16 26.78
C ARG E 199 2.58 -15.74 27.42
N VAL E 200 2.69 -17.01 27.77
CA VAL E 200 1.63 -17.72 28.50
C VAL E 200 2.20 -18.14 29.86
N VAL E 201 1.49 -17.84 30.93
CA VAL E 201 1.90 -18.17 32.31
C VAL E 201 0.69 -18.76 33.08
N PRO E 202 0.95 -19.50 34.19
CA PRO E 202 -0.15 -19.94 35.03
C PRO E 202 -0.95 -18.77 35.52
N ARG E 203 -2.24 -18.99 35.71
CA ARG E 203 -3.13 -17.93 36.17
C ARG E 203 -2.64 -17.22 37.41
N ASP E 204 -2.15 -17.98 38.40
CA ASP E 204 -1.66 -17.38 39.65
C ASP E 204 -0.37 -16.57 39.51
N ARG E 205 0.25 -16.60 38.33
CA ARG E 205 1.44 -15.80 38.03
C ARG E 205 1.21 -14.63 37.03
N LEU E 206 -0.02 -14.49 36.53
CA LEU E 206 -0.31 -13.51 35.46
C LEU E 206 0.02 -12.11 35.89
N ASP E 207 -0.43 -11.71 37.08
CA ASP E 207 -0.19 -10.37 37.51
C ASP E 207 1.30 -10.14 37.77
N ALA E 208 1.95 -11.09 38.45
CA ALA E 208 3.36 -10.95 38.78
C ALA E 208 4.23 -10.87 37.53
N GLU E 209 3.98 -11.74 36.54
CA GLU E 209 4.74 -11.71 35.29
C GLU E 209 4.55 -10.40 34.54
N THR E 210 3.32 -9.93 34.47
CA THR E 210 3.00 -8.68 33.79
C THR E 210 3.68 -7.51 34.48
N ARG E 211 3.64 -7.47 35.80
CA ARG E 211 4.23 -6.38 36.56
C ARG E 211 5.74 -6.36 36.38
N ALA E 212 6.35 -7.54 36.34
CA ALA E 212 7.81 -7.63 36.18
C ALA E 212 8.24 -7.15 34.80
N LEU E 213 7.50 -7.58 33.79
CA LEU E 213 7.73 -7.14 32.41
C LEU E 213 7.59 -5.62 32.30
N ALA E 214 6.49 -5.10 32.81
CA ALA E 214 6.29 -3.64 32.84
C ALA E 214 7.42 -2.91 33.52
N GLY E 215 7.87 -3.43 34.66
CA GLY E 215 9.00 -2.87 35.38
C GLY E 215 10.29 -2.83 34.59
N GLU E 216 10.56 -3.88 33.81
CA GLU E 216 11.74 -3.91 32.96
C GLU E 216 11.66 -2.78 31.92
N ILE E 217 10.48 -2.63 31.31
CA ILE E 217 10.27 -1.65 30.25
C ILE E 217 10.31 -0.23 30.80
N ALA E 218 9.77 -0.03 32.00
CA ALA E 218 9.71 1.27 32.65
C ALA E 218 11.07 1.89 33.01
N LYS E 219 12.12 1.10 32.96
CA LYS E 219 13.47 1.62 33.15
C LYS E 219 14.04 2.35 31.92
N MET E 220 13.42 2.18 30.75
CA MET E 220 13.96 2.67 29.48
C MET E 220 13.58 4.15 29.17
N PRO E 221 14.39 4.81 28.33
CA PRO E 221 14.14 6.24 28.02
C PRO E 221 12.76 6.36 27.32
N PRO E 222 11.90 7.29 27.77
CA PRO E 222 10.57 7.36 27.17
C PRO E 222 10.55 7.66 25.68
N PHE E 223 11.45 8.52 25.20
CA PHE E 223 11.41 8.84 23.75
C PHE E 223 11.84 7.63 22.90
N ALA E 224 12.75 6.84 23.40
CA ALA E 224 13.15 5.61 22.70
C ALA E 224 12.04 4.57 22.70
N LEU E 225 11.31 4.45 23.81
CA LEU E 225 10.16 3.57 23.83
C LEU E 225 9.12 4.04 22.82
N ARG E 226 8.88 5.34 22.82
CA ARG E 226 7.88 5.92 21.92
C ARG E 226 8.26 5.58 20.47
N GLN E 227 9.51 5.81 20.12
CA GLN E 227 9.91 5.66 18.72
C GLN E 227 10.11 4.16 18.29
N ALA E 228 10.45 3.28 19.24
CA ALA E 228 10.44 1.82 18.98
C ALA E 228 9.01 1.39 18.69
N LYS E 229 8.06 1.89 19.44
CA LYS E 229 6.65 1.59 19.20
C LYS E 229 6.24 2.10 17.84
N ARG E 230 6.67 3.32 17.54
CA ARG E 230 6.32 3.92 16.26
C ARG E 230 6.96 3.13 15.10
N ALA E 231 8.19 2.67 15.26
CA ALA E 231 8.86 1.91 14.21
C ALA E 231 7.98 0.72 13.79
N VAL E 232 7.46 -0.02 14.77
CA VAL E 232 6.68 -1.16 14.47
C VAL E 232 5.29 -0.79 13.97
N ASN E 233 4.63 0.13 14.65
CA ASN E 233 3.29 0.54 14.27
C ASN E 233 3.20 1.25 12.90
N GLN E 234 4.20 2.03 12.57
CA GLN E 234 4.29 2.69 11.28
C GLN E 234 4.62 1.66 10.19
N THR E 235 5.44 0.67 10.50
CA THR E 235 5.63 -0.45 9.56
C THR E 235 4.26 -1.08 9.26
N LEU E 236 3.49 -1.36 10.30
CA LEU E 236 2.13 -1.93 10.14
C LEU E 236 1.21 -1.01 9.29
N ASP E 237 1.23 0.30 9.51
CA ASP E 237 0.40 1.25 8.74
C ASP E 237 0.86 1.33 7.27
N VAL E 238 2.16 1.27 7.01
CA VAL E 238 2.69 1.19 5.60
C VAL E 238 2.23 -0.13 4.96
N GLN E 239 2.17 -1.18 5.77
CA GLN E 239 1.66 -2.48 5.30
C GLN E 239 0.16 -2.42 5.02
N GLY E 240 -0.56 -1.47 5.58
CA GLY E 240 -1.95 -1.26 5.27
C GLY E 240 -2.88 -1.33 6.48
N PHE E 241 -2.32 -1.37 7.69
CA PHE E 241 -3.12 -1.59 8.89
C PHE E 241 -4.27 -0.57 9.05
N TYR E 242 -3.93 0.72 9.11
CA TYR E 242 -4.98 1.72 9.24
C TYR E 242 -6.06 1.59 8.15
N ALA E 243 -5.65 1.53 6.90
CA ALA E 243 -6.60 1.42 5.78
C ALA E 243 -7.44 0.15 5.84
N ALA E 244 -6.83 -0.96 6.27
CA ALA E 244 -7.56 -2.23 6.38
C ALA E 244 -8.59 -2.17 7.48
N ILE E 245 -8.20 -1.62 8.61
CA ILE E 245 -9.13 -1.47 9.72
C ILE E 245 -10.34 -0.65 9.29
N GLN E 246 -10.10 0.47 8.61
CA GLN E 246 -11.21 1.28 8.11
C GLN E 246 -12.10 0.52 7.11
N SER E 247 -11.46 -0.25 6.21
CA SER E 247 -12.19 -1.04 5.21
CA SER E 247 -12.18 -1.09 5.22
C SER E 247 -13.12 -2.06 5.91
N VAL E 248 -12.59 -2.79 6.87
CA VAL E 248 -13.39 -3.81 7.53
C VAL E 248 -14.49 -3.20 8.39
N PHE E 249 -14.30 -1.99 8.93
CA PHE E 249 -15.40 -1.39 9.68
C PHE E 249 -16.67 -1.28 8.78
N ASP E 250 -16.49 -0.90 7.51
CA ASP E 250 -17.64 -0.85 6.62
C ASP E 250 -18.23 -2.24 6.35
N ILE E 251 -17.36 -3.22 6.18
CA ILE E 251 -17.85 -4.61 5.99
C ILE E 251 -18.73 -5.02 7.19
N HIS E 252 -18.21 -4.77 8.39
CA HIS E 252 -18.95 -4.98 9.65
C HIS E 252 -20.33 -4.32 9.61
N GLN E 253 -20.35 -3.05 9.20
CA GLN E 253 -21.60 -2.30 9.15
C GLN E 253 -22.62 -2.84 8.14
N THR E 254 -22.16 -3.46 7.04
CA THR E 254 -23.09 -4.12 6.16
C THR E 254 -23.82 -5.27 6.87
N GLY E 255 -23.18 -5.88 7.86
CA GLY E 255 -23.82 -6.89 8.69
C GLY E 255 -24.95 -6.33 9.49
N HIS E 256 -24.72 -5.20 10.15
CA HIS E 256 -25.81 -4.48 10.82
C HIS E 256 -26.91 -4.12 9.84
N GLY E 257 -26.54 -3.61 8.66
CA GLY E 257 -27.54 -3.20 7.67
C GLY E 257 -28.39 -4.39 7.23
N ASN E 258 -27.78 -5.54 7.05
CA ASN E 258 -28.55 -6.74 6.69
C ASN E 258 -29.44 -7.24 7.84
N ALA E 259 -28.91 -7.28 9.05
CA ALA E 259 -29.70 -7.72 10.21
C ALA E 259 -30.93 -6.82 10.37
N MET E 260 -30.76 -5.51 10.19
CA MET E 260 -31.90 -4.59 10.28
C MET E 260 -32.93 -4.81 9.17
N SER E 261 -32.46 -5.13 7.95
CA SER E 261 -33.34 -5.39 6.82
C SER E 261 -34.16 -6.69 7.04
N VAL E 262 -33.61 -7.63 7.80
CA VAL E 262 -34.27 -8.91 8.06
C VAL E 262 -35.25 -8.77 9.23
N SER E 263 -34.82 -8.12 10.32
CA SER E 263 -35.57 -8.14 11.60
C SER E 263 -35.90 -6.78 12.26
N GLY E 264 -35.36 -5.69 11.71
CA GLY E 264 -35.49 -4.36 12.29
C GLY E 264 -34.50 -4.07 13.44
N TRP E 265 -33.62 -5.02 13.71
CA TRP E 265 -32.67 -4.96 14.81
C TRP E 265 -31.26 -5.16 14.28
N PRO E 266 -30.22 -4.54 14.89
CA PRO E 266 -28.83 -4.56 14.39
C PRO E 266 -28.12 -5.92 14.42
N VAL E 267 -28.64 -6.87 15.20
CA VAL E 267 -28.05 -8.21 15.34
C VAL E 267 -29.20 -9.26 15.24
N LEU E 268 -28.93 -10.42 14.64
CA LEU E 268 -29.86 -11.53 14.64
C LEU E 268 -29.98 -12.10 16.06
N ARG F 17 44.72 -6.36 -4.21
CA ARG F 17 43.77 -5.64 -3.31
C ARG F 17 44.29 -5.80 -1.87
N THR F 18 43.94 -4.86 -1.01
CA THR F 18 44.25 -4.98 0.45
C THR F 18 43.12 -5.71 1.16
N GLU F 19 43.44 -6.72 1.95
CA GLU F 19 42.43 -7.43 2.75
C GLU F 19 42.75 -7.16 4.21
N MET F 20 41.75 -6.77 4.97
CA MET F 20 42.01 -6.34 6.34
C MET F 20 41.06 -7.09 7.25
N TYR F 21 39.75 -6.94 7.02
CA TYR F 21 38.74 -7.47 7.95
C TYR F 21 37.86 -8.60 7.36
N ILE F 22 37.97 -8.83 6.06
CA ILE F 22 37.04 -9.74 5.35
C ILE F 22 37.87 -10.79 4.60
N ASP F 23 37.57 -12.07 4.80
CA ASP F 23 38.13 -13.13 3.97
CA ASP F 23 38.13 -13.12 3.97
C ASP F 23 37.12 -13.49 2.89
N TYR F 24 37.61 -13.84 1.71
CA TYR F 24 36.74 -14.10 0.56
C TYR F 24 37.29 -15.29 -0.19
N ASP F 25 36.43 -16.29 -0.45
CA ASP F 25 36.86 -17.52 -1.14
C ASP F 25 35.77 -17.87 -2.15
N VAL F 26 36.16 -18.25 -3.36
CA VAL F 26 35.21 -18.80 -4.31
C VAL F 26 35.65 -20.23 -4.64
N SER F 27 34.76 -21.17 -4.42
CA SER F 27 34.97 -22.54 -4.90
C SER F 27 33.64 -23.27 -5.05
N ASP F 28 33.58 -24.18 -6.02
CA ASP F 28 32.38 -24.97 -6.25
C ASP F 28 31.12 -24.07 -6.41
N ARG F 29 31.27 -22.94 -7.08
CA ARG F 29 30.20 -21.95 -7.37
C ARG F 29 29.65 -21.25 -6.11
N ILE F 30 30.39 -21.32 -5.01
CA ILE F 30 29.96 -20.67 -3.75
C ILE F 30 31.01 -19.62 -3.44
N ALA F 31 30.58 -18.37 -3.18
CA ALA F 31 31.45 -17.33 -2.63
C ALA F 31 31.21 -17.31 -1.15
N THR F 32 32.25 -17.58 -0.37
CA THR F 32 32.15 -17.51 1.07
C THR F 32 32.83 -16.22 1.56
N ILE F 33 32.02 -15.38 2.18
CA ILE F 33 32.45 -14.10 2.72
C ILE F 33 32.52 -14.26 4.24
N THR F 34 33.72 -14.11 4.81
CA THR F 34 33.92 -14.28 6.22
C THR F 34 34.27 -12.97 6.94
N LEU F 35 33.50 -12.62 7.97
CA LEU F 35 33.85 -11.55 8.90
C LEU F 35 35.02 -12.02 9.74
N ASN F 36 36.17 -11.36 9.58
CA ASN F 36 37.40 -11.79 10.22
C ASN F 36 37.96 -10.70 11.13
N ARG F 37 37.13 -10.23 12.05
CA ARG F 37 37.56 -9.35 13.13
C ARG F 37 37.18 -9.93 14.51
N PRO F 38 37.60 -11.17 14.79
CA PRO F 38 37.11 -11.84 16.00
C PRO F 38 37.65 -11.20 17.29
N GLU F 39 38.81 -10.58 17.19
CA GLU F 39 39.36 -9.83 18.33
C GLU F 39 38.40 -8.73 18.86
N ALA F 40 37.50 -8.24 18.02
CA ALA F 40 36.52 -7.24 18.39
C ALA F 40 35.09 -7.81 18.32
N ALA F 41 34.96 -9.14 18.34
CA ALA F 41 33.66 -9.82 18.17
C ALA F 41 32.95 -9.34 16.91
N ASN F 42 33.73 -9.10 15.86
CA ASN F 42 33.21 -8.65 14.57
C ASN F 42 32.40 -7.38 14.65
N ALA F 43 32.78 -6.52 15.58
CA ALA F 43 32.23 -5.17 15.61
C ALA F 43 32.56 -4.51 14.29
N GLN F 44 31.60 -3.72 13.79
CA GLN F 44 31.69 -3.18 12.44
C GLN F 44 32.07 -1.70 12.43
N ASN F 45 33.28 -1.39 11.98
CA ASN F 45 33.66 0.00 11.74
C ASN F 45 33.42 0.33 10.26
N PRO F 46 33.53 1.61 9.90
CA PRO F 46 33.25 1.92 8.48
C PRO F 46 34.09 1.17 7.45
N GLU F 47 35.39 0.96 7.74
CA GLU F 47 36.24 0.23 6.83
C GLU F 47 35.75 -1.21 6.67
N LEU F 48 35.41 -1.89 7.78
CA LEU F 48 34.89 -3.25 7.65
C LEU F 48 33.68 -3.29 6.72
N LEU F 49 32.76 -2.35 6.91
CA LEU F 49 31.53 -2.33 6.10
C LEU F 49 31.82 -2.02 4.62
N ASP F 50 32.76 -1.12 4.36
CA ASP F 50 33.20 -0.88 2.97
C ASP F 50 33.80 -2.14 2.34
N GLU F 51 34.59 -2.87 3.11
CA GLU F 51 35.24 -4.07 2.63
C GLU F 51 34.20 -5.19 2.39
N LEU F 52 33.24 -5.27 3.30
CA LEU F 52 32.16 -6.26 3.19
C LEU F 52 31.32 -5.95 1.96
N ASP F 53 30.98 -4.67 1.77
CA ASP F 53 30.24 -4.28 0.56
C ASP F 53 30.97 -4.65 -0.73
N ALA F 54 32.29 -4.45 -0.74
CA ALA F 54 33.09 -4.81 -1.90
C ALA F 54 33.03 -6.31 -2.19
N ALA F 55 33.04 -7.13 -1.13
CA ALA F 55 32.97 -8.58 -1.22
C ALA F 55 31.61 -9.01 -1.82
N TRP F 56 30.51 -8.42 -1.35
CA TRP F 56 29.20 -8.70 -1.93
C TRP F 56 29.17 -8.37 -3.40
N THR F 57 29.75 -7.23 -3.76
CA THR F 57 29.81 -6.82 -5.16
C THR F 57 30.64 -7.79 -5.99
N ARG F 58 31.76 -8.22 -5.43
CA ARG F 58 32.65 -9.16 -6.14
C ARG F 58 31.89 -10.45 -6.47
N ALA F 59 31.15 -10.95 -5.47
CA ALA F 59 30.37 -12.19 -5.63
C ALA F 59 29.22 -12.02 -6.61
N ALA F 60 28.55 -10.90 -6.49
CA ALA F 60 27.44 -10.54 -7.40
C ALA F 60 27.89 -10.51 -8.86
N GLU F 61 29.07 -9.98 -9.10
CA GLU F 61 29.58 -9.80 -10.47
C GLU F 61 30.30 -11.00 -11.04
N ASP F 62 30.59 -12.01 -10.22
CA ASP F 62 31.38 -13.16 -10.67
C ASP F 62 30.45 -14.21 -11.25
N ASN F 63 30.49 -14.43 -12.58
CA ASN F 63 29.66 -15.48 -13.20
C ASN F 63 29.97 -16.90 -12.76
N ASP F 64 31.12 -17.13 -12.16
CA ASP F 64 31.40 -18.44 -11.56
C ASP F 64 30.78 -18.62 -10.15
N VAL F 65 30.03 -17.64 -9.65
CA VAL F 65 29.40 -17.76 -8.31
C VAL F 65 27.93 -17.90 -8.53
N SER F 66 27.33 -18.93 -7.94
CA SER F 66 25.85 -19.10 -7.95
C SER F 66 25.19 -18.78 -6.60
N VAL F 67 25.93 -18.98 -5.50
CA VAL F 67 25.39 -18.76 -4.14
C VAL F 67 26.45 -18.07 -3.28
N ILE F 68 25.97 -17.22 -2.39
CA ILE F 68 26.80 -16.47 -1.47
C ILE F 68 26.53 -16.99 -0.06
N VAL F 69 27.60 -17.28 0.65
CA VAL F 69 27.54 -17.62 2.06
C VAL F 69 28.24 -16.52 2.88
N LEU F 70 27.54 -15.99 3.89
CA LEU F 70 28.11 -15.01 4.83
C LEU F 70 28.28 -15.71 6.18
N ARG F 71 29.51 -15.72 6.67
CA ARG F 71 29.85 -16.33 7.95
C ARG F 71 30.84 -15.45 8.70
N ALA F 72 31.23 -15.89 9.89
CA ALA F 72 32.04 -15.06 10.79
C ALA F 72 32.97 -15.96 11.61
N ASN F 73 34.23 -15.51 11.75
CA ASN F 73 35.20 -16.20 12.60
C ASN F 73 35.01 -15.90 14.07
N GLY F 74 35.35 -16.89 14.90
CA GLY F 74 35.29 -16.74 16.34
C GLY F 74 33.98 -17.13 16.99
N LYS F 75 33.82 -16.67 18.22
CA LYS F 75 32.70 -17.11 19.04
C LYS F 75 31.37 -16.45 18.66
N HIS F 76 31.45 -15.24 18.10
CA HIS F 76 30.29 -14.37 17.90
C HIS F 76 30.20 -13.87 16.49
N PHE F 77 28.99 -13.96 15.92
CA PHE F 77 28.73 -13.45 14.60
C PHE F 77 29.04 -11.95 14.46
N SER F 78 28.40 -11.12 15.28
CA SER F 78 28.73 -9.66 15.33
C SER F 78 28.10 -8.98 16.53
N ALA F 79 28.95 -8.27 17.26
CA ALA F 79 28.54 -7.44 18.39
C ALA F 79 27.87 -6.14 17.94
N GLY F 80 27.84 -5.88 16.63
CA GLY F 80 27.18 -4.68 16.06
C GLY F 80 28.14 -3.60 15.62
N HIS F 81 27.65 -2.37 15.62
CA HIS F 81 28.44 -1.25 15.11
C HIS F 81 29.47 -0.82 16.13
N ASP F 82 30.67 -0.50 15.65
CA ASP F 82 31.83 -0.20 16.52
C ASP F 82 31.62 1.22 17.03
N LEU F 83 31.50 1.38 18.35
CA LEU F 83 31.29 2.69 18.99
C LEU F 83 32.53 3.59 18.88
N ARG F 84 33.71 3.01 19.10
CA ARG F 84 34.97 3.72 18.95
C ARG F 84 35.49 3.49 17.54
N GLY F 85 34.81 4.10 16.57
CA GLY F 85 35.14 4.00 15.14
C GLY F 85 34.26 4.94 14.33
N PRO F 90 34.21 15.39 13.28
CA PRO F 90 33.96 16.79 12.90
C PRO F 90 33.83 17.72 14.12
N ASP F 91 34.39 18.93 14.03
CA ASP F 91 34.40 19.89 15.15
C ASP F 91 33.00 20.12 15.74
N LYS F 92 32.03 20.38 14.84
CA LYS F 92 30.62 20.47 15.23
C LYS F 92 29.85 19.28 14.59
N LEU F 93 29.45 18.31 15.41
CA LEU F 93 28.71 17.14 14.94
C LEU F 93 27.24 17.48 14.76
N THR F 94 26.69 17.18 13.58
CA THR F 94 25.33 17.61 13.25
C THR F 94 24.50 16.38 12.88
N LEU F 95 23.19 16.47 13.02
CA LEU F 95 22.35 15.37 12.58
C LEU F 95 22.52 15.09 11.08
N GLU F 96 22.73 16.14 10.28
CA GLU F 96 22.91 15.97 8.83
C GLU F 96 24.06 14.97 8.53
N PHE F 97 25.14 15.12 9.28
CA PHE F 97 26.34 14.31 9.13
C PHE F 97 26.06 12.86 9.50
N ILE F 98 25.39 12.65 10.64
CA ILE F 98 25.05 11.29 11.08
C ILE F 98 24.07 10.64 10.08
N TYR F 99 23.07 11.43 9.66
CA TYR F 99 22.07 10.95 8.70
C TYR F 99 22.74 10.50 7.39
N ALA F 100 23.64 11.34 6.85
CA ALA F 100 24.31 11.02 5.61
C ALA F 100 25.13 9.75 5.75
N HIS F 101 25.94 9.64 6.80
CA HIS F 101 26.82 8.49 6.90
CA HIS F 101 26.84 8.45 7.01
C HIS F 101 26.05 7.20 7.17
N GLU F 102 25.03 7.25 8.00
CA GLU F 102 24.25 6.05 8.30
C GLU F 102 23.41 5.68 7.10
N SER F 103 22.94 6.66 6.32
CA SER F 103 22.14 6.33 5.15
C SER F 103 22.95 5.51 4.14
N ARG F 104 24.24 5.76 4.07
CA ARG F 104 25.11 5.06 3.14
C ARG F 104 25.51 3.69 3.68
N ARG F 105 26.21 3.66 4.81
CA ARG F 105 26.83 2.37 5.20
C ARG F 105 25.92 1.40 5.96
N TYR F 106 24.82 1.90 6.51
CA TYR F 106 23.90 1.05 7.20
C TYR F 106 22.74 0.76 6.22
N LEU F 107 21.97 1.75 5.88
CA LEU F 107 20.74 1.52 5.09
C LEU F 107 21.00 1.10 3.63
N GLU F 108 21.75 1.91 2.88
CA GLU F 108 21.96 1.65 1.46
C GLU F 108 22.73 0.34 1.23
N TYR F 109 23.76 0.10 2.05
CA TYR F 109 24.53 -1.13 1.92
C TYR F 109 23.65 -2.34 2.15
N SER F 110 22.88 -2.32 3.24
CA SER F 110 22.08 -3.48 3.61
C SER F 110 21.01 -3.74 2.54
N LEU F 111 20.39 -2.68 2.00
CA LEU F 111 19.42 -2.87 0.90
C LEU F 111 20.07 -3.41 -0.37
N ARG F 112 21.27 -2.94 -0.70
CA ARG F 112 21.98 -3.42 -1.84
C ARG F 112 22.26 -4.92 -1.71
N TRP F 113 22.69 -5.36 -0.52
CA TRP F 113 22.94 -6.81 -0.35
C TRP F 113 21.66 -7.64 -0.47
N ARG F 114 20.59 -7.12 0.13
CA ARG F 114 19.27 -7.72 0.05
C ARG F 114 18.89 -8.02 -1.40
N ASN F 115 19.22 -7.10 -2.31
CA ASN F 115 18.80 -7.16 -3.70
C ASN F 115 19.76 -7.86 -4.65
N VAL F 116 20.92 -8.33 -4.16
CA VAL F 116 21.83 -9.03 -5.04
C VAL F 116 21.09 -10.23 -5.65
N PRO F 117 21.13 -10.41 -6.99
CA PRO F 117 20.24 -11.38 -7.64
C PRO F 117 20.75 -12.81 -7.66
N LYS F 118 21.33 -13.27 -6.56
CA LYS F 118 21.80 -14.63 -6.35
C LYS F 118 21.38 -15.01 -4.93
N PRO F 119 21.14 -16.32 -4.65
CA PRO F 119 20.81 -16.73 -3.30
C PRO F 119 21.94 -16.46 -2.33
N SER F 120 21.59 -16.04 -1.11
CA SER F 120 22.57 -15.82 -0.05
C SER F 120 22.10 -16.45 1.24
N ILE F 121 23.07 -16.94 1.99
CA ILE F 121 22.80 -17.63 3.23
C ILE F 121 23.72 -17.08 4.31
N ALA F 122 23.17 -16.65 5.44
CA ALA F 122 23.97 -16.28 6.62
C ALA F 122 24.07 -17.46 7.59
N ALA F 123 25.28 -17.70 8.10
CA ALA F 123 25.58 -18.67 9.16
C ALA F 123 25.87 -17.89 10.43
N VAL F 124 24.97 -17.98 11.40
CA VAL F 124 25.05 -17.14 12.59
C VAL F 124 25.33 -17.97 13.84
N GLN F 125 26.47 -17.69 14.47
CA GLN F 125 26.84 -18.29 15.75
C GLN F 125 26.90 -17.26 16.87
N GLY F 126 26.73 -17.71 18.11
CA GLY F 126 26.86 -16.82 19.26
C GLY F 126 26.06 -15.52 19.16
N ARG F 127 26.64 -14.40 19.63
CA ARG F 127 25.89 -13.15 19.67
C ARG F 127 25.77 -12.48 18.32
N CYS F 128 24.54 -12.04 18.04
CA CYS F 128 24.24 -11.21 16.89
C CYS F 128 23.41 -10.08 17.50
N ILE F 129 24.08 -8.95 17.71
CA ILE F 129 23.50 -7.80 18.45
C ILE F 129 23.35 -6.60 17.55
N SER F 130 22.17 -6.01 17.55
CA SER F 130 21.87 -4.74 16.93
C SER F 130 22.38 -4.62 15.48
N GLY F 131 23.43 -3.86 15.24
CA GLY F 131 23.98 -3.80 13.87
C GLY F 131 24.34 -5.15 13.24
N GLY F 132 24.62 -6.18 14.03
CA GLY F 132 24.76 -7.54 13.49
C GLY F 132 23.58 -7.99 12.59
N LEU F 133 22.40 -7.54 12.97
CA LEU F 133 21.17 -7.87 12.23
C LEU F 133 21.19 -7.28 10.83
N LEU F 134 21.90 -6.17 10.65
CA LEU F 134 22.04 -5.55 9.32
C LEU F 134 22.92 -6.37 8.39
N LEU F 135 23.66 -7.34 8.94
CA LEU F 135 24.47 -8.22 8.11
C LEU F 135 23.72 -9.49 7.71
N CYS F 136 22.93 -10.08 8.62
CA CYS F 136 22.27 -11.33 8.32
C CYS F 136 20.88 -11.13 7.72
N TRP F 137 20.10 -10.13 8.16
CA TRP F 137 18.76 -9.94 7.56
C TRP F 137 18.74 -9.80 6.06
N PRO F 138 19.73 -9.11 5.46
CA PRO F 138 19.74 -9.01 3.97
C PRO F 138 19.93 -10.34 3.22
N CYS F 139 20.46 -11.35 3.93
CA CYS F 139 20.60 -12.67 3.33
C CYS F 139 19.22 -13.32 3.17
N ASP F 140 19.10 -14.16 2.17
CA ASP F 140 17.88 -14.85 1.88
C ASP F 140 17.48 -15.84 2.96
N LEU F 141 18.44 -16.66 3.37
CA LEU F 141 18.26 -17.71 4.36
C LEU F 141 19.22 -17.47 5.52
N ILE F 142 18.77 -17.85 6.71
CA ILE F 142 19.63 -17.82 7.91
C ILE F 142 19.69 -19.20 8.57
N ILE F 143 20.91 -19.71 8.77
CA ILE F 143 21.16 -20.93 9.54
C ILE F 143 21.82 -20.47 10.84
N ALA F 144 21.28 -20.87 11.99
CA ALA F 144 21.81 -20.45 13.28
C ALA F 144 22.32 -21.64 14.07
N ALA F 145 23.46 -21.44 14.71
CA ALA F 145 23.88 -22.36 15.75
C ALA F 145 22.91 -22.39 16.91
N GLU F 146 22.83 -23.53 17.61
CA GLU F 146 21.94 -23.72 18.77
C GLU F 146 22.23 -22.67 19.85
N ASP F 147 23.45 -22.18 19.88
CA ASP F 147 23.99 -21.22 20.83
C ASP F 147 23.79 -19.74 20.46
N ALA F 148 23.18 -19.47 19.33
CA ALA F 148 23.08 -18.09 18.81
C ALA F 148 22.08 -17.32 19.67
N LEU F 149 22.40 -16.05 19.89
CA LEU F 149 21.57 -15.15 20.68
C LEU F 149 21.40 -13.87 19.89
N PHE F 150 20.17 -13.52 19.60
CA PHE F 150 19.83 -12.37 18.76
C PHE F 150 19.19 -11.29 19.61
N SER F 151 19.63 -10.04 19.45
CA SER F 151 19.05 -8.95 20.27
C SER F 151 19.23 -7.61 19.57
N ASP F 152 18.43 -6.63 19.98
CA ASP F 152 18.66 -5.25 19.60
C ASP F 152 18.32 -4.36 20.79
N PRO F 153 19.29 -4.15 21.70
CA PRO F 153 19.07 -3.33 22.89
C PRO F 153 19.31 -1.83 22.74
N VAL F 154 19.19 -1.28 21.54
CA VAL F 154 19.54 0.16 21.34
C VAL F 154 18.58 1.14 21.97
N VAL F 155 17.40 0.69 22.44
CA VAL F 155 16.50 1.60 23.20
C VAL F 155 17.24 2.18 24.40
N LEU F 156 18.11 1.38 25.01
CA LEU F 156 18.99 1.86 26.10
C LEU F 156 19.82 3.09 25.73
N MET F 157 20.17 3.23 24.46
CA MET F 157 20.93 4.36 23.94
C MET F 157 20.05 5.46 23.34
N ASP F 158 18.76 5.40 23.60
CA ASP F 158 17.77 6.39 23.16
CA ASP F 158 17.77 6.40 23.17
C ASP F 158 17.33 6.29 21.71
N ILE F 159 17.46 5.11 21.12
CA ILE F 159 17.14 4.94 19.73
C ILE F 159 16.08 3.85 19.55
N GLY F 160 15.12 4.05 18.65
CA GLY F 160 14.04 3.12 18.47
C GLY F 160 14.34 1.93 17.55
N GLY F 161 15.33 1.12 17.89
CA GLY F 161 15.73 0.01 17.03
C GLY F 161 16.78 0.47 16.04
N VAL F 162 17.51 -0.48 15.45
CA VAL F 162 18.56 -0.15 14.47
C VAL F 162 17.98 0.42 13.17
N GLU F 163 18.90 0.82 12.29
CA GLU F 163 18.57 1.68 11.14
C GLU F 163 17.75 1.00 10.06
N TYR F 164 17.83 -0.32 9.98
CA TYR F 164 17.18 -1.15 8.96
C TYR F 164 16.19 -1.99 9.74
N HIS F 165 14.93 -1.58 9.67
CA HIS F 165 13.89 -2.17 10.50
C HIS F 165 13.34 -3.45 9.89
N GLY F 166 14.09 -4.53 10.04
CA GLY F 166 13.63 -5.87 9.69
C GLY F 166 12.72 -6.46 10.77
N HIS F 167 12.76 -5.87 11.98
CA HIS F 167 12.21 -6.52 13.15
C HIS F 167 10.78 -6.98 12.94
N THR F 168 9.92 -6.08 12.50
CA THR F 168 8.51 -6.38 12.36
C THR F 168 8.26 -7.48 11.33
N TRP F 169 8.99 -7.40 10.22
CA TRP F 169 8.87 -8.37 9.12
C TRP F 169 9.36 -9.74 9.53
N GLU F 170 10.40 -9.77 10.35
CA GLU F 170 11.11 -11.01 10.70
C GLU F 170 10.50 -11.73 11.91
N LEU F 171 10.03 -10.94 12.87
CA LEU F 171 9.58 -11.42 14.17
C LEU F 171 8.06 -11.32 14.41
N GLY F 172 7.39 -10.53 13.58
CA GLY F 172 6.03 -10.07 13.87
C GLY F 172 6.07 -8.86 14.81
N PRO F 173 5.00 -8.07 14.85
CA PRO F 173 5.04 -6.81 15.61
C PRO F 173 5.11 -6.99 17.12
N ARG F 174 4.42 -7.99 17.65
CA ARG F 174 4.38 -8.12 19.12
C ARG F 174 5.75 -8.54 19.64
N LYS F 175 6.40 -9.50 18.96
CA LYS F 175 7.75 -9.93 19.40
C LYS F 175 8.77 -8.79 19.17
N ALA F 176 8.62 -8.07 18.05
CA ALA F 176 9.48 -6.95 17.76
C ALA F 176 9.44 -5.91 18.88
N LYS F 177 8.22 -5.56 19.30
CA LYS F 177 8.06 -4.54 20.34
C LYS F 177 8.64 -5.10 21.63
N GLU F 178 8.34 -6.36 21.92
CA GLU F 178 8.83 -6.94 23.21
C GLU F 178 10.34 -6.82 23.31
N ILE F 179 11.04 -7.26 22.27
CA ILE F 179 12.51 -7.28 22.34
C ILE F 179 13.13 -5.88 22.23
N LEU F 180 12.46 -4.95 21.54
CA LEU F 180 12.93 -3.56 21.51
C LEU F 180 12.70 -2.86 22.89
N PHE F 181 11.52 -3.09 23.47
CA PHE F 181 11.14 -2.44 24.71
C PHE F 181 12.03 -2.94 25.89
N THR F 182 12.45 -4.20 25.83
CA THR F 182 13.18 -4.82 26.95
C THR F 182 14.66 -4.91 26.71
N GLY F 183 15.08 -4.94 25.44
CA GLY F 183 16.46 -5.21 25.08
C GLY F 183 16.89 -6.67 25.31
N ARG F 184 15.93 -7.58 25.52
CA ARG F 184 16.30 -8.96 25.78
C ARG F 184 16.80 -9.70 24.56
N ALA F 185 17.48 -10.82 24.83
CA ALA F 185 17.96 -11.67 23.74
C ALA F 185 16.94 -12.76 23.46
N MET F 186 16.94 -13.26 22.23
CA MET F 186 16.19 -14.42 21.78
C MET F 186 17.14 -15.55 21.38
N THR F 187 16.83 -16.75 21.83
CA THR F 187 17.59 -17.93 21.38
C THR F 187 17.27 -18.25 19.91
N ALA F 188 18.16 -19.03 19.31
CA ALA F 188 17.99 -19.54 17.96
C ALA F 188 16.64 -20.24 17.81
N GLU F 189 16.25 -21.03 18.81
CA GLU F 189 14.98 -21.77 18.74
C GLU F 189 13.82 -20.77 18.70
N GLU F 190 13.90 -19.73 19.52
CA GLU F 190 12.85 -18.72 19.53
C GLU F 190 12.68 -18.01 18.19
N VAL F 191 13.79 -17.60 17.56
CA VAL F 191 13.69 -16.93 16.27
C VAL F 191 13.36 -17.91 15.17
N ALA F 192 13.72 -19.19 15.28
CA ALA F 192 13.27 -20.15 14.29
C ALA F 192 11.71 -20.26 14.28
N GLN F 193 11.08 -20.10 15.45
CA GLN F 193 9.61 -20.19 15.55
CA GLN F 193 9.62 -20.21 15.53
C GLN F 193 8.90 -19.07 14.78
N THR F 194 9.55 -17.91 14.64
CA THR F 194 8.96 -16.78 13.91
C THR F 194 9.24 -16.87 12.41
N GLY F 195 10.18 -17.73 12.03
CA GLY F 195 10.59 -17.90 10.65
C GLY F 195 11.83 -17.11 10.26
N MET F 196 12.32 -16.27 11.17
CA MET F 196 13.50 -15.46 10.91
C MET F 196 14.73 -16.35 10.63
N VAL F 197 14.83 -17.46 11.35
CA VAL F 197 15.89 -18.46 11.14
C VAL F 197 15.24 -19.67 10.42
N ASN F 198 15.90 -20.13 9.34
CA ASN F 198 15.40 -21.26 8.58
C ASN F 198 15.66 -22.59 9.29
N ARG F 199 16.81 -22.72 9.96
CA ARG F 199 17.21 -24.00 10.53
C ARG F 199 18.19 -23.71 11.66
N VAL F 200 18.06 -24.45 12.75
CA VAL F 200 18.97 -24.39 13.89
C VAL F 200 19.77 -25.69 13.89
N VAL F 201 21.09 -25.57 14.02
CA VAL F 201 21.99 -26.70 13.91
C VAL F 201 23.03 -26.59 15.04
N PRO F 202 23.67 -27.71 15.36
CA PRO F 202 24.71 -27.64 16.40
C PRO F 202 25.85 -26.72 15.98
N ARG F 203 26.46 -26.03 16.95
CA ARG F 203 27.51 -25.07 16.68
C ARG F 203 28.64 -25.68 15.87
N ASP F 204 29.04 -26.90 16.24
CA ASP F 204 30.18 -27.49 15.56
C ASP F 204 29.90 -27.99 14.13
N ARG F 205 28.64 -27.97 13.68
CA ARG F 205 28.26 -28.32 12.33
C ARG F 205 27.76 -27.15 11.51
N LEU F 206 27.76 -25.95 12.09
CA LEU F 206 27.18 -24.79 11.40
C LEU F 206 27.78 -24.57 9.99
N ASP F 207 29.12 -24.53 9.89
CA ASP F 207 29.77 -24.33 8.61
C ASP F 207 29.47 -25.44 7.59
N ALA F 208 29.51 -26.70 8.03
CA ALA F 208 29.23 -27.83 7.12
C ALA F 208 27.82 -27.82 6.64
N GLU F 209 26.85 -27.61 7.55
CA GLU F 209 25.45 -27.57 7.14
C GLU F 209 25.17 -26.46 6.17
N THR F 210 25.75 -25.28 6.43
CA THR F 210 25.58 -24.14 5.54
C THR F 210 26.14 -24.39 4.15
N ARG F 211 27.35 -24.93 4.09
CA ARG F 211 27.96 -25.18 2.81
C ARG F 211 27.20 -26.27 2.05
N ALA F 212 26.67 -27.25 2.76
CA ALA F 212 25.91 -28.33 2.11
C ALA F 212 24.64 -27.78 1.46
N LEU F 213 23.96 -26.90 2.17
CA LEU F 213 22.79 -26.23 1.65
C LEU F 213 23.15 -25.35 0.45
N ALA F 214 24.22 -24.57 0.56
CA ALA F 214 24.70 -23.74 -0.56
C ALA F 214 24.98 -24.59 -1.79
N GLY F 215 25.61 -25.73 -1.57
CA GLY F 215 25.90 -26.67 -2.67
C GLY F 215 24.69 -27.22 -3.37
N GLU F 216 23.66 -27.53 -2.60
CA GLU F 216 22.42 -28.03 -3.16
CA GLU F 216 22.34 -27.98 -3.11
C GLU F 216 21.77 -26.94 -4.04
N ILE F 217 21.75 -25.71 -3.54
CA ILE F 217 21.16 -24.61 -4.27
C ILE F 217 21.97 -24.25 -5.52
N ALA F 218 23.28 -24.38 -5.43
CA ALA F 218 24.18 -24.00 -6.54
C ALA F 218 24.06 -24.97 -7.75
N LYS F 219 23.35 -26.06 -7.58
CA LYS F 219 22.99 -26.93 -8.72
C LYS F 219 21.88 -26.38 -9.63
N MET F 220 21.12 -25.39 -9.16
CA MET F 220 19.95 -24.91 -9.86
C MET F 220 20.31 -23.88 -10.91
N PRO F 221 19.43 -23.72 -11.93
CA PRO F 221 19.69 -22.70 -12.94
C PRO F 221 19.67 -21.29 -12.35
N PRO F 222 20.70 -20.49 -12.64
CA PRO F 222 20.81 -19.15 -12.09
C PRO F 222 19.64 -18.23 -12.37
N PHE F 223 19.04 -18.26 -13.56
CA PHE F 223 17.95 -17.31 -13.79
C PHE F 223 16.70 -17.71 -12.99
N ALA F 224 16.47 -19.01 -12.83
CA ALA F 224 15.33 -19.52 -12.05
C ALA F 224 15.51 -19.13 -10.58
N LEU F 225 16.74 -19.25 -10.07
CA LEU F 225 17.06 -18.76 -8.69
C LEU F 225 16.84 -17.28 -8.55
N ARG F 226 17.33 -16.51 -9.53
CA ARG F 226 17.16 -15.06 -9.51
C ARG F 226 15.64 -14.73 -9.44
N GLN F 227 14.85 -15.38 -10.28
CA GLN F 227 13.45 -14.99 -10.35
C GLN F 227 12.60 -15.56 -9.20
N ALA F 228 13.01 -16.69 -8.60
CA ALA F 228 12.40 -17.15 -7.34
C ALA F 228 12.66 -16.13 -6.24
N LYS F 229 13.90 -15.66 -6.17
CA LYS F 229 14.26 -14.63 -5.19
C LYS F 229 13.44 -13.35 -5.45
N ARG F 230 13.35 -12.95 -6.72
CA ARG F 230 12.58 -11.78 -7.06
C ARG F 230 11.11 -11.94 -6.68
N ALA F 231 10.52 -13.10 -7.00
CA ALA F 231 9.13 -13.35 -6.66
C ALA F 231 8.84 -13.01 -5.19
N VAL F 232 9.69 -13.53 -4.29
CA VAL F 232 9.46 -13.27 -2.86
C VAL F 232 9.74 -11.81 -2.47
N ASN F 233 10.88 -11.31 -2.91
CA ASN F 233 11.32 -9.95 -2.55
C ASN F 233 10.37 -8.88 -3.13
N GLN F 234 9.87 -9.09 -4.32
CA GLN F 234 8.91 -8.17 -4.92
C GLN F 234 7.55 -8.26 -4.21
N THR F 235 7.13 -9.46 -3.81
CA THR F 235 5.95 -9.59 -2.97
C THR F 235 6.11 -8.73 -1.68
N LEU F 236 7.27 -8.83 -1.02
CA LEU F 236 7.57 -8.01 0.16
C LEU F 236 7.57 -6.52 -0.13
N ASP F 237 8.11 -6.12 -1.27
CA ASP F 237 8.06 -4.69 -1.62
C ASP F 237 6.63 -4.18 -1.96
N VAL F 238 5.82 -5.01 -2.63
CA VAL F 238 4.39 -4.70 -2.80
C VAL F 238 3.67 -4.57 -1.46
N GLN F 239 4.00 -5.46 -0.53
CA GLN F 239 3.51 -5.39 0.86
C GLN F 239 3.97 -4.14 1.59
N GLY F 240 5.00 -3.47 1.12
CA GLY F 240 5.47 -2.22 1.72
C GLY F 240 6.88 -2.25 2.28
N PHE F 241 7.65 -3.29 2.01
CA PHE F 241 8.95 -3.42 2.63
C PHE F 241 9.89 -2.24 2.37
N TYR F 242 10.16 -1.91 1.10
CA TYR F 242 11.02 -0.77 0.79
C TYR F 242 10.53 0.51 1.48
N ALA F 243 9.26 0.83 1.31
CA ALA F 243 8.68 2.07 1.87
C ALA F 243 8.77 2.07 3.42
N ALA F 244 8.55 0.94 4.06
CA ALA F 244 8.58 0.85 5.52
C ALA F 244 9.99 1.00 6.05
N ILE F 245 10.94 0.38 5.36
CA ILE F 245 12.36 0.52 5.75
C ILE F 245 12.80 2.00 5.67
N GLN F 246 12.41 2.69 4.62
CA GLN F 246 12.71 4.10 4.50
C GLN F 246 12.04 4.92 5.62
N SER F 247 10.79 4.60 5.93
CA SER F 247 10.06 5.29 6.99
CA SER F 247 10.03 5.26 7.01
C SER F 247 10.76 5.16 8.33
N VAL F 248 11.16 3.93 8.68
CA VAL F 248 11.73 3.70 9.99
C VAL F 248 13.12 4.31 10.10
N PHE F 249 13.82 4.42 8.99
CA PHE F 249 15.12 5.10 9.01
C PHE F 249 14.98 6.51 9.57
N ASP F 250 13.97 7.26 9.13
CA ASP F 250 13.74 8.57 9.69
C ASP F 250 13.35 8.53 11.19
N ILE F 251 12.53 7.55 11.57
CA ILE F 251 12.21 7.37 13.01
C ILE F 251 13.51 7.16 13.83
N HIS F 252 14.38 6.29 13.34
CA HIS F 252 15.69 6.05 13.94
C HIS F 252 16.47 7.34 14.08
N GLN F 253 16.48 8.14 13.03
CA GLN F 253 17.19 9.40 13.05
C GLN F 253 16.62 10.42 14.05
N THR F 254 15.31 10.40 14.31
CA THR F 254 14.77 11.27 15.36
C THR F 254 15.37 10.88 16.73
N GLY F 255 15.78 9.62 16.87
CA GLY F 255 16.45 9.19 18.12
C GLY F 255 17.78 9.85 18.27
N HIS F 256 18.53 9.84 17.20
CA HIS F 256 19.81 10.56 17.19
C HIS F 256 19.61 12.03 17.45
N GLY F 257 18.60 12.62 16.79
CA GLY F 257 18.30 14.02 16.99
C GLY F 257 18.00 14.34 18.44
N ASN F 258 17.22 13.49 19.07
CA ASN F 258 16.93 13.73 20.46
C ASN F 258 18.13 13.55 21.38
N ALA F 259 18.91 12.50 21.15
CA ALA F 259 20.11 12.22 21.99
C ALA F 259 21.08 13.37 21.91
N MET F 260 21.23 13.95 20.72
CA MET F 260 22.11 15.13 20.55
C MET F 260 21.55 16.36 21.27
N SER F 261 20.23 16.55 21.25
CA SER F 261 19.62 17.69 21.94
C SER F 261 19.76 17.57 23.45
N VAL F 262 19.87 16.33 23.95
CA VAL F 262 19.99 16.08 25.40
C VAL F 262 21.45 16.23 25.87
N SER F 263 22.40 15.65 25.10
CA SER F 263 23.82 15.50 25.52
C SER F 263 24.88 16.02 24.55
N GLY F 264 24.50 16.33 23.30
CA GLY F 264 25.47 16.67 22.23
C GLY F 264 26.08 15.50 21.45
N TRP F 265 25.89 14.26 21.92
CA TRP F 265 26.34 13.03 21.21
C TRP F 265 25.14 12.26 20.69
N PRO F 266 25.32 11.45 19.61
CA PRO F 266 24.16 10.83 18.89
C PRO F 266 23.47 9.67 19.61
N VAL F 267 24.04 9.21 20.73
CA VAL F 267 23.45 8.13 21.54
C VAL F 267 23.65 8.51 23.02
N LEU F 268 22.67 8.15 23.87
CA LEU F 268 22.66 8.46 25.30
C LEU F 268 23.68 7.62 26.08
#